data_3OR5
# 
_entry.id   3OR5 
# 
_audit_conform.dict_name       mmcif_pdbx.dic 
_audit_conform.dict_version    5.399 
_audit_conform.dict_location   http://mmcif.pdb.org/dictionaries/ascii/mmcif_pdbx.dic 
# 
loop_
_database_2.database_id 
_database_2.database_code 
_database_2.pdbx_database_accession 
_database_2.pdbx_DOI 
PDB   3OR5         pdb_00003or5 10.2210/pdb3or5/pdb 
RCSB  RCSB061469   ?            ?                   
WWPDB D_1000061469 ?            ?                   
# 
loop_
_pdbx_audit_revision_history.ordinal 
_pdbx_audit_revision_history.data_content_type 
_pdbx_audit_revision_history.major_revision 
_pdbx_audit_revision_history.minor_revision 
_pdbx_audit_revision_history.revision_date 
1 'Structure model' 1 0 2010-09-22 
2 'Structure model' 1 1 2011-07-13 
3 'Structure model' 1 2 2021-02-10 
4 'Structure model' 1 3 2024-11-20 
# 
_pdbx_audit_revision_details.ordinal             1 
_pdbx_audit_revision_details.revision_ordinal    1 
_pdbx_audit_revision_details.data_content_type   'Structure model' 
_pdbx_audit_revision_details.provider            repository 
_pdbx_audit_revision_details.type                'Initial release' 
_pdbx_audit_revision_details.description         ? 
_pdbx_audit_revision_details.details             ? 
# 
loop_
_pdbx_audit_revision_group.ordinal 
_pdbx_audit_revision_group.revision_ordinal 
_pdbx_audit_revision_group.data_content_type 
_pdbx_audit_revision_group.group 
1 2 'Structure model' 'Version format compliance' 
2 3 'Structure model' 'Database references'       
3 3 'Structure model' 'Derived calculations'      
4 3 'Structure model' 'Structure summary'         
5 4 'Structure model' 'Data collection'           
6 4 'Structure model' 'Database references'       
7 4 'Structure model' 'Structure summary'         
# 
loop_
_pdbx_audit_revision_category.ordinal 
_pdbx_audit_revision_category.revision_ordinal 
_pdbx_audit_revision_category.data_content_type 
_pdbx_audit_revision_category.category 
1 3 'Structure model' audit_author              
2 3 'Structure model' citation_author           
3 3 'Structure model' struct_conn               
4 3 'Structure model' struct_ref_seq_dif        
5 4 'Structure model' chem_comp_atom            
6 4 'Structure model' chem_comp_bond            
7 4 'Structure model' database_2                
8 4 'Structure model' pdbx_entry_details        
9 4 'Structure model' pdbx_modification_feature 
# 
loop_
_pdbx_audit_revision_item.ordinal 
_pdbx_audit_revision_item.revision_ordinal 
_pdbx_audit_revision_item.data_content_type 
_pdbx_audit_revision_item.item 
1 3 'Structure model' '_audit_author.identifier_ORCID'      
2 3 'Structure model' '_citation_author.identifier_ORCID'   
3 3 'Structure model' '_struct_conn.pdbx_leaving_atom_flag' 
4 3 'Structure model' '_struct_ref_seq_dif.details'         
5 4 'Structure model' '_database_2.pdbx_DOI'                
6 4 'Structure model' '_database_2.pdbx_database_accession' 
# 
_pdbx_database_status.status_code                     REL 
_pdbx_database_status.entry_id                        3OR5 
_pdbx_database_status.recvd_initial_deposition_date   2010-09-06 
_pdbx_database_status.deposit_site                    RCSB 
_pdbx_database_status.process_site                    RCSB 
_pdbx_database_status.status_code_sf                  REL 
_pdbx_database_status.status_code_mr                  ? 
_pdbx_database_status.SG_entry                        Y 
_pdbx_database_status.pdb_format_compatible           Y 
_pdbx_database_status.status_code_cs                  ? 
_pdbx_database_status.status_code_nmr_data            ? 
_pdbx_database_status.methods_development_category    ? 
# 
_pdbx_database_related.db_name        TargetDB 
_pdbx_database_related.db_id          NYSGXRC-11210i 
_pdbx_database_related.details        . 
_pdbx_database_related.content_type   unspecified 
# 
loop_
_audit_author.name 
_audit_author.pdbx_ordinal 
_audit_author.identifier_ORCID 
'Bagaria, A.'                                                    1 ?                   
'Burley, S.K.'                                                   2 0000-0002-2487-9713 
'Swaminathan, S.'                                                3 ?                   
'New York SGX Research Center for Structural Genomics (NYSGXRC)' 4 ?                   
# 
_citation.id                        primary 
_citation.title                     
'Crystal structure of thiol:disulfide interchange protein, thioredoxin family protein from Chlorobium tepidum TLS' 
_citation.journal_abbrev            'TO BE PUBLISHED' 
_citation.journal_volume            ? 
_citation.page_first                ? 
_citation.page_last                 ? 
_citation.year                      ? 
_citation.journal_id_ASTM           ? 
_citation.country                   ? 
_citation.journal_id_ISSN           ? 
_citation.journal_id_CSD            0353 
_citation.book_publisher            ? 
_citation.pdbx_database_id_PubMed   ? 
_citation.pdbx_database_id_DOI      ? 
# 
loop_
_citation_author.citation_id 
_citation_author.name 
_citation_author.ordinal 
_citation_author.identifier_ORCID 
primary 'Bagaria, A.'     1 ?                   
primary 'Burley, S.K.'    2 0000-0002-2487-9713 
primary 'Swaminathan, S.' 3 ?                   
# 
loop_
_entity.id 
_entity.type 
_entity.src_method 
_entity.pdbx_description 
_entity.formula_weight 
_entity.pdbx_number_of_molecules 
_entity.pdbx_ec 
_entity.pdbx_mutation 
_entity.pdbx_fragment 
_entity.details 
1 polymer man 'Thiol:disulfide interchange protein, thioredoxin family protein' 18037.754 1   ? ? 
'sequence database residues 25-178' ? 
2 water   nat water                                                             18.015    123 ? ? ? ? 
# 
_entity_poly.entity_id                      1 
_entity_poly.type                           'polypeptide(L)' 
_entity_poly.nstd_linkage                   no 
_entity_poly.nstd_monomer                   yes 
_entity_poly.pdbx_seq_one_letter_code       
;(MSE)SLSAQADARPTPAPSFSGVTVDGKPFSSASLKGKAYIVNFFATWCPPCRSEIPD(MSE)VQVQKTWASRGFTFVG
IAVNEQLPNVKNY(MSE)KTQGIIYPV(MSE)(MSE)ATPELIRAFNGYIDGGITGIPTSFVIDASGNVSGVIVGPRSKA
DFDRIVK(MSE)ALGAKAATKEGHHHHHH
;
_entity_poly.pdbx_seq_one_letter_code_can   
;MSLSAQADARPTPAPSFSGVTVDGKPFSSASLKGKAYIVNFFATWCPPCRSEIPDMVQVQKTWASRGFTFVGIAVNEQLP
NVKNYMKTQGIIYPVMMATPELIRAFNGYIDGGITGIPTSFVIDASGNVSGVIVGPRSKADFDRIVKMALGAKAATKEGH
HHHHH
;
_entity_poly.pdbx_strand_id                 A 
_entity_poly.pdbx_target_identifier         NYSGXRC-11210i 
# 
_pdbx_entity_nonpoly.entity_id   2 
_pdbx_entity_nonpoly.name        water 
_pdbx_entity_nonpoly.comp_id     HOH 
# 
loop_
_entity_poly_seq.entity_id 
_entity_poly_seq.num 
_entity_poly_seq.mon_id 
_entity_poly_seq.hetero 
1 1   MSE n 
1 2   SER n 
1 3   LEU n 
1 4   SER n 
1 5   ALA n 
1 6   GLN n 
1 7   ALA n 
1 8   ASP n 
1 9   ALA n 
1 10  ARG n 
1 11  PRO n 
1 12  THR n 
1 13  PRO n 
1 14  ALA n 
1 15  PRO n 
1 16  SER n 
1 17  PHE n 
1 18  SER n 
1 19  GLY n 
1 20  VAL n 
1 21  THR n 
1 22  VAL n 
1 23  ASP n 
1 24  GLY n 
1 25  LYS n 
1 26  PRO n 
1 27  PHE n 
1 28  SER n 
1 29  SER n 
1 30  ALA n 
1 31  SER n 
1 32  LEU n 
1 33  LYS n 
1 34  GLY n 
1 35  LYS n 
1 36  ALA n 
1 37  TYR n 
1 38  ILE n 
1 39  VAL n 
1 40  ASN n 
1 41  PHE n 
1 42  PHE n 
1 43  ALA n 
1 44  THR n 
1 45  TRP n 
1 46  CYS n 
1 47  PRO n 
1 48  PRO n 
1 49  CYS n 
1 50  ARG n 
1 51  SER n 
1 52  GLU n 
1 53  ILE n 
1 54  PRO n 
1 55  ASP n 
1 56  MSE n 
1 57  VAL n 
1 58  GLN n 
1 59  VAL n 
1 60  GLN n 
1 61  LYS n 
1 62  THR n 
1 63  TRP n 
1 64  ALA n 
1 65  SER n 
1 66  ARG n 
1 67  GLY n 
1 68  PHE n 
1 69  THR n 
1 70  PHE n 
1 71  VAL n 
1 72  GLY n 
1 73  ILE n 
1 74  ALA n 
1 75  VAL n 
1 76  ASN n 
1 77  GLU n 
1 78  GLN n 
1 79  LEU n 
1 80  PRO n 
1 81  ASN n 
1 82  VAL n 
1 83  LYS n 
1 84  ASN n 
1 85  TYR n 
1 86  MSE n 
1 87  LYS n 
1 88  THR n 
1 89  GLN n 
1 90  GLY n 
1 91  ILE n 
1 92  ILE n 
1 93  TYR n 
1 94  PRO n 
1 95  VAL n 
1 96  MSE n 
1 97  MSE n 
1 98  ALA n 
1 99  THR n 
1 100 PRO n 
1 101 GLU n 
1 102 LEU n 
1 103 ILE n 
1 104 ARG n 
1 105 ALA n 
1 106 PHE n 
1 107 ASN n 
1 108 GLY n 
1 109 TYR n 
1 110 ILE n 
1 111 ASP n 
1 112 GLY n 
1 113 GLY n 
1 114 ILE n 
1 115 THR n 
1 116 GLY n 
1 117 ILE n 
1 118 PRO n 
1 119 THR n 
1 120 SER n 
1 121 PHE n 
1 122 VAL n 
1 123 ILE n 
1 124 ASP n 
1 125 ALA n 
1 126 SER n 
1 127 GLY n 
1 128 ASN n 
1 129 VAL n 
1 130 SER n 
1 131 GLY n 
1 132 VAL n 
1 133 ILE n 
1 134 VAL n 
1 135 GLY n 
1 136 PRO n 
1 137 ARG n 
1 138 SER n 
1 139 LYS n 
1 140 ALA n 
1 141 ASP n 
1 142 PHE n 
1 143 ASP n 
1 144 ARG n 
1 145 ILE n 
1 146 VAL n 
1 147 LYS n 
1 148 MSE n 
1 149 ALA n 
1 150 LEU n 
1 151 GLY n 
1 152 ALA n 
1 153 LYS n 
1 154 ALA n 
1 155 ALA n 
1 156 THR n 
1 157 LYS n 
1 158 GLU n 
1 159 GLY n 
1 160 HIS n 
1 161 HIS n 
1 162 HIS n 
1 163 HIS n 
1 164 HIS n 
1 165 HIS n 
# 
_entity_src_gen.entity_id                          1 
_entity_src_gen.pdbx_src_id                        1 
_entity_src_gen.pdbx_alt_source_flag               sample 
_entity_src_gen.pdbx_seq_type                      ? 
_entity_src_gen.pdbx_beg_seq_num                   ? 
_entity_src_gen.pdbx_end_seq_num                   ? 
_entity_src_gen.gene_src_common_name               ? 
_entity_src_gen.gene_src_genus                     ? 
_entity_src_gen.pdbx_gene_src_gene                 CT2233 
_entity_src_gen.gene_src_species                   ? 
_entity_src_gen.gene_src_strain                    TLS 
_entity_src_gen.gene_src_tissue                    ? 
_entity_src_gen.gene_src_tissue_fraction           ? 
_entity_src_gen.gene_src_details                   ? 
_entity_src_gen.pdbx_gene_src_fragment             ? 
_entity_src_gen.pdbx_gene_src_scientific_name      'Chlorobaculum tepidum' 
_entity_src_gen.pdbx_gene_src_ncbi_taxonomy_id     1097 
_entity_src_gen.pdbx_gene_src_variant              ? 
_entity_src_gen.pdbx_gene_src_cell_line            ? 
_entity_src_gen.pdbx_gene_src_atcc                 ? 
_entity_src_gen.pdbx_gene_src_organ                ? 
_entity_src_gen.pdbx_gene_src_organelle            ? 
_entity_src_gen.pdbx_gene_src_cell                 ? 
_entity_src_gen.pdbx_gene_src_cellular_location    ? 
_entity_src_gen.host_org_common_name               ? 
_entity_src_gen.pdbx_host_org_scientific_name      'Escherichia coli' 
_entity_src_gen.pdbx_host_org_ncbi_taxonomy_id     562 
_entity_src_gen.host_org_genus                     ? 
_entity_src_gen.pdbx_host_org_gene                 ? 
_entity_src_gen.pdbx_host_org_organ                ? 
_entity_src_gen.host_org_species                   ? 
_entity_src_gen.pdbx_host_org_tissue               ? 
_entity_src_gen.pdbx_host_org_tissue_fraction      ? 
_entity_src_gen.pdbx_host_org_strain               ? 
_entity_src_gen.pdbx_host_org_variant              ? 
_entity_src_gen.pdbx_host_org_cell_line            ? 
_entity_src_gen.pdbx_host_org_atcc                 ? 
_entity_src_gen.pdbx_host_org_culture_collection   ? 
_entity_src_gen.pdbx_host_org_cell                 ? 
_entity_src_gen.pdbx_host_org_organelle            ? 
_entity_src_gen.pdbx_host_org_cellular_location    ? 
_entity_src_gen.pdbx_host_org_vector_type          Plasmid 
_entity_src_gen.pdbx_host_org_vector               ? 
_entity_src_gen.host_org_details                   ? 
_entity_src_gen.expression_system_id               ? 
_entity_src_gen.plasmid_name                       'pSGX3(BC)' 
_entity_src_gen.plasmid_details                    ? 
_entity_src_gen.pdbx_description                   ? 
# 
loop_
_chem_comp.id 
_chem_comp.type 
_chem_comp.mon_nstd_flag 
_chem_comp.name 
_chem_comp.pdbx_synonyms 
_chem_comp.formula 
_chem_comp.formula_weight 
ALA 'L-peptide linking' y ALANINE          ? 'C3 H7 N O2'     89.093  
ARG 'L-peptide linking' y ARGININE         ? 'C6 H15 N4 O2 1' 175.209 
ASN 'L-peptide linking' y ASPARAGINE       ? 'C4 H8 N2 O3'    132.118 
ASP 'L-peptide linking' y 'ASPARTIC ACID'  ? 'C4 H7 N O4'     133.103 
CYS 'L-peptide linking' y CYSTEINE         ? 'C3 H7 N O2 S'   121.158 
GLN 'L-peptide linking' y GLUTAMINE        ? 'C5 H10 N2 O3'   146.144 
GLU 'L-peptide linking' y 'GLUTAMIC ACID'  ? 'C5 H9 N O4'     147.129 
GLY 'peptide linking'   y GLYCINE          ? 'C2 H5 N O2'     75.067  
HIS 'L-peptide linking' y HISTIDINE        ? 'C6 H10 N3 O2 1' 156.162 
HOH non-polymer         . WATER            ? 'H2 O'           18.015  
ILE 'L-peptide linking' y ISOLEUCINE       ? 'C6 H13 N O2'    131.173 
LEU 'L-peptide linking' y LEUCINE          ? 'C6 H13 N O2'    131.173 
LYS 'L-peptide linking' y LYSINE           ? 'C6 H15 N2 O2 1' 147.195 
MSE 'L-peptide linking' n SELENOMETHIONINE ? 'C5 H11 N O2 Se' 196.106 
PHE 'L-peptide linking' y PHENYLALANINE    ? 'C9 H11 N O2'    165.189 
PRO 'L-peptide linking' y PROLINE          ? 'C5 H9 N O2'     115.130 
SER 'L-peptide linking' y SERINE           ? 'C3 H7 N O3'     105.093 
THR 'L-peptide linking' y THREONINE        ? 'C4 H9 N O3'     119.119 
TRP 'L-peptide linking' y TRYPTOPHAN       ? 'C11 H12 N2 O2'  204.225 
TYR 'L-peptide linking' y TYROSINE         ? 'C9 H11 N O3'    181.189 
VAL 'L-peptide linking' y VALINE           ? 'C5 H11 N O2'    117.146 
# 
loop_
_pdbx_poly_seq_scheme.asym_id 
_pdbx_poly_seq_scheme.entity_id 
_pdbx_poly_seq_scheme.seq_id 
_pdbx_poly_seq_scheme.mon_id 
_pdbx_poly_seq_scheme.ndb_seq_num 
_pdbx_poly_seq_scheme.pdb_seq_num 
_pdbx_poly_seq_scheme.auth_seq_num 
_pdbx_poly_seq_scheme.pdb_mon_id 
_pdbx_poly_seq_scheme.auth_mon_id 
_pdbx_poly_seq_scheme.pdb_strand_id 
_pdbx_poly_seq_scheme.pdb_ins_code 
_pdbx_poly_seq_scheme.hetero 
A 1 1   MSE 1   22  ?   ?   ?   A . n 
A 1 2   SER 2   23  ?   ?   ?   A . n 
A 1 3   LEU 3   24  ?   ?   ?   A . n 
A 1 4   SER 4   25  ?   ?   ?   A . n 
A 1 5   ALA 5   26  ?   ?   ?   A . n 
A 1 6   GLN 6   27  ?   ?   ?   A . n 
A 1 7   ALA 7   28  28  ALA ALA A . n 
A 1 8   ASP 8   29  29  ASP ASP A . n 
A 1 9   ALA 9   30  30  ALA ALA A . n 
A 1 10  ARG 10  31  31  ARG ARG A . n 
A 1 11  PRO 11  32  32  PRO PRO A . n 
A 1 12  THR 12  33  33  THR THR A . n 
A 1 13  PRO 13  34  34  PRO PRO A . n 
A 1 14  ALA 14  35  35  ALA ALA A . n 
A 1 15  PRO 15  36  36  PRO PRO A . n 
A 1 16  SER 16  37  37  SER SER A . n 
A 1 17  PHE 17  38  38  PHE PHE A . n 
A 1 18  SER 18  39  39  SER SER A . n 
A 1 19  GLY 19  40  40  GLY GLY A . n 
A 1 20  VAL 20  41  41  VAL VAL A . n 
A 1 21  THR 21  42  42  THR THR A . n 
A 1 22  VAL 22  43  43  VAL VAL A . n 
A 1 23  ASP 23  44  44  ASP ASP A . n 
A 1 24  GLY 24  45  45  GLY GLY A . n 
A 1 25  LYS 25  46  46  LYS LYS A . n 
A 1 26  PRO 26  47  47  PRO PRO A . n 
A 1 27  PHE 27  48  48  PHE PHE A . n 
A 1 28  SER 28  49  49  SER SER A . n 
A 1 29  SER 29  50  50  SER SER A . n 
A 1 30  ALA 30  51  51  ALA ALA A . n 
A 1 31  SER 31  52  52  SER SER A . n 
A 1 32  LEU 32  53  53  LEU LEU A . n 
A 1 33  LYS 33  54  54  LYS LYS A . n 
A 1 34  GLY 34  55  55  GLY GLY A . n 
A 1 35  LYS 35  56  56  LYS LYS A . n 
A 1 36  ALA 36  57  57  ALA ALA A . n 
A 1 37  TYR 37  58  58  TYR TYR A . n 
A 1 38  ILE 38  59  59  ILE ILE A . n 
A 1 39  VAL 39  60  60  VAL VAL A . n 
A 1 40  ASN 40  61  61  ASN ASN A . n 
A 1 41  PHE 41  62  62  PHE PHE A . n 
A 1 42  PHE 42  63  63  PHE PHE A . n 
A 1 43  ALA 43  64  64  ALA ALA A . n 
A 1 44  THR 44  65  65  THR THR A . n 
A 1 45  TRP 45  66  66  TRP TRP A . n 
A 1 46  CYS 46  67  67  CYS CYS A . n 
A 1 47  PRO 47  68  68  PRO PRO A . n 
A 1 48  PRO 48  69  69  PRO PRO A . n 
A 1 49  CYS 49  70  70  CYS CYS A . n 
A 1 50  ARG 50  71  71  ARG ARG A . n 
A 1 51  SER 51  72  72  SER SER A . n 
A 1 52  GLU 52  73  73  GLU GLU A . n 
A 1 53  ILE 53  74  74  ILE ILE A . n 
A 1 54  PRO 54  75  75  PRO PRO A . n 
A 1 55  ASP 55  76  76  ASP ASP A . n 
A 1 56  MSE 56  77  77  MSE MSE A . n 
A 1 57  VAL 57  78  78  VAL VAL A . n 
A 1 58  GLN 58  79  79  GLN GLN A . n 
A 1 59  VAL 59  80  80  VAL VAL A . n 
A 1 60  GLN 60  81  81  GLN GLN A . n 
A 1 61  LYS 61  82  82  LYS LYS A . n 
A 1 62  THR 62  83  83  THR THR A . n 
A 1 63  TRP 63  84  84  TRP TRP A . n 
A 1 64  ALA 64  85  85  ALA ALA A . n 
A 1 65  SER 65  86  86  SER SER A . n 
A 1 66  ARG 66  87  87  ARG ARG A . n 
A 1 67  GLY 67  88  88  GLY GLY A . n 
A 1 68  PHE 68  89  89  PHE PHE A . n 
A 1 69  THR 69  90  90  THR THR A . n 
A 1 70  PHE 70  91  91  PHE PHE A . n 
A 1 71  VAL 71  92  92  VAL VAL A . n 
A 1 72  GLY 72  93  93  GLY GLY A . n 
A 1 73  ILE 73  94  94  ILE ILE A . n 
A 1 74  ALA 74  95  95  ALA ALA A . n 
A 1 75  VAL 75  96  96  VAL VAL A . n 
A 1 76  ASN 76  97  97  ASN ASN A . n 
A 1 77  GLU 77  98  98  GLU GLU A . n 
A 1 78  GLN 78  99  99  GLN GLN A . n 
A 1 79  LEU 79  100 100 LEU LEU A . n 
A 1 80  PRO 80  101 101 PRO PRO A . n 
A 1 81  ASN 81  102 102 ASN ASN A . n 
A 1 82  VAL 82  103 103 VAL VAL A . n 
A 1 83  LYS 83  104 104 LYS LYS A . n 
A 1 84  ASN 84  105 105 ASN ASN A . n 
A 1 85  TYR 85  106 106 TYR TYR A . n 
A 1 86  MSE 86  107 107 MSE MSE A . n 
A 1 87  LYS 87  108 108 LYS LYS A . n 
A 1 88  THR 88  109 109 THR THR A . n 
A 1 89  GLN 89  110 110 GLN GLN A . n 
A 1 90  GLY 90  111 111 GLY GLY A . n 
A 1 91  ILE 91  112 112 ILE ILE A . n 
A 1 92  ILE 92  113 113 ILE ILE A . n 
A 1 93  TYR 93  114 114 TYR TYR A . n 
A 1 94  PRO 94  115 115 PRO PRO A . n 
A 1 95  VAL 95  116 116 VAL VAL A . n 
A 1 96  MSE 96  117 117 MSE MSE A . n 
A 1 97  MSE 97  118 118 MSE MSE A . n 
A 1 98  ALA 98  119 119 ALA ALA A . n 
A 1 99  THR 99  120 120 THR THR A . n 
A 1 100 PRO 100 121 121 PRO PRO A . n 
A 1 101 GLU 101 122 122 GLU GLU A . n 
A 1 102 LEU 102 123 123 LEU LEU A . n 
A 1 103 ILE 103 124 124 ILE ILE A . n 
A 1 104 ARG 104 125 125 ARG ARG A . n 
A 1 105 ALA 105 126 126 ALA ALA A . n 
A 1 106 PHE 106 127 127 PHE PHE A . n 
A 1 107 ASN 107 128 128 ASN ASN A . n 
A 1 108 GLY 108 129 129 GLY GLY A . n 
A 1 109 TYR 109 130 130 TYR TYR A . n 
A 1 110 ILE 110 131 131 ILE ILE A . n 
A 1 111 ASP 111 132 132 ASP ASP A . n 
A 1 112 GLY 112 133 133 GLY GLY A . n 
A 1 113 GLY 113 134 134 GLY GLY A . n 
A 1 114 ILE 114 135 135 ILE ILE A . n 
A 1 115 THR 115 136 136 THR THR A . n 
A 1 116 GLY 116 137 137 GLY GLY A . n 
A 1 117 ILE 117 138 138 ILE ILE A . n 
A 1 118 PRO 118 139 139 PRO PRO A . n 
A 1 119 THR 119 140 140 THR THR A . n 
A 1 120 SER 120 141 141 SER SER A . n 
A 1 121 PHE 121 142 142 PHE PHE A . n 
A 1 122 VAL 122 143 143 VAL VAL A . n 
A 1 123 ILE 123 144 144 ILE ILE A . n 
A 1 124 ASP 124 145 145 ASP ASP A . n 
A 1 125 ALA 125 146 146 ALA ALA A . n 
A 1 126 SER 126 147 147 SER SER A . n 
A 1 127 GLY 127 148 148 GLY GLY A . n 
A 1 128 ASN 128 149 149 ASN ASN A . n 
A 1 129 VAL 129 150 150 VAL VAL A . n 
A 1 130 SER 130 151 151 SER SER A . n 
A 1 131 GLY 131 152 152 GLY GLY A . n 
A 1 132 VAL 132 153 153 VAL VAL A . n 
A 1 133 ILE 133 154 154 ILE ILE A . n 
A 1 134 VAL 134 155 155 VAL VAL A . n 
A 1 135 GLY 135 156 156 GLY GLY A . n 
A 1 136 PRO 136 157 157 PRO PRO A . n 
A 1 137 ARG 137 158 158 ARG ARG A . n 
A 1 138 SER 138 159 159 SER SER A . n 
A 1 139 LYS 139 160 160 LYS LYS A . n 
A 1 140 ALA 140 161 161 ALA ALA A . n 
A 1 141 ASP 141 162 162 ASP ASP A . n 
A 1 142 PHE 142 163 163 PHE PHE A . n 
A 1 143 ASP 143 164 164 ASP ASP A . n 
A 1 144 ARG 144 165 165 ARG ARG A . n 
A 1 145 ILE 145 166 166 ILE ILE A . n 
A 1 146 VAL 146 167 167 VAL VAL A . n 
A 1 147 LYS 147 168 168 LYS LYS A . n 
A 1 148 MSE 148 169 169 MSE MSE A . n 
A 1 149 ALA 149 170 170 ALA ALA A . n 
A 1 150 LEU 150 171 171 LEU LEU A . n 
A 1 151 GLY 151 172 172 GLY GLY A . n 
A 1 152 ALA 152 173 ?   ?   ?   A . n 
A 1 153 LYS 153 174 ?   ?   ?   A . n 
A 1 154 ALA 154 175 ?   ?   ?   A . n 
A 1 155 ALA 155 176 ?   ?   ?   A . n 
A 1 156 THR 156 177 ?   ?   ?   A . n 
A 1 157 LYS 157 178 ?   ?   ?   A . n 
A 1 158 GLU 158 179 ?   ?   ?   A . n 
A 1 159 GLY 159 180 ?   ?   ?   A . n 
A 1 160 HIS 160 181 ?   ?   ?   A . n 
A 1 161 HIS 161 182 ?   ?   ?   A . n 
A 1 162 HIS 162 183 ?   ?   ?   A . n 
A 1 163 HIS 163 184 ?   ?   ?   A . n 
A 1 164 HIS 164 185 ?   ?   ?   A . n 
A 1 165 HIS 165 186 ?   ?   ?   A . n 
# 
loop_
_pdbx_nonpoly_scheme.asym_id 
_pdbx_nonpoly_scheme.entity_id 
_pdbx_nonpoly_scheme.mon_id 
_pdbx_nonpoly_scheme.ndb_seq_num 
_pdbx_nonpoly_scheme.pdb_seq_num 
_pdbx_nonpoly_scheme.auth_seq_num 
_pdbx_nonpoly_scheme.pdb_mon_id 
_pdbx_nonpoly_scheme.auth_mon_id 
_pdbx_nonpoly_scheme.pdb_strand_id 
_pdbx_nonpoly_scheme.pdb_ins_code 
B 2 HOH 1   1   1   HOH HOH A . 
B 2 HOH 2   2   2   HOH HOH A . 
B 2 HOH 3   3   3   HOH HOH A . 
B 2 HOH 4   4   4   HOH HOH A . 
B 2 HOH 5   5   5   HOH HOH A . 
B 2 HOH 6   6   6   HOH HOH A . 
B 2 HOH 7   7   7   HOH HOH A . 
B 2 HOH 8   8   8   HOH HOH A . 
B 2 HOH 9   9   9   HOH HOH A . 
B 2 HOH 10  10  10  HOH HOH A . 
B 2 HOH 11  11  11  HOH HOH A . 
B 2 HOH 12  12  12  HOH HOH A . 
B 2 HOH 13  13  13  HOH HOH A . 
B 2 HOH 14  14  14  HOH HOH A . 
B 2 HOH 15  15  15  HOH HOH A . 
B 2 HOH 16  16  16  HOH HOH A . 
B 2 HOH 17  17  17  HOH HOH A . 
B 2 HOH 18  18  18  HOH HOH A . 
B 2 HOH 19  19  19  HOH HOH A . 
B 2 HOH 20  20  20  HOH HOH A . 
B 2 HOH 21  21  21  HOH HOH A . 
B 2 HOH 22  187 22  HOH HOH A . 
B 2 HOH 23  188 23  HOH HOH A . 
B 2 HOH 24  189 24  HOH HOH A . 
B 2 HOH 25  190 25  HOH HOH A . 
B 2 HOH 26  191 26  HOH HOH A . 
B 2 HOH 27  192 27  HOH HOH A . 
B 2 HOH 28  193 28  HOH HOH A . 
B 2 HOH 29  194 29  HOH HOH A . 
B 2 HOH 30  195 30  HOH HOH A . 
B 2 HOH 31  196 31  HOH HOH A . 
B 2 HOH 32  197 32  HOH HOH A . 
B 2 HOH 33  198 33  HOH HOH A . 
B 2 HOH 34  199 34  HOH HOH A . 
B 2 HOH 35  200 35  HOH HOH A . 
B 2 HOH 36  201 36  HOH HOH A . 
B 2 HOH 37  202 37  HOH HOH A . 
B 2 HOH 38  203 38  HOH HOH A . 
B 2 HOH 39  204 39  HOH HOH A . 
B 2 HOH 40  205 40  HOH HOH A . 
B 2 HOH 41  206 41  HOH HOH A . 
B 2 HOH 42  207 42  HOH HOH A . 
B 2 HOH 43  208 43  HOH HOH A . 
B 2 HOH 44  209 44  HOH HOH A . 
B 2 HOH 45  210 45  HOH HOH A . 
B 2 HOH 46  211 46  HOH HOH A . 
B 2 HOH 47  212 47  HOH HOH A . 
B 2 HOH 48  213 48  HOH HOH A . 
B 2 HOH 49  214 49  HOH HOH A . 
B 2 HOH 50  215 50  HOH HOH A . 
B 2 HOH 51  216 51  HOH HOH A . 
B 2 HOH 52  217 52  HOH HOH A . 
B 2 HOH 53  218 53  HOH HOH A . 
B 2 HOH 54  219 54  HOH HOH A . 
B 2 HOH 55  220 55  HOH HOH A . 
B 2 HOH 56  221 56  HOH HOH A . 
B 2 HOH 57  222 57  HOH HOH A . 
B 2 HOH 58  223 58  HOH HOH A . 
B 2 HOH 59  224 59  HOH HOH A . 
B 2 HOH 60  225 60  HOH HOH A . 
B 2 HOH 61  226 63  HOH HOH A . 
B 2 HOH 62  227 64  HOH HOH A . 
B 2 HOH 63  228 65  HOH HOH A . 
B 2 HOH 64  229 66  HOH HOH A . 
B 2 HOH 65  230 67  HOH HOH A . 
B 2 HOH 66  231 68  HOH HOH A . 
B 2 HOH 67  232 69  HOH HOH A . 
B 2 HOH 68  233 70  HOH HOH A . 
B 2 HOH 69  234 71  HOH HOH A . 
B 2 HOH 70  235 72  HOH HOH A . 
B 2 HOH 71  236 73  HOH HOH A . 
B 2 HOH 72  237 74  HOH HOH A . 
B 2 HOH 73  238 75  HOH HOH A . 
B 2 HOH 74  239 76  HOH HOH A . 
B 2 HOH 75  240 77  HOH HOH A . 
B 2 HOH 76  241 78  HOH HOH A . 
B 2 HOH 77  242 79  HOH HOH A . 
B 2 HOH 78  243 80  HOH HOH A . 
B 2 HOH 79  244 81  HOH HOH A . 
B 2 HOH 80  245 82  HOH HOH A . 
B 2 HOH 81  246 83  HOH HOH A . 
B 2 HOH 82  247 84  HOH HOH A . 
B 2 HOH 83  248 85  HOH HOH A . 
B 2 HOH 84  249 86  HOH HOH A . 
B 2 HOH 85  250 87  HOH HOH A . 
B 2 HOH 86  251 88  HOH HOH A . 
B 2 HOH 87  252 89  HOH HOH A . 
B 2 HOH 88  253 90  HOH HOH A . 
B 2 HOH 89  254 91  HOH HOH A . 
B 2 HOH 90  255 92  HOH HOH A . 
B 2 HOH 91  256 94  HOH HOH A . 
B 2 HOH 92  257 96  HOH HOH A . 
B 2 HOH 93  258 97  HOH HOH A . 
B 2 HOH 94  259 99  HOH HOH A . 
B 2 HOH 95  260 100 HOH HOH A . 
B 2 HOH 96  261 102 HOH HOH A . 
B 2 HOH 97  262 103 HOH HOH A . 
B 2 HOH 98  263 105 HOH HOH A . 
B 2 HOH 99  264 106 HOH HOH A . 
B 2 HOH 100 265 108 HOH HOH A . 
B 2 HOH 101 266 110 HOH HOH A . 
B 2 HOH 102 267 112 HOH HOH A . 
B 2 HOH 103 268 113 HOH HOH A . 
B 2 HOH 104 269 114 HOH HOH A . 
B 2 HOH 105 270 117 HOH HOH A . 
B 2 HOH 106 271 121 HOH HOH A . 
B 2 HOH 107 272 122 HOH HOH A . 
B 2 HOH 108 273 126 HOH HOH A . 
B 2 HOH 109 274 127 HOH HOH A . 
B 2 HOH 110 275 133 HOH HOH A . 
B 2 HOH 111 276 134 HOH HOH A . 
B 2 HOH 112 277 135 HOH HOH A . 
B 2 HOH 113 278 136 HOH HOH A . 
B 2 HOH 114 279 137 HOH HOH A . 
B 2 HOH 115 280 140 HOH HOH A . 
B 2 HOH 116 281 143 HOH HOH A . 
B 2 HOH 117 282 144 HOH HOH A . 
B 2 HOH 118 283 147 HOH HOH A . 
B 2 HOH 119 284 148 HOH HOH A . 
B 2 HOH 120 285 149 HOH HOH A . 
B 2 HOH 121 286 151 HOH HOH A . 
B 2 HOH 122 287 154 HOH HOH A . 
B 2 HOH 123 288 155 HOH HOH A . 
# 
loop_
_software.name 
_software.classification 
_software.version 
_software.citation_id 
_software.pdbx_ordinal 
CBASS    'data collection' .        ? 1 
SHARP    phasing           .        ? 2 
REFMAC   refinement        5.5.0109 ? 3 
HKL-2000 'data reduction'  .        ? 4 
HKL-2000 'data scaling'    .        ? 5 
# 
_cell.entry_id           3OR5 
_cell.length_a           50.070 
_cell.length_b           50.070 
_cell.length_c           116.665 
_cell.angle_alpha        90.00 
_cell.angle_beta         90.00 
_cell.angle_gamma        90.00 
_cell.Z_PDB              8 
_cell.pdbx_unique_axis   ? 
_cell.length_a_esd       ? 
_cell.length_b_esd       ? 
_cell.length_c_esd       ? 
_cell.angle_alpha_esd    ? 
_cell.angle_beta_esd     ? 
_cell.angle_gamma_esd    ? 
# 
_symmetry.entry_id                         3OR5 
_symmetry.space_group_name_H-M             'P 41 21 2' 
_symmetry.pdbx_full_space_group_name_H-M   ? 
_symmetry.cell_setting                     ? 
_symmetry.Int_Tables_number                92 
_symmetry.space_group_name_Hall            ? 
# 
_exptl.entry_id          3OR5 
_exptl.method            'X-RAY DIFFRACTION' 
_exptl.crystals_number   1 
# 
_exptl_crystal.id                    1 
_exptl_crystal.density_meas          ? 
_exptl_crystal.density_Matthews      2.03 
_exptl_crystal.density_percent_sol   39.31 
_exptl_crystal.description           ? 
_exptl_crystal.F_000                 ? 
_exptl_crystal.preparation           ? 
# 
_exptl_crystal_grow.crystal_id      1 
_exptl_crystal_grow.method          'VAPOR DIFFUSION, SITTING DROP' 
_exptl_crystal_grow.temp            298 
_exptl_crystal_grow.temp_details    ? 
_exptl_crystal_grow.pH              6.5 
_exptl_crystal_grow.pdbx_details    '0.1 M BIS-TRIS pH 6.5, 3.0 M Sodium chloride, VAPOR DIFFUSION, SITTING DROP, temperature 298K' 
_exptl_crystal_grow.pdbx_pH_range   ? 
# 
_diffrn.id                     1 
_diffrn.ambient_temp           100 
_diffrn.ambient_temp_details   ? 
_diffrn.crystal_id             1 
# 
_diffrn_detector.diffrn_id              1 
_diffrn_detector.detector               CCD 
_diffrn_detector.type                   'ADSC QUANTUM 315r' 
_diffrn_detector.pdbx_collection_date   2010-08-19 
_diffrn_detector.details                Mirrors 
# 
_diffrn_radiation.diffrn_id                        1 
_diffrn_radiation.wavelength_id                    1 
_diffrn_radiation.pdbx_monochromatic_or_laue_m_l   M 
_diffrn_radiation.monochromator                    'Si(111)channel' 
_diffrn_radiation.pdbx_diffrn_protocol             'SINGLE WAVELENGTH' 
_diffrn_radiation.pdbx_scattering_type             x-ray 
# 
_diffrn_radiation_wavelength.id           1 
_diffrn_radiation_wavelength.wavelength   0.979 
_diffrn_radiation_wavelength.wt           1.0 
# 
_diffrn_source.diffrn_id                   1 
_diffrn_source.source                      SYNCHROTRON 
_diffrn_source.type                        'NSLS BEAMLINE X25' 
_diffrn_source.pdbx_synchrotron_site       NSLS 
_diffrn_source.pdbx_synchrotron_beamline   X25 
_diffrn_source.pdbx_wavelength             ? 
_diffrn_source.pdbx_wavelength_list        0.979 
# 
_reflns.entry_id                     3OR5 
_reflns.observed_criterion_sigma_I   0 
_reflns.observed_criterion_sigma_F   ? 
_reflns.d_resolution_low             38 
_reflns.d_resolution_high            1.6 
_reflns.number_obs                   18223 
_reflns.number_all                   18281 
_reflns.percent_possible_obs         99.8 
_reflns.pdbx_Rmerge_I_obs            0.116 
_reflns.pdbx_Rsym_value              ? 
_reflns.pdbx_netI_over_sigmaI        9.7 
_reflns.B_iso_Wilson_estimate        26.2 
_reflns.pdbx_redundancy              27.9 
_reflns.R_free_details               ? 
_reflns.limit_h_max                  ? 
_reflns.limit_h_min                  ? 
_reflns.limit_k_max                  ? 
_reflns.limit_k_min                  ? 
_reflns.limit_l_max                  ? 
_reflns.limit_l_min                  ? 
_reflns.observed_criterion_F_max     ? 
_reflns.observed_criterion_F_min     ? 
_reflns.pdbx_chi_squared             ? 
_reflns.pdbx_scaling_rejects         ? 
_reflns.pdbx_diffrn_id               1 
_reflns.pdbx_ordinal                 1 
# 
_reflns_shell.d_res_high             1.66 
_reflns_shell.d_res_low              1.7 
_reflns_shell.percent_possible_all   99.3 
_reflns_shell.Rmerge_I_obs           0.48 
_reflns_shell.pdbx_Rsym_value        ? 
_reflns_shell.meanI_over_sigI_obs    2.0 
_reflns_shell.pdbx_redundancy        28.1 
_reflns_shell.percent_possible_obs   ? 
_reflns_shell.number_unique_all      1254 
_reflns_shell.number_measured_all    ? 
_reflns_shell.number_measured_obs    ? 
_reflns_shell.number_unique_obs      ? 
_reflns_shell.pdbx_chi_squared       ? 
_reflns_shell.pdbx_diffrn_id         ? 
_reflns_shell.pdbx_ordinal           1 
# 
_refine.entry_id                                 3OR5 
_refine.ls_number_reflns_obs                     17292 
_refine.ls_number_reflns_all                     18281 
_refine.pdbx_ls_sigma_I                          ? 
_refine.pdbx_ls_sigma_F                          . 
_refine.pdbx_data_cutoff_high_absF               ? 
_refine.pdbx_data_cutoff_low_absF                ? 
_refine.pdbx_data_cutoff_high_rms_absF           ? 
_refine.ls_d_res_low                             37.99 
_refine.ls_d_res_high                            1.66 
_refine.ls_percent_reflns_obs                    99.82 
_refine.ls_R_factor_obs                          0.17541 
_refine.ls_R_factor_all                          ? 
_refine.ls_R_factor_R_work                       0.17410 
_refine.ls_R_factor_R_free                       0.19876 
_refine.ls_R_factor_R_free_error                 ? 
_refine.ls_R_factor_R_free_error_details         ? 
_refine.ls_percent_reflns_R_free                 5.1 
_refine.ls_number_reflns_R_free                  931 
_refine.ls_number_parameters                     ? 
_refine.ls_number_restraints                     ? 
_refine.occupancy_min                            ? 
_refine.occupancy_max                            ? 
_refine.correlation_coeff_Fo_to_Fc               0.960 
_refine.correlation_coeff_Fo_to_Fc_free          0.953 
_refine.B_iso_mean                               19.382 
_refine.aniso_B[1][1]                            0.00 
_refine.aniso_B[2][2]                            0.00 
_refine.aniso_B[3][3]                            0.00 
_refine.aniso_B[1][2]                            0.00 
_refine.aniso_B[1][3]                            0.00 
_refine.aniso_B[2][3]                            0.00 
_refine.solvent_model_details                    MASK 
_refine.solvent_model_param_ksol                 ? 
_refine.solvent_model_param_bsol                 ? 
_refine.pdbx_solvent_vdw_probe_radii             1.40 
_refine.pdbx_solvent_ion_probe_radii             0.80 
_refine.pdbx_solvent_shrinkage_radii             0.80 
_refine.pdbx_ls_cross_valid_method               THROUGHOUT 
_refine.details                                  'HYDROGENS HAVE BEEN ADDED IN THE RIDING POSITIONS' 
_refine.pdbx_starting_model                      ? 
_refine.pdbx_method_to_determine_struct          SAD 
_refine.pdbx_isotropic_thermal_model             ? 
_refine.pdbx_stereochemistry_target_values       'MAXIMUM LIKELIHOOD' 
_refine.pdbx_stereochem_target_val_spec_case     ? 
_refine.pdbx_R_Free_selection_details            RANDOM 
_refine.pdbx_overall_ESU_R_Free                  0.089 
_refine.overall_SU_ML                            0.054 
_refine.overall_SU_B                             1.530 
_refine.overall_SU_R_Cruickshank_DPI             ? 
_refine.ls_redundancy_reflns_obs                 ? 
_refine.B_iso_min                                ? 
_refine.B_iso_max                                ? 
_refine.overall_SU_R_free                        ? 
_refine.ls_wR_factor_R_free                      ? 
_refine.ls_wR_factor_R_work                      ? 
_refine.overall_FOM_free_R_set                   ? 
_refine.overall_FOM_work_R_set                   ? 
_refine.pdbx_overall_phase_error                 ? 
_refine.pdbx_refine_id                           'X-RAY DIFFRACTION' 
_refine.pdbx_overall_ESU_R                       0.092 
_refine.pdbx_diffrn_id                           1 
_refine.pdbx_TLS_residual_ADP_flag               ? 
_refine.pdbx_overall_SU_R_free_Cruickshank_DPI   ? 
_refine.pdbx_overall_SU_R_Blow_DPI               ? 
_refine.pdbx_overall_SU_R_free_Blow_DPI          ? 
# 
_refine_hist.pdbx_refine_id                   'X-RAY DIFFRACTION' 
_refine_hist.cycle_id                         LAST 
_refine_hist.pdbx_number_atoms_protein        1092 
_refine_hist.pdbx_number_atoms_nucleic_acid   0 
_refine_hist.pdbx_number_atoms_ligand         0 
_refine_hist.number_atoms_solvent             123 
_refine_hist.number_atoms_total               1215 
_refine_hist.d_res_high                       1.66 
_refine_hist.d_res_low                        37.99 
# 
loop_
_refine_ls_restr.type 
_refine_ls_restr.dev_ideal 
_refine_ls_restr.dev_ideal_target 
_refine_ls_restr.weight 
_refine_ls_restr.number 
_refine_ls_restr.pdbx_refine_id 
_refine_ls_restr.pdbx_restraint_function 
r_bond_refined_d       0.026  0.022  ? 1120 'X-RAY DIFFRACTION' ? 
r_angle_refined_deg    2.233  1.958  ? 1523 'X-RAY DIFFRACTION' ? 
r_dihedral_angle_1_deg 6.191  5.000  ? 144  'X-RAY DIFFRACTION' ? 
r_dihedral_angle_2_deg 34.400 23.415 ? 41   'X-RAY DIFFRACTION' ? 
r_dihedral_angle_3_deg 13.932 15.000 ? 175  'X-RAY DIFFRACTION' ? 
r_dihedral_angle_4_deg 12.983 15.000 ? 6    'X-RAY DIFFRACTION' ? 
r_chiral_restr         0.160  0.200  ? 170  'X-RAY DIFFRACTION' ? 
r_gen_planes_refined   0.014  0.022  ? 849  'X-RAY DIFFRACTION' ? 
r_mcbond_it            1.452  1.500  ? 722  'X-RAY DIFFRACTION' ? 
r_mcangle_it           2.537  2.000  ? 1173 'X-RAY DIFFRACTION' ? 
r_scbond_it            4.274  3.000  ? 398  'X-RAY DIFFRACTION' ? 
r_scangle_it           6.424  4.500  ? 350  'X-RAY DIFFRACTION' ? 
# 
_refine_ls_shell.pdbx_total_number_of_bins_used   20 
_refine_ls_shell.d_res_high                       1.662 
_refine_ls_shell.d_res_low                        1.705 
_refine_ls_shell.number_reflns_R_work             1254 
_refine_ls_shell.R_factor_R_work                  0.180 
_refine_ls_shell.percent_reflns_obs               99.39 
_refine_ls_shell.R_factor_R_free                  0.248 
_refine_ls_shell.R_factor_R_free_error            ? 
_refine_ls_shell.percent_reflns_R_free            ? 
_refine_ls_shell.number_reflns_R_free             56 
_refine_ls_shell.number_reflns_all                ? 
_refine_ls_shell.R_factor_all                     ? 
_refine_ls_shell.number_reflns_obs                ? 
_refine_ls_shell.redundancy_reflns_obs            ? 
_refine_ls_shell.pdbx_refine_id                   'X-RAY DIFFRACTION' 
# 
_struct.entry_id                  3OR5 
_struct.title                     
'Crystal structure of thiol:disulfide interchange protein, thioredoxin family protein from Chlorobium tepidum TLS' 
_struct.pdbx_model_details        ? 
_struct.pdbx_CASP_flag            ? 
_struct.pdbx_model_type_details   ? 
# 
_struct_keywords.entry_id        3OR5 
_struct_keywords.pdbx_keywords   OXIDOREDUCTASE 
_struct_keywords.text            
;PSI-II, Structural Genomics, Protein Structure Initiative, New York SGX Research Center for Structural Genomics, NYSGXRC, OXIDOREDUCTASE
;
# 
loop_
_struct_asym.id 
_struct_asym.pdbx_blank_PDB_chainid_flag 
_struct_asym.pdbx_modified 
_struct_asym.entity_id 
_struct_asym.details 
A N N 1 ? 
B N N 2 ? 
# 
_struct_ref.id                         1 
_struct_ref.db_name                    UNP 
_struct_ref.db_code                    Q8KAD0_CHLTE 
_struct_ref.pdbx_db_accession          Q8KAD0 
_struct_ref.entity_id                  1 
_struct_ref.pdbx_seq_one_letter_code   
;SAQADARPTPAPSFSGVTVDGKPFSSASLKGKAYIVNFFATWCPPCRSEIPDMVQVQKTWASRGFTFVGIAVNEQLPNVK
NYMKTQGIIYPVMMATPELIRAFNGYIDGGITGIPTSFVIDASGNVSGVIVGPRSKADFDRIVKMALGAKAATK
;
_struct_ref.pdbx_align_begin           25 
_struct_ref.pdbx_db_isoform            ? 
# 
_struct_ref_seq.align_id                      1 
_struct_ref_seq.ref_id                        1 
_struct_ref_seq.pdbx_PDB_id_code              3OR5 
_struct_ref_seq.pdbx_strand_id                A 
_struct_ref_seq.seq_align_beg                 4 
_struct_ref_seq.pdbx_seq_align_beg_ins_code   ? 
_struct_ref_seq.seq_align_end                 157 
_struct_ref_seq.pdbx_seq_align_end_ins_code   ? 
_struct_ref_seq.pdbx_db_accession             Q8KAD0 
_struct_ref_seq.db_align_beg                  25 
_struct_ref_seq.pdbx_db_align_beg_ins_code    ? 
_struct_ref_seq.db_align_end                  178 
_struct_ref_seq.pdbx_db_align_end_ins_code    ? 
_struct_ref_seq.pdbx_auth_seq_align_beg       25 
_struct_ref_seq.pdbx_auth_seq_align_end       178 
# 
loop_
_struct_ref_seq_dif.align_id 
_struct_ref_seq_dif.pdbx_pdb_id_code 
_struct_ref_seq_dif.mon_id 
_struct_ref_seq_dif.pdbx_pdb_strand_id 
_struct_ref_seq_dif.seq_num 
_struct_ref_seq_dif.pdbx_pdb_ins_code 
_struct_ref_seq_dif.pdbx_seq_db_name 
_struct_ref_seq_dif.pdbx_seq_db_accession_code 
_struct_ref_seq_dif.db_mon_id 
_struct_ref_seq_dif.pdbx_seq_db_seq_num 
_struct_ref_seq_dif.details 
_struct_ref_seq_dif.pdbx_auth_seq_num 
_struct_ref_seq_dif.pdbx_ordinal 
1 3OR5 MSE A 1   ? UNP Q8KAD0 ? ? 'expression tag' 22  1  
1 3OR5 SER A 2   ? UNP Q8KAD0 ? ? 'expression tag' 23  2  
1 3OR5 LEU A 3   ? UNP Q8KAD0 ? ? 'expression tag' 24  3  
1 3OR5 GLU A 158 ? UNP Q8KAD0 ? ? 'expression tag' 179 4  
1 3OR5 GLY A 159 ? UNP Q8KAD0 ? ? 'expression tag' 180 5  
1 3OR5 HIS A 160 ? UNP Q8KAD0 ? ? 'expression tag' 181 6  
1 3OR5 HIS A 161 ? UNP Q8KAD0 ? ? 'expression tag' 182 7  
1 3OR5 HIS A 162 ? UNP Q8KAD0 ? ? 'expression tag' 183 8  
1 3OR5 HIS A 163 ? UNP Q8KAD0 ? ? 'expression tag' 184 9  
1 3OR5 HIS A 164 ? UNP Q8KAD0 ? ? 'expression tag' 185 10 
1 3OR5 HIS A 165 ? UNP Q8KAD0 ? ? 'expression tag' 186 11 
# 
_pdbx_struct_assembly.id                   1 
_pdbx_struct_assembly.details              author_and_software_defined_assembly 
_pdbx_struct_assembly.method_details       PISA 
_pdbx_struct_assembly.oligomeric_details   monomeric 
_pdbx_struct_assembly.oligomeric_count     1 
# 
_pdbx_struct_assembly_gen.assembly_id       1 
_pdbx_struct_assembly_gen.oper_expression   1 
_pdbx_struct_assembly_gen.asym_id_list      A,B 
# 
_pdbx_struct_oper_list.id                   1 
_pdbx_struct_oper_list.type                 'identity operation' 
_pdbx_struct_oper_list.name                 1_555 
_pdbx_struct_oper_list.symmetry_operation   x,y,z 
_pdbx_struct_oper_list.matrix[1][1]         1.0000000000 
_pdbx_struct_oper_list.matrix[1][2]         0.0000000000 
_pdbx_struct_oper_list.matrix[1][3]         0.0000000000 
_pdbx_struct_oper_list.vector[1]            0.0000000000 
_pdbx_struct_oper_list.matrix[2][1]         0.0000000000 
_pdbx_struct_oper_list.matrix[2][2]         1.0000000000 
_pdbx_struct_oper_list.matrix[2][3]         0.0000000000 
_pdbx_struct_oper_list.vector[2]            0.0000000000 
_pdbx_struct_oper_list.matrix[3][1]         0.0000000000 
_pdbx_struct_oper_list.matrix[3][2]         0.0000000000 
_pdbx_struct_oper_list.matrix[3][3]         1.0000000000 
_pdbx_struct_oper_list.vector[3]            0.0000000000 
# 
_struct_biol.id        1 
_struct_biol.details   ? 
# 
loop_
_struct_conf.conf_type_id 
_struct_conf.id 
_struct_conf.pdbx_PDB_helix_id 
_struct_conf.beg_label_comp_id 
_struct_conf.beg_label_asym_id 
_struct_conf.beg_label_seq_id 
_struct_conf.pdbx_beg_PDB_ins_code 
_struct_conf.end_label_comp_id 
_struct_conf.end_label_asym_id 
_struct_conf.end_label_seq_id 
_struct_conf.pdbx_end_PDB_ins_code 
_struct_conf.beg_auth_comp_id 
_struct_conf.beg_auth_asym_id 
_struct_conf.beg_auth_seq_id 
_struct_conf.end_auth_comp_id 
_struct_conf.end_auth_asym_id 
_struct_conf.end_auth_seq_id 
_struct_conf.pdbx_PDB_helix_class 
_struct_conf.details 
_struct_conf.pdbx_PDB_helix_length 
HELX_P HELX_P1 1 ALA A 30  ? LYS A 33  ? ALA A 51  LYS A 54  5 ? 4  
HELX_P HELX_P2 2 CYS A 46  ? ALA A 64  ? CYS A 67  ALA A 85  1 ? 19 
HELX_P HELX_P3 3 GLN A 78  ? GLY A 90  ? GLN A 99  GLY A 111 1 ? 13 
HELX_P HELX_P4 4 THR A 99  ? GLY A 108 ? THR A 120 GLY A 129 1 ? 10 
HELX_P HELX_P5 5 SER A 138 ? GLY A 151 ? SER A 159 GLY A 172 1 ? 14 
# 
_struct_conf_type.id          HELX_P 
_struct_conf_type.criteria    ? 
_struct_conf_type.reference   ? 
# 
loop_
_struct_conn.id 
_struct_conn.conn_type_id 
_struct_conn.pdbx_leaving_atom_flag 
_struct_conn.pdbx_PDB_id 
_struct_conn.ptnr1_label_asym_id 
_struct_conn.ptnr1_label_comp_id 
_struct_conn.ptnr1_label_seq_id 
_struct_conn.ptnr1_label_atom_id 
_struct_conn.pdbx_ptnr1_label_alt_id 
_struct_conn.pdbx_ptnr1_PDB_ins_code 
_struct_conn.pdbx_ptnr1_standard_comp_id 
_struct_conn.ptnr1_symmetry 
_struct_conn.ptnr2_label_asym_id 
_struct_conn.ptnr2_label_comp_id 
_struct_conn.ptnr2_label_seq_id 
_struct_conn.ptnr2_label_atom_id 
_struct_conn.pdbx_ptnr2_label_alt_id 
_struct_conn.pdbx_ptnr2_PDB_ins_code 
_struct_conn.ptnr1_auth_asym_id 
_struct_conn.ptnr1_auth_comp_id 
_struct_conn.ptnr1_auth_seq_id 
_struct_conn.ptnr2_auth_asym_id 
_struct_conn.ptnr2_auth_comp_id 
_struct_conn.ptnr2_auth_seq_id 
_struct_conn.ptnr2_symmetry 
_struct_conn.pdbx_ptnr3_label_atom_id 
_struct_conn.pdbx_ptnr3_label_seq_id 
_struct_conn.pdbx_ptnr3_label_comp_id 
_struct_conn.pdbx_ptnr3_label_asym_id 
_struct_conn.pdbx_ptnr3_label_alt_id 
_struct_conn.pdbx_ptnr3_PDB_ins_code 
_struct_conn.details 
_struct_conn.pdbx_dist_value 
_struct_conn.pdbx_value_order 
_struct_conn.pdbx_role 
covale1 covale both ? A ASP 55  C ? ? ? 1_555 A MSE 56  N ? ? A ASP 76  A MSE 77  1_555 ? ? ? ? ? ? ? 1.325 ? ? 
covale2 covale both ? A MSE 56  C ? ? ? 1_555 A VAL 57  N ? ? A MSE 77  A VAL 78  1_555 ? ? ? ? ? ? ? 1.331 ? ? 
covale3 covale both ? A TYR 85  C ? ? ? 1_555 A MSE 86  N ? ? A TYR 106 A MSE 107 1_555 ? ? ? ? ? ? ? 1.316 ? ? 
covale4 covale both ? A MSE 86  C ? ? ? 1_555 A LYS 87  N ? ? A MSE 107 A LYS 108 1_555 ? ? ? ? ? ? ? 1.328 ? ? 
covale5 covale both ? A VAL 95  C ? ? ? 1_555 A MSE 96  N ? ? A VAL 116 A MSE 117 1_555 ? ? ? ? ? ? ? 1.336 ? ? 
covale6 covale both ? A MSE 96  C ? ? ? 1_555 A MSE 97  N ? ? A MSE 117 A MSE 118 1_555 ? ? ? ? ? ? ? 1.318 ? ? 
covale7 covale both ? A MSE 97  C ? ? ? 1_555 A ALA 98  N ? ? A MSE 118 A ALA 119 1_555 ? ? ? ? ? ? ? 1.349 ? ? 
covale8 covale both ? A LYS 147 C ? ? ? 1_555 A MSE 148 N ? ? A LYS 168 A MSE 169 1_555 ? ? ? ? ? ? ? 1.332 ? ? 
covale9 covale both ? A MSE 148 C ? ? ? 1_555 A ALA 149 N ? ? A MSE 169 A ALA 170 1_555 ? ? ? ? ? ? ? 1.328 ? ? 
# 
_struct_conn_type.id          covale 
_struct_conn_type.criteria    ? 
_struct_conn_type.reference   ? 
# 
loop_
_pdbx_modification_feature.ordinal 
_pdbx_modification_feature.label_comp_id 
_pdbx_modification_feature.label_asym_id 
_pdbx_modification_feature.label_seq_id 
_pdbx_modification_feature.label_alt_id 
_pdbx_modification_feature.modified_residue_label_comp_id 
_pdbx_modification_feature.modified_residue_label_asym_id 
_pdbx_modification_feature.modified_residue_label_seq_id 
_pdbx_modification_feature.modified_residue_label_alt_id 
_pdbx_modification_feature.auth_comp_id 
_pdbx_modification_feature.auth_asym_id 
_pdbx_modification_feature.auth_seq_id 
_pdbx_modification_feature.PDB_ins_code 
_pdbx_modification_feature.symmetry 
_pdbx_modification_feature.modified_residue_auth_comp_id 
_pdbx_modification_feature.modified_residue_auth_asym_id 
_pdbx_modification_feature.modified_residue_auth_seq_id 
_pdbx_modification_feature.modified_residue_PDB_ins_code 
_pdbx_modification_feature.modified_residue_symmetry 
_pdbx_modification_feature.comp_id_linking_atom 
_pdbx_modification_feature.modified_residue_id_linking_atom 
_pdbx_modification_feature.modified_residue_id 
_pdbx_modification_feature.ref_pcm_id 
_pdbx_modification_feature.ref_comp_id 
_pdbx_modification_feature.type 
_pdbx_modification_feature.category 
1 MSE A 56  ? . . . . MSE A 77  ? 1_555 . . . . . . . MET 1 MSE Selenomethionine 'Named protein modification' 
2 MSE A 86  ? . . . . MSE A 107 ? 1_555 . . . . . . . MET 1 MSE Selenomethionine 'Named protein modification' 
3 MSE A 96  ? . . . . MSE A 117 ? 1_555 . . . . . . . MET 1 MSE Selenomethionine 'Named protein modification' 
4 MSE A 97  ? . . . . MSE A 118 ? 1_555 . . . . . . . MET 1 MSE Selenomethionine 'Named protein modification' 
5 MSE A 148 ? . . . . MSE A 169 ? 1_555 . . . . . . . MET 1 MSE Selenomethionine 'Named protein modification' 
# 
_struct_mon_prot_cis.pdbx_id                1 
_struct_mon_prot_cis.label_comp_id          ILE 
_struct_mon_prot_cis.label_seq_id           117 
_struct_mon_prot_cis.label_asym_id          A 
_struct_mon_prot_cis.label_alt_id           . 
_struct_mon_prot_cis.pdbx_PDB_ins_code      ? 
_struct_mon_prot_cis.auth_comp_id           ILE 
_struct_mon_prot_cis.auth_seq_id            138 
_struct_mon_prot_cis.auth_asym_id           A 
_struct_mon_prot_cis.pdbx_label_comp_id_2   PRO 
_struct_mon_prot_cis.pdbx_label_seq_id_2    118 
_struct_mon_prot_cis.pdbx_label_asym_id_2   A 
_struct_mon_prot_cis.pdbx_PDB_ins_code_2    ? 
_struct_mon_prot_cis.pdbx_auth_comp_id_2    PRO 
_struct_mon_prot_cis.pdbx_auth_seq_id_2     139 
_struct_mon_prot_cis.pdbx_auth_asym_id_2    A 
_struct_mon_prot_cis.pdbx_PDB_model_num     1 
_struct_mon_prot_cis.pdbx_omega_angle       -1.06 
# 
loop_
_struct_sheet.id 
_struct_sheet.type 
_struct_sheet.number_strands 
_struct_sheet.details 
A ? 2 ? 
B ? 5 ? 
# 
loop_
_struct_sheet_order.sheet_id 
_struct_sheet_order.range_id_1 
_struct_sheet_order.range_id_2 
_struct_sheet_order.offset 
_struct_sheet_order.sense 
A 1 2 ? anti-parallel 
B 1 2 ? parallel      
B 2 3 ? parallel      
B 3 4 ? anti-parallel 
B 4 5 ? anti-parallel 
# 
loop_
_struct_sheet_range.sheet_id 
_struct_sheet_range.id 
_struct_sheet_range.beg_label_comp_id 
_struct_sheet_range.beg_label_asym_id 
_struct_sheet_range.beg_label_seq_id 
_struct_sheet_range.pdbx_beg_PDB_ins_code 
_struct_sheet_range.end_label_comp_id 
_struct_sheet_range.end_label_asym_id 
_struct_sheet_range.end_label_seq_id 
_struct_sheet_range.pdbx_end_PDB_ins_code 
_struct_sheet_range.beg_auth_comp_id 
_struct_sheet_range.beg_auth_asym_id 
_struct_sheet_range.beg_auth_seq_id 
_struct_sheet_range.end_auth_comp_id 
_struct_sheet_range.end_auth_asym_id 
_struct_sheet_range.end_auth_seq_id 
A 1 SER A 18  ? VAL A 20  ? SER A 39  VAL A 41  
A 2 PRO A 26  ? SER A 28  ? PRO A 47  SER A 49  
B 1 VAL A 95  ? MSE A 97  ? VAL A 116 MSE A 118 
B 2 PHE A 68  ? ALA A 74  ? PHE A 89  ALA A 95  
B 3 ALA A 36  ? PHE A 42  ? ALA A 57  PHE A 63  
B 4 THR A 119 ? ILE A 123 ? THR A 140 ILE A 144 
B 5 VAL A 129 ? ILE A 133 ? VAL A 150 ILE A 154 
# 
loop_
_pdbx_struct_sheet_hbond.sheet_id 
_pdbx_struct_sheet_hbond.range_id_1 
_pdbx_struct_sheet_hbond.range_id_2 
_pdbx_struct_sheet_hbond.range_1_label_atom_id 
_pdbx_struct_sheet_hbond.range_1_label_comp_id 
_pdbx_struct_sheet_hbond.range_1_label_asym_id 
_pdbx_struct_sheet_hbond.range_1_label_seq_id 
_pdbx_struct_sheet_hbond.range_1_PDB_ins_code 
_pdbx_struct_sheet_hbond.range_1_auth_atom_id 
_pdbx_struct_sheet_hbond.range_1_auth_comp_id 
_pdbx_struct_sheet_hbond.range_1_auth_asym_id 
_pdbx_struct_sheet_hbond.range_1_auth_seq_id 
_pdbx_struct_sheet_hbond.range_2_label_atom_id 
_pdbx_struct_sheet_hbond.range_2_label_comp_id 
_pdbx_struct_sheet_hbond.range_2_label_asym_id 
_pdbx_struct_sheet_hbond.range_2_label_seq_id 
_pdbx_struct_sheet_hbond.range_2_PDB_ins_code 
_pdbx_struct_sheet_hbond.range_2_auth_atom_id 
_pdbx_struct_sheet_hbond.range_2_auth_comp_id 
_pdbx_struct_sheet_hbond.range_2_auth_asym_id 
_pdbx_struct_sheet_hbond.range_2_auth_seq_id 
A 1 2 N GLY A 19  ? N GLY A 40  O PHE A 27  ? O PHE A 48  
B 1 2 O MSE A 96  ? O MSE A 117 N ALA A 74  ? N ALA A 95  
B 2 3 O VAL A 71  ? O VAL A 92  N ASN A 40  ? N ASN A 61  
B 3 4 N TYR A 37  ? N TYR A 58  O ILE A 123 ? O ILE A 144 
B 4 5 N VAL A 122 ? N VAL A 143 O GLY A 131 ? O GLY A 152 
# 
_pdbx_entry_details.entry_id                   3OR5 
_pdbx_entry_details.compound_details           ? 
_pdbx_entry_details.source_details             ? 
_pdbx_entry_details.nonpolymer_details         ? 
_pdbx_entry_details.sequence_details           ? 
_pdbx_entry_details.has_ligand_of_interest     ? 
_pdbx_entry_details.has_protein_modification   Y 
# 
_pdbx_validate_rmsd_angle.id                         1 
_pdbx_validate_rmsd_angle.PDB_model_num              1 
_pdbx_validate_rmsd_angle.auth_atom_id_1             CB 
_pdbx_validate_rmsd_angle.auth_asym_id_1             A 
_pdbx_validate_rmsd_angle.auth_comp_id_1             ASP 
_pdbx_validate_rmsd_angle.auth_seq_id_1              145 
_pdbx_validate_rmsd_angle.PDB_ins_code_1             ? 
_pdbx_validate_rmsd_angle.label_alt_id_1             ? 
_pdbx_validate_rmsd_angle.auth_atom_id_2             CG 
_pdbx_validate_rmsd_angle.auth_asym_id_2             A 
_pdbx_validate_rmsd_angle.auth_comp_id_2             ASP 
_pdbx_validate_rmsd_angle.auth_seq_id_2              145 
_pdbx_validate_rmsd_angle.PDB_ins_code_2             ? 
_pdbx_validate_rmsd_angle.label_alt_id_2             ? 
_pdbx_validate_rmsd_angle.auth_atom_id_3             OD2 
_pdbx_validate_rmsd_angle.auth_asym_id_3             A 
_pdbx_validate_rmsd_angle.auth_comp_id_3             ASP 
_pdbx_validate_rmsd_angle.auth_seq_id_3              145 
_pdbx_validate_rmsd_angle.PDB_ins_code_3             ? 
_pdbx_validate_rmsd_angle.label_alt_id_3             ? 
_pdbx_validate_rmsd_angle.angle_value                111.92 
_pdbx_validate_rmsd_angle.angle_target_value         118.30 
_pdbx_validate_rmsd_angle.angle_deviation            -6.38 
_pdbx_validate_rmsd_angle.angle_standard_deviation   0.90 
_pdbx_validate_rmsd_angle.linker_flag                N 
# 
_pdbx_SG_project.id                    1 
_pdbx_SG_project.project_name          'PSI, Protein Structure Initiative' 
_pdbx_SG_project.full_name_of_center   'New York SGX Research Center for Structural Genomics' 
_pdbx_SG_project.initial_of_center     NYSGXRC 
# 
loop_
_pdbx_struct_mod_residue.id 
_pdbx_struct_mod_residue.label_asym_id 
_pdbx_struct_mod_residue.label_comp_id 
_pdbx_struct_mod_residue.label_seq_id 
_pdbx_struct_mod_residue.auth_asym_id 
_pdbx_struct_mod_residue.auth_comp_id 
_pdbx_struct_mod_residue.auth_seq_id 
_pdbx_struct_mod_residue.PDB_ins_code 
_pdbx_struct_mod_residue.parent_comp_id 
_pdbx_struct_mod_residue.details 
1 A MSE 56  A MSE 77  ? MET SELENOMETHIONINE 
2 A MSE 86  A MSE 107 ? MET SELENOMETHIONINE 
3 A MSE 96  A MSE 117 ? MET SELENOMETHIONINE 
4 A MSE 97  A MSE 118 ? MET SELENOMETHIONINE 
5 A MSE 148 A MSE 169 ? MET SELENOMETHIONINE 
# 
loop_
_pdbx_unobs_or_zero_occ_residues.id 
_pdbx_unobs_or_zero_occ_residues.PDB_model_num 
_pdbx_unobs_or_zero_occ_residues.polymer_flag 
_pdbx_unobs_or_zero_occ_residues.occupancy_flag 
_pdbx_unobs_or_zero_occ_residues.auth_asym_id 
_pdbx_unobs_or_zero_occ_residues.auth_comp_id 
_pdbx_unobs_or_zero_occ_residues.auth_seq_id 
_pdbx_unobs_or_zero_occ_residues.PDB_ins_code 
_pdbx_unobs_or_zero_occ_residues.label_asym_id 
_pdbx_unobs_or_zero_occ_residues.label_comp_id 
_pdbx_unobs_or_zero_occ_residues.label_seq_id 
1  1 Y 1 A MSE 22  ? A MSE 1   
2  1 Y 1 A SER 23  ? A SER 2   
3  1 Y 1 A LEU 24  ? A LEU 3   
4  1 Y 1 A SER 25  ? A SER 4   
5  1 Y 1 A ALA 26  ? A ALA 5   
6  1 Y 1 A GLN 27  ? A GLN 6   
7  1 Y 1 A ALA 173 ? A ALA 152 
8  1 Y 1 A LYS 174 ? A LYS 153 
9  1 Y 1 A ALA 175 ? A ALA 154 
10 1 Y 1 A ALA 176 ? A ALA 155 
11 1 Y 1 A THR 177 ? A THR 156 
12 1 Y 1 A LYS 178 ? A LYS 157 
13 1 Y 1 A GLU 179 ? A GLU 158 
14 1 Y 1 A GLY 180 ? A GLY 159 
15 1 Y 1 A HIS 181 ? A HIS 160 
16 1 Y 1 A HIS 182 ? A HIS 161 
17 1 Y 1 A HIS 183 ? A HIS 162 
18 1 Y 1 A HIS 184 ? A HIS 163 
19 1 Y 1 A HIS 185 ? A HIS 164 
20 1 Y 1 A HIS 186 ? A HIS 165 
# 
loop_
_chem_comp_atom.comp_id 
_chem_comp_atom.atom_id 
_chem_comp_atom.type_symbol 
_chem_comp_atom.pdbx_aromatic_flag 
_chem_comp_atom.pdbx_stereo_config 
_chem_comp_atom.pdbx_ordinal 
ALA N    N  N N 1   
ALA CA   C  N S 2   
ALA C    C  N N 3   
ALA O    O  N N 4   
ALA CB   C  N N 5   
ALA OXT  O  N N 6   
ALA H    H  N N 7   
ALA H2   H  N N 8   
ALA HA   H  N N 9   
ALA HB1  H  N N 10  
ALA HB2  H  N N 11  
ALA HB3  H  N N 12  
ALA HXT  H  N N 13  
ARG N    N  N N 14  
ARG CA   C  N S 15  
ARG C    C  N N 16  
ARG O    O  N N 17  
ARG CB   C  N N 18  
ARG CG   C  N N 19  
ARG CD   C  N N 20  
ARG NE   N  N N 21  
ARG CZ   C  N N 22  
ARG NH1  N  N N 23  
ARG NH2  N  N N 24  
ARG OXT  O  N N 25  
ARG H    H  N N 26  
ARG H2   H  N N 27  
ARG HA   H  N N 28  
ARG HB2  H  N N 29  
ARG HB3  H  N N 30  
ARG HG2  H  N N 31  
ARG HG3  H  N N 32  
ARG HD2  H  N N 33  
ARG HD3  H  N N 34  
ARG HE   H  N N 35  
ARG HH11 H  N N 36  
ARG HH12 H  N N 37  
ARG HH21 H  N N 38  
ARG HH22 H  N N 39  
ARG HXT  H  N N 40  
ASN N    N  N N 41  
ASN CA   C  N S 42  
ASN C    C  N N 43  
ASN O    O  N N 44  
ASN CB   C  N N 45  
ASN CG   C  N N 46  
ASN OD1  O  N N 47  
ASN ND2  N  N N 48  
ASN OXT  O  N N 49  
ASN H    H  N N 50  
ASN H2   H  N N 51  
ASN HA   H  N N 52  
ASN HB2  H  N N 53  
ASN HB3  H  N N 54  
ASN HD21 H  N N 55  
ASN HD22 H  N N 56  
ASN HXT  H  N N 57  
ASP N    N  N N 58  
ASP CA   C  N S 59  
ASP C    C  N N 60  
ASP O    O  N N 61  
ASP CB   C  N N 62  
ASP CG   C  N N 63  
ASP OD1  O  N N 64  
ASP OD2  O  N N 65  
ASP OXT  O  N N 66  
ASP H    H  N N 67  
ASP H2   H  N N 68  
ASP HA   H  N N 69  
ASP HB2  H  N N 70  
ASP HB3  H  N N 71  
ASP HD2  H  N N 72  
ASP HXT  H  N N 73  
CYS N    N  N N 74  
CYS CA   C  N R 75  
CYS C    C  N N 76  
CYS O    O  N N 77  
CYS CB   C  N N 78  
CYS SG   S  N N 79  
CYS OXT  O  N N 80  
CYS H    H  N N 81  
CYS H2   H  N N 82  
CYS HA   H  N N 83  
CYS HB2  H  N N 84  
CYS HB3  H  N N 85  
CYS HG   H  N N 86  
CYS HXT  H  N N 87  
GLN N    N  N N 88  
GLN CA   C  N S 89  
GLN C    C  N N 90  
GLN O    O  N N 91  
GLN CB   C  N N 92  
GLN CG   C  N N 93  
GLN CD   C  N N 94  
GLN OE1  O  N N 95  
GLN NE2  N  N N 96  
GLN OXT  O  N N 97  
GLN H    H  N N 98  
GLN H2   H  N N 99  
GLN HA   H  N N 100 
GLN HB2  H  N N 101 
GLN HB3  H  N N 102 
GLN HG2  H  N N 103 
GLN HG3  H  N N 104 
GLN HE21 H  N N 105 
GLN HE22 H  N N 106 
GLN HXT  H  N N 107 
GLU N    N  N N 108 
GLU CA   C  N S 109 
GLU C    C  N N 110 
GLU O    O  N N 111 
GLU CB   C  N N 112 
GLU CG   C  N N 113 
GLU CD   C  N N 114 
GLU OE1  O  N N 115 
GLU OE2  O  N N 116 
GLU OXT  O  N N 117 
GLU H    H  N N 118 
GLU H2   H  N N 119 
GLU HA   H  N N 120 
GLU HB2  H  N N 121 
GLU HB3  H  N N 122 
GLU HG2  H  N N 123 
GLU HG3  H  N N 124 
GLU HE2  H  N N 125 
GLU HXT  H  N N 126 
GLY N    N  N N 127 
GLY CA   C  N N 128 
GLY C    C  N N 129 
GLY O    O  N N 130 
GLY OXT  O  N N 131 
GLY H    H  N N 132 
GLY H2   H  N N 133 
GLY HA2  H  N N 134 
GLY HA3  H  N N 135 
GLY HXT  H  N N 136 
HIS N    N  N N 137 
HIS CA   C  N S 138 
HIS C    C  N N 139 
HIS O    O  N N 140 
HIS CB   C  N N 141 
HIS CG   C  Y N 142 
HIS ND1  N  Y N 143 
HIS CD2  C  Y N 144 
HIS CE1  C  Y N 145 
HIS NE2  N  Y N 146 
HIS OXT  O  N N 147 
HIS H    H  N N 148 
HIS H2   H  N N 149 
HIS HA   H  N N 150 
HIS HB2  H  N N 151 
HIS HB3  H  N N 152 
HIS HD1  H  N N 153 
HIS HD2  H  N N 154 
HIS HE1  H  N N 155 
HIS HE2  H  N N 156 
HIS HXT  H  N N 157 
HOH O    O  N N 158 
HOH H1   H  N N 159 
HOH H2   H  N N 160 
ILE N    N  N N 161 
ILE CA   C  N S 162 
ILE C    C  N N 163 
ILE O    O  N N 164 
ILE CB   C  N S 165 
ILE CG1  C  N N 166 
ILE CG2  C  N N 167 
ILE CD1  C  N N 168 
ILE OXT  O  N N 169 
ILE H    H  N N 170 
ILE H2   H  N N 171 
ILE HA   H  N N 172 
ILE HB   H  N N 173 
ILE HG12 H  N N 174 
ILE HG13 H  N N 175 
ILE HG21 H  N N 176 
ILE HG22 H  N N 177 
ILE HG23 H  N N 178 
ILE HD11 H  N N 179 
ILE HD12 H  N N 180 
ILE HD13 H  N N 181 
ILE HXT  H  N N 182 
LEU N    N  N N 183 
LEU CA   C  N S 184 
LEU C    C  N N 185 
LEU O    O  N N 186 
LEU CB   C  N N 187 
LEU CG   C  N N 188 
LEU CD1  C  N N 189 
LEU CD2  C  N N 190 
LEU OXT  O  N N 191 
LEU H    H  N N 192 
LEU H2   H  N N 193 
LEU HA   H  N N 194 
LEU HB2  H  N N 195 
LEU HB3  H  N N 196 
LEU HG   H  N N 197 
LEU HD11 H  N N 198 
LEU HD12 H  N N 199 
LEU HD13 H  N N 200 
LEU HD21 H  N N 201 
LEU HD22 H  N N 202 
LEU HD23 H  N N 203 
LEU HXT  H  N N 204 
LYS N    N  N N 205 
LYS CA   C  N S 206 
LYS C    C  N N 207 
LYS O    O  N N 208 
LYS CB   C  N N 209 
LYS CG   C  N N 210 
LYS CD   C  N N 211 
LYS CE   C  N N 212 
LYS NZ   N  N N 213 
LYS OXT  O  N N 214 
LYS H    H  N N 215 
LYS H2   H  N N 216 
LYS HA   H  N N 217 
LYS HB2  H  N N 218 
LYS HB3  H  N N 219 
LYS HG2  H  N N 220 
LYS HG3  H  N N 221 
LYS HD2  H  N N 222 
LYS HD3  H  N N 223 
LYS HE2  H  N N 224 
LYS HE3  H  N N 225 
LYS HZ1  H  N N 226 
LYS HZ2  H  N N 227 
LYS HZ3  H  N N 228 
LYS HXT  H  N N 229 
MSE N    N  N N 230 
MSE CA   C  N S 231 
MSE C    C  N N 232 
MSE O    O  N N 233 
MSE OXT  O  N N 234 
MSE CB   C  N N 235 
MSE CG   C  N N 236 
MSE SE   SE N N 237 
MSE CE   C  N N 238 
MSE H    H  N N 239 
MSE H2   H  N N 240 
MSE HA   H  N N 241 
MSE HXT  H  N N 242 
MSE HB2  H  N N 243 
MSE HB3  H  N N 244 
MSE HG2  H  N N 245 
MSE HG3  H  N N 246 
MSE HE1  H  N N 247 
MSE HE2  H  N N 248 
MSE HE3  H  N N 249 
PHE N    N  N N 250 
PHE CA   C  N S 251 
PHE C    C  N N 252 
PHE O    O  N N 253 
PHE CB   C  N N 254 
PHE CG   C  Y N 255 
PHE CD1  C  Y N 256 
PHE CD2  C  Y N 257 
PHE CE1  C  Y N 258 
PHE CE2  C  Y N 259 
PHE CZ   C  Y N 260 
PHE OXT  O  N N 261 
PHE H    H  N N 262 
PHE H2   H  N N 263 
PHE HA   H  N N 264 
PHE HB2  H  N N 265 
PHE HB3  H  N N 266 
PHE HD1  H  N N 267 
PHE HD2  H  N N 268 
PHE HE1  H  N N 269 
PHE HE2  H  N N 270 
PHE HZ   H  N N 271 
PHE HXT  H  N N 272 
PRO N    N  N N 273 
PRO CA   C  N S 274 
PRO C    C  N N 275 
PRO O    O  N N 276 
PRO CB   C  N N 277 
PRO CG   C  N N 278 
PRO CD   C  N N 279 
PRO OXT  O  N N 280 
PRO H    H  N N 281 
PRO HA   H  N N 282 
PRO HB2  H  N N 283 
PRO HB3  H  N N 284 
PRO HG2  H  N N 285 
PRO HG3  H  N N 286 
PRO HD2  H  N N 287 
PRO HD3  H  N N 288 
PRO HXT  H  N N 289 
SER N    N  N N 290 
SER CA   C  N S 291 
SER C    C  N N 292 
SER O    O  N N 293 
SER CB   C  N N 294 
SER OG   O  N N 295 
SER OXT  O  N N 296 
SER H    H  N N 297 
SER H2   H  N N 298 
SER HA   H  N N 299 
SER HB2  H  N N 300 
SER HB3  H  N N 301 
SER HG   H  N N 302 
SER HXT  H  N N 303 
THR N    N  N N 304 
THR CA   C  N S 305 
THR C    C  N N 306 
THR O    O  N N 307 
THR CB   C  N R 308 
THR OG1  O  N N 309 
THR CG2  C  N N 310 
THR OXT  O  N N 311 
THR H    H  N N 312 
THR H2   H  N N 313 
THR HA   H  N N 314 
THR HB   H  N N 315 
THR HG1  H  N N 316 
THR HG21 H  N N 317 
THR HG22 H  N N 318 
THR HG23 H  N N 319 
THR HXT  H  N N 320 
TRP N    N  N N 321 
TRP CA   C  N S 322 
TRP C    C  N N 323 
TRP O    O  N N 324 
TRP CB   C  N N 325 
TRP CG   C  Y N 326 
TRP CD1  C  Y N 327 
TRP CD2  C  Y N 328 
TRP NE1  N  Y N 329 
TRP CE2  C  Y N 330 
TRP CE3  C  Y N 331 
TRP CZ2  C  Y N 332 
TRP CZ3  C  Y N 333 
TRP CH2  C  Y N 334 
TRP OXT  O  N N 335 
TRP H    H  N N 336 
TRP H2   H  N N 337 
TRP HA   H  N N 338 
TRP HB2  H  N N 339 
TRP HB3  H  N N 340 
TRP HD1  H  N N 341 
TRP HE1  H  N N 342 
TRP HE3  H  N N 343 
TRP HZ2  H  N N 344 
TRP HZ3  H  N N 345 
TRP HH2  H  N N 346 
TRP HXT  H  N N 347 
TYR N    N  N N 348 
TYR CA   C  N S 349 
TYR C    C  N N 350 
TYR O    O  N N 351 
TYR CB   C  N N 352 
TYR CG   C  Y N 353 
TYR CD1  C  Y N 354 
TYR CD2  C  Y N 355 
TYR CE1  C  Y N 356 
TYR CE2  C  Y N 357 
TYR CZ   C  Y N 358 
TYR OH   O  N N 359 
TYR OXT  O  N N 360 
TYR H    H  N N 361 
TYR H2   H  N N 362 
TYR HA   H  N N 363 
TYR HB2  H  N N 364 
TYR HB3  H  N N 365 
TYR HD1  H  N N 366 
TYR HD2  H  N N 367 
TYR HE1  H  N N 368 
TYR HE2  H  N N 369 
TYR HH   H  N N 370 
TYR HXT  H  N N 371 
VAL N    N  N N 372 
VAL CA   C  N S 373 
VAL C    C  N N 374 
VAL O    O  N N 375 
VAL CB   C  N N 376 
VAL CG1  C  N N 377 
VAL CG2  C  N N 378 
VAL OXT  O  N N 379 
VAL H    H  N N 380 
VAL H2   H  N N 381 
VAL HA   H  N N 382 
VAL HB   H  N N 383 
VAL HG11 H  N N 384 
VAL HG12 H  N N 385 
VAL HG13 H  N N 386 
VAL HG21 H  N N 387 
VAL HG22 H  N N 388 
VAL HG23 H  N N 389 
VAL HXT  H  N N 390 
# 
loop_
_chem_comp_bond.comp_id 
_chem_comp_bond.atom_id_1 
_chem_comp_bond.atom_id_2 
_chem_comp_bond.value_order 
_chem_comp_bond.pdbx_aromatic_flag 
_chem_comp_bond.pdbx_stereo_config 
_chem_comp_bond.pdbx_ordinal 
ALA N   CA   sing N N 1   
ALA N   H    sing N N 2   
ALA N   H2   sing N N 3   
ALA CA  C    sing N N 4   
ALA CA  CB   sing N N 5   
ALA CA  HA   sing N N 6   
ALA C   O    doub N N 7   
ALA C   OXT  sing N N 8   
ALA CB  HB1  sing N N 9   
ALA CB  HB2  sing N N 10  
ALA CB  HB3  sing N N 11  
ALA OXT HXT  sing N N 12  
ARG N   CA   sing N N 13  
ARG N   H    sing N N 14  
ARG N   H2   sing N N 15  
ARG CA  C    sing N N 16  
ARG CA  CB   sing N N 17  
ARG CA  HA   sing N N 18  
ARG C   O    doub N N 19  
ARG C   OXT  sing N N 20  
ARG CB  CG   sing N N 21  
ARG CB  HB2  sing N N 22  
ARG CB  HB3  sing N N 23  
ARG CG  CD   sing N N 24  
ARG CG  HG2  sing N N 25  
ARG CG  HG3  sing N N 26  
ARG CD  NE   sing N N 27  
ARG CD  HD2  sing N N 28  
ARG CD  HD3  sing N N 29  
ARG NE  CZ   sing N N 30  
ARG NE  HE   sing N N 31  
ARG CZ  NH1  sing N N 32  
ARG CZ  NH2  doub N N 33  
ARG NH1 HH11 sing N N 34  
ARG NH1 HH12 sing N N 35  
ARG NH2 HH21 sing N N 36  
ARG NH2 HH22 sing N N 37  
ARG OXT HXT  sing N N 38  
ASN N   CA   sing N N 39  
ASN N   H    sing N N 40  
ASN N   H2   sing N N 41  
ASN CA  C    sing N N 42  
ASN CA  CB   sing N N 43  
ASN CA  HA   sing N N 44  
ASN C   O    doub N N 45  
ASN C   OXT  sing N N 46  
ASN CB  CG   sing N N 47  
ASN CB  HB2  sing N N 48  
ASN CB  HB3  sing N N 49  
ASN CG  OD1  doub N N 50  
ASN CG  ND2  sing N N 51  
ASN ND2 HD21 sing N N 52  
ASN ND2 HD22 sing N N 53  
ASN OXT HXT  sing N N 54  
ASP N   CA   sing N N 55  
ASP N   H    sing N N 56  
ASP N   H2   sing N N 57  
ASP CA  C    sing N N 58  
ASP CA  CB   sing N N 59  
ASP CA  HA   sing N N 60  
ASP C   O    doub N N 61  
ASP C   OXT  sing N N 62  
ASP CB  CG   sing N N 63  
ASP CB  HB2  sing N N 64  
ASP CB  HB3  sing N N 65  
ASP CG  OD1  doub N N 66  
ASP CG  OD2  sing N N 67  
ASP OD2 HD2  sing N N 68  
ASP OXT HXT  sing N N 69  
CYS N   CA   sing N N 70  
CYS N   H    sing N N 71  
CYS N   H2   sing N N 72  
CYS CA  C    sing N N 73  
CYS CA  CB   sing N N 74  
CYS CA  HA   sing N N 75  
CYS C   O    doub N N 76  
CYS C   OXT  sing N N 77  
CYS CB  SG   sing N N 78  
CYS CB  HB2  sing N N 79  
CYS CB  HB3  sing N N 80  
CYS SG  HG   sing N N 81  
CYS OXT HXT  sing N N 82  
GLN N   CA   sing N N 83  
GLN N   H    sing N N 84  
GLN N   H2   sing N N 85  
GLN CA  C    sing N N 86  
GLN CA  CB   sing N N 87  
GLN CA  HA   sing N N 88  
GLN C   O    doub N N 89  
GLN C   OXT  sing N N 90  
GLN CB  CG   sing N N 91  
GLN CB  HB2  sing N N 92  
GLN CB  HB3  sing N N 93  
GLN CG  CD   sing N N 94  
GLN CG  HG2  sing N N 95  
GLN CG  HG3  sing N N 96  
GLN CD  OE1  doub N N 97  
GLN CD  NE2  sing N N 98  
GLN NE2 HE21 sing N N 99  
GLN NE2 HE22 sing N N 100 
GLN OXT HXT  sing N N 101 
GLU N   CA   sing N N 102 
GLU N   H    sing N N 103 
GLU N   H2   sing N N 104 
GLU CA  C    sing N N 105 
GLU CA  CB   sing N N 106 
GLU CA  HA   sing N N 107 
GLU C   O    doub N N 108 
GLU C   OXT  sing N N 109 
GLU CB  CG   sing N N 110 
GLU CB  HB2  sing N N 111 
GLU CB  HB3  sing N N 112 
GLU CG  CD   sing N N 113 
GLU CG  HG2  sing N N 114 
GLU CG  HG3  sing N N 115 
GLU CD  OE1  doub N N 116 
GLU CD  OE2  sing N N 117 
GLU OE2 HE2  sing N N 118 
GLU OXT HXT  sing N N 119 
GLY N   CA   sing N N 120 
GLY N   H    sing N N 121 
GLY N   H2   sing N N 122 
GLY CA  C    sing N N 123 
GLY CA  HA2  sing N N 124 
GLY CA  HA3  sing N N 125 
GLY C   O    doub N N 126 
GLY C   OXT  sing N N 127 
GLY OXT HXT  sing N N 128 
HIS N   CA   sing N N 129 
HIS N   H    sing N N 130 
HIS N   H2   sing N N 131 
HIS CA  C    sing N N 132 
HIS CA  CB   sing N N 133 
HIS CA  HA   sing N N 134 
HIS C   O    doub N N 135 
HIS C   OXT  sing N N 136 
HIS CB  CG   sing N N 137 
HIS CB  HB2  sing N N 138 
HIS CB  HB3  sing N N 139 
HIS CG  ND1  sing Y N 140 
HIS CG  CD2  doub Y N 141 
HIS ND1 CE1  doub Y N 142 
HIS ND1 HD1  sing N N 143 
HIS CD2 NE2  sing Y N 144 
HIS CD2 HD2  sing N N 145 
HIS CE1 NE2  sing Y N 146 
HIS CE1 HE1  sing N N 147 
HIS NE2 HE2  sing N N 148 
HIS OXT HXT  sing N N 149 
HOH O   H1   sing N N 150 
HOH O   H2   sing N N 151 
ILE N   CA   sing N N 152 
ILE N   H    sing N N 153 
ILE N   H2   sing N N 154 
ILE CA  C    sing N N 155 
ILE CA  CB   sing N N 156 
ILE CA  HA   sing N N 157 
ILE C   O    doub N N 158 
ILE C   OXT  sing N N 159 
ILE CB  CG1  sing N N 160 
ILE CB  CG2  sing N N 161 
ILE CB  HB   sing N N 162 
ILE CG1 CD1  sing N N 163 
ILE CG1 HG12 sing N N 164 
ILE CG1 HG13 sing N N 165 
ILE CG2 HG21 sing N N 166 
ILE CG2 HG22 sing N N 167 
ILE CG2 HG23 sing N N 168 
ILE CD1 HD11 sing N N 169 
ILE CD1 HD12 sing N N 170 
ILE CD1 HD13 sing N N 171 
ILE OXT HXT  sing N N 172 
LEU N   CA   sing N N 173 
LEU N   H    sing N N 174 
LEU N   H2   sing N N 175 
LEU CA  C    sing N N 176 
LEU CA  CB   sing N N 177 
LEU CA  HA   sing N N 178 
LEU C   O    doub N N 179 
LEU C   OXT  sing N N 180 
LEU CB  CG   sing N N 181 
LEU CB  HB2  sing N N 182 
LEU CB  HB3  sing N N 183 
LEU CG  CD1  sing N N 184 
LEU CG  CD2  sing N N 185 
LEU CG  HG   sing N N 186 
LEU CD1 HD11 sing N N 187 
LEU CD1 HD12 sing N N 188 
LEU CD1 HD13 sing N N 189 
LEU CD2 HD21 sing N N 190 
LEU CD2 HD22 sing N N 191 
LEU CD2 HD23 sing N N 192 
LEU OXT HXT  sing N N 193 
LYS N   CA   sing N N 194 
LYS N   H    sing N N 195 
LYS N   H2   sing N N 196 
LYS CA  C    sing N N 197 
LYS CA  CB   sing N N 198 
LYS CA  HA   sing N N 199 
LYS C   O    doub N N 200 
LYS C   OXT  sing N N 201 
LYS CB  CG   sing N N 202 
LYS CB  HB2  sing N N 203 
LYS CB  HB3  sing N N 204 
LYS CG  CD   sing N N 205 
LYS CG  HG2  sing N N 206 
LYS CG  HG3  sing N N 207 
LYS CD  CE   sing N N 208 
LYS CD  HD2  sing N N 209 
LYS CD  HD3  sing N N 210 
LYS CE  NZ   sing N N 211 
LYS CE  HE2  sing N N 212 
LYS CE  HE3  sing N N 213 
LYS NZ  HZ1  sing N N 214 
LYS NZ  HZ2  sing N N 215 
LYS NZ  HZ3  sing N N 216 
LYS OXT HXT  sing N N 217 
MSE N   CA   sing N N 218 
MSE N   H    sing N N 219 
MSE N   H2   sing N N 220 
MSE CA  C    sing N N 221 
MSE CA  CB   sing N N 222 
MSE CA  HA   sing N N 223 
MSE C   O    doub N N 224 
MSE C   OXT  sing N N 225 
MSE OXT HXT  sing N N 226 
MSE CB  CG   sing N N 227 
MSE CB  HB2  sing N N 228 
MSE CB  HB3  sing N N 229 
MSE CG  SE   sing N N 230 
MSE CG  HG2  sing N N 231 
MSE CG  HG3  sing N N 232 
MSE SE  CE   sing N N 233 
MSE CE  HE1  sing N N 234 
MSE CE  HE2  sing N N 235 
MSE CE  HE3  sing N N 236 
PHE N   CA   sing N N 237 
PHE N   H    sing N N 238 
PHE N   H2   sing N N 239 
PHE CA  C    sing N N 240 
PHE CA  CB   sing N N 241 
PHE CA  HA   sing N N 242 
PHE C   O    doub N N 243 
PHE C   OXT  sing N N 244 
PHE CB  CG   sing N N 245 
PHE CB  HB2  sing N N 246 
PHE CB  HB3  sing N N 247 
PHE CG  CD1  doub Y N 248 
PHE CG  CD2  sing Y N 249 
PHE CD1 CE1  sing Y N 250 
PHE CD1 HD1  sing N N 251 
PHE CD2 CE2  doub Y N 252 
PHE CD2 HD2  sing N N 253 
PHE CE1 CZ   doub Y N 254 
PHE CE1 HE1  sing N N 255 
PHE CE2 CZ   sing Y N 256 
PHE CE2 HE2  sing N N 257 
PHE CZ  HZ   sing N N 258 
PHE OXT HXT  sing N N 259 
PRO N   CA   sing N N 260 
PRO N   CD   sing N N 261 
PRO N   H    sing N N 262 
PRO CA  C    sing N N 263 
PRO CA  CB   sing N N 264 
PRO CA  HA   sing N N 265 
PRO C   O    doub N N 266 
PRO C   OXT  sing N N 267 
PRO CB  CG   sing N N 268 
PRO CB  HB2  sing N N 269 
PRO CB  HB3  sing N N 270 
PRO CG  CD   sing N N 271 
PRO CG  HG2  sing N N 272 
PRO CG  HG3  sing N N 273 
PRO CD  HD2  sing N N 274 
PRO CD  HD3  sing N N 275 
PRO OXT HXT  sing N N 276 
SER N   CA   sing N N 277 
SER N   H    sing N N 278 
SER N   H2   sing N N 279 
SER CA  C    sing N N 280 
SER CA  CB   sing N N 281 
SER CA  HA   sing N N 282 
SER C   O    doub N N 283 
SER C   OXT  sing N N 284 
SER CB  OG   sing N N 285 
SER CB  HB2  sing N N 286 
SER CB  HB3  sing N N 287 
SER OG  HG   sing N N 288 
SER OXT HXT  sing N N 289 
THR N   CA   sing N N 290 
THR N   H    sing N N 291 
THR N   H2   sing N N 292 
THR CA  C    sing N N 293 
THR CA  CB   sing N N 294 
THR CA  HA   sing N N 295 
THR C   O    doub N N 296 
THR C   OXT  sing N N 297 
THR CB  OG1  sing N N 298 
THR CB  CG2  sing N N 299 
THR CB  HB   sing N N 300 
THR OG1 HG1  sing N N 301 
THR CG2 HG21 sing N N 302 
THR CG2 HG22 sing N N 303 
THR CG2 HG23 sing N N 304 
THR OXT HXT  sing N N 305 
TRP N   CA   sing N N 306 
TRP N   H    sing N N 307 
TRP N   H2   sing N N 308 
TRP CA  C    sing N N 309 
TRP CA  CB   sing N N 310 
TRP CA  HA   sing N N 311 
TRP C   O    doub N N 312 
TRP C   OXT  sing N N 313 
TRP CB  CG   sing N N 314 
TRP CB  HB2  sing N N 315 
TRP CB  HB3  sing N N 316 
TRP CG  CD1  doub Y N 317 
TRP CG  CD2  sing Y N 318 
TRP CD1 NE1  sing Y N 319 
TRP CD1 HD1  sing N N 320 
TRP CD2 CE2  doub Y N 321 
TRP CD2 CE3  sing Y N 322 
TRP NE1 CE2  sing Y N 323 
TRP NE1 HE1  sing N N 324 
TRP CE2 CZ2  sing Y N 325 
TRP CE3 CZ3  doub Y N 326 
TRP CE3 HE3  sing N N 327 
TRP CZ2 CH2  doub Y N 328 
TRP CZ2 HZ2  sing N N 329 
TRP CZ3 CH2  sing Y N 330 
TRP CZ3 HZ3  sing N N 331 
TRP CH2 HH2  sing N N 332 
TRP OXT HXT  sing N N 333 
TYR N   CA   sing N N 334 
TYR N   H    sing N N 335 
TYR N   H2   sing N N 336 
TYR CA  C    sing N N 337 
TYR CA  CB   sing N N 338 
TYR CA  HA   sing N N 339 
TYR C   O    doub N N 340 
TYR C   OXT  sing N N 341 
TYR CB  CG   sing N N 342 
TYR CB  HB2  sing N N 343 
TYR CB  HB3  sing N N 344 
TYR CG  CD1  doub Y N 345 
TYR CG  CD2  sing Y N 346 
TYR CD1 CE1  sing Y N 347 
TYR CD1 HD1  sing N N 348 
TYR CD2 CE2  doub Y N 349 
TYR CD2 HD2  sing N N 350 
TYR CE1 CZ   doub Y N 351 
TYR CE1 HE1  sing N N 352 
TYR CE2 CZ   sing Y N 353 
TYR CE2 HE2  sing N N 354 
TYR CZ  OH   sing N N 355 
TYR OH  HH   sing N N 356 
TYR OXT HXT  sing N N 357 
VAL N   CA   sing N N 358 
VAL N   H    sing N N 359 
VAL N   H2   sing N N 360 
VAL CA  C    sing N N 361 
VAL CA  CB   sing N N 362 
VAL CA  HA   sing N N 363 
VAL C   O    doub N N 364 
VAL C   OXT  sing N N 365 
VAL CB  CG1  sing N N 366 
VAL CB  CG2  sing N N 367 
VAL CB  HB   sing N N 368 
VAL CG1 HG11 sing N N 369 
VAL CG1 HG12 sing N N 370 
VAL CG1 HG13 sing N N 371 
VAL CG2 HG21 sing N N 372 
VAL CG2 HG22 sing N N 373 
VAL CG2 HG23 sing N N 374 
VAL OXT HXT  sing N N 375 
# 
_atom_sites.entry_id                    3OR5 
_atom_sites.fract_transf_matrix[1][1]   -0.01195287 
_atom_sites.fract_transf_matrix[1][2]   0.00670933 
_atom_sites.fract_transf_matrix[1][3]   0.01452565 
_atom_sites.fract_transf_matrix[2][1]   -0.01506222 
_atom_sites.fract_transf_matrix[2][2]   -0.01083529 
_atom_sites.fract_transf_matrix[2][3]   -0.00738964 
_atom_sites.fract_transf_matrix[3][1]   0.00231685 
_atom_sites.fract_transf_matrix[3][2]   -0.00659996 
_atom_sites.fract_transf_matrix[3][3]   0.00495498 
_atom_sites.fract_transf_vector[1]      0.026600 
_atom_sites.fract_transf_vector[2]      0.430963 
_atom_sites.fract_transf_vector[3]      0.423467 
# 
loop_
_atom_type.symbol 
C  
N  
O  
S  
SE 
# 
loop_
_atom_site.group_PDB 
_atom_site.id 
_atom_site.type_symbol 
_atom_site.label_atom_id 
_atom_site.label_alt_id 
_atom_site.label_comp_id 
_atom_site.label_asym_id 
_atom_site.label_entity_id 
_atom_site.label_seq_id 
_atom_site.pdbx_PDB_ins_code 
_atom_site.Cartn_x 
_atom_site.Cartn_y 
_atom_site.Cartn_z 
_atom_site.occupancy 
_atom_site.B_iso_or_equiv 
_atom_site.pdbx_formal_charge 
_atom_site.auth_seq_id 
_atom_site.auth_comp_id 
_atom_site.auth_asym_id 
_atom_site.auth_atom_id 
_atom_site.pdbx_PDB_model_num 
ATOM   1    N  N   . ALA A 1 7   ? -4.991  -31.688 5.505   1.00 33.46 ? 28  ALA A N   1 
ATOM   2    C  CA  . ALA A 1 7   ? -5.018  -30.206 5.737   1.00 32.69 ? 28  ALA A CA  1 
ATOM   3    C  C   . ALA A 1 7   ? -4.614  -29.421 4.459   1.00 32.16 ? 28  ALA A C   1 
ATOM   4    O  O   . ALA A 1 7   ? -3.724  -29.863 3.674   1.00 32.35 ? 28  ALA A O   1 
ATOM   5    C  CB  . ALA A 1 7   ? -4.088  -29.878 6.927   1.00 32.32 ? 28  ALA A CB  1 
ATOM   6    N  N   . ASP A 1 8   ? -5.258  -28.254 4.242   1.00 30.17 ? 29  ASP A N   1 
ATOM   7    C  CA  . ASP A 1 8   ? -5.100  -27.529 3.002   1.00 30.01 ? 29  ASP A CA  1 
ATOM   8    C  C   . ASP A 1 8   ? -4.649  -26.100 3.177   1.00 28.10 ? 29  ASP A C   1 
ATOM   9    O  O   . ASP A 1 8   ? -4.989  -25.460 4.151   1.00 23.00 ? 29  ASP A O   1 
ATOM   10   C  CB  . ASP A 1 8   ? -6.420  -27.472 2.228   1.00 32.00 ? 29  ASP A CB  1 
ATOM   11   C  CG  . ASP A 1 8   ? -6.706  -28.768 1.496   1.00 39.86 ? 29  ASP A CG  1 
ATOM   12   O  OD1 . ASP A 1 8   ? -6.171  -28.923 0.354   1.00 48.50 ? 29  ASP A OD1 1 
ATOM   13   O  OD2 . ASP A 1 8   ? -7.465  -29.606 2.071   1.00 45.90 ? 29  ASP A OD2 1 
ATOM   14   N  N   . ALA A 1 9   ? -3.841  -25.643 2.212   1.00 28.55 ? 30  ALA A N   1 
ATOM   15   C  CA  . ALA A 1 9   ? -3.329  -24.261 2.152   1.00 29.41 ? 30  ALA A CA  1 
ATOM   16   C  C   . ALA A 1 9   ? -4.019  -23.363 1.133   1.00 31.29 ? 30  ALA A C   1 
ATOM   17   O  O   . ALA A 1 9   ? -3.462  -23.095 0.045   1.00 32.56 ? 30  ALA A O   1 
ATOM   18   C  CB  . ALA A 1 9   ? -1.868  -24.274 1.849   1.00 29.14 ? 30  ALA A CB  1 
ATOM   19   N  N   . ARG A 1 10  ? -5.097  -22.754 1.592   1.00 30.10 ? 31  ARG A N   1 
ATOM   20   C  CA  . ARG A 1 10  ? -6.031  -21.982 0.795   1.00 32.38 ? 31  ARG A CA  1 
ATOM   21   C  C   . ARG A 1 10  ? -5.464  -20.599 0.426   1.00 31.70 ? 31  ARG A C   1 
ATOM   22   O  O   . ARG A 1 10  ? -5.487  -19.693 1.243   1.00 32.44 ? 31  ARG A O   1 
ATOM   23   C  CB  . ARG A 1 10  ? -7.278  -21.779 1.654   1.00 31.57 ? 31  ARG A CB  1 
ATOM   24   C  CG  . ARG A 1 10  ? -7.776  -23.100 2.295   1.00 36.02 ? 31  ARG A CG  1 
ATOM   25   C  CD  . ARG A 1 10  ? -8.570  -23.999 1.260   1.00 40.60 ? 31  ARG A CD  1 
ATOM   26   N  NE  . ARG A 1 10  ? -9.645  -24.787 1.910   1.00 41.91 ? 31  ARG A NE  1 
ATOM   27   C  CZ  . ARG A 1 10  ? -9.752  -26.123 1.920   1.00 44.18 ? 31  ARG A CZ  1 
ATOM   28   N  NH1 . ARG A 1 10  ? -8.872  -26.909 1.294   1.00 46.09 ? 31  ARG A NH1 1 
ATOM   29   N  NH2 . ARG A 1 10  ? -10.764 -26.682 2.547   1.00 40.25 ? 31  ARG A NH2 1 
ATOM   30   N  N   . PRO A 1 11  ? -4.984  -20.416 -0.821  1.00 32.24 ? 32  PRO A N   1 
ATOM   31   C  CA  . PRO A 1 11  ? -4.429  -19.059 -1.004  1.00 30.65 ? 32  PRO A CA  1 
ATOM   32   C  C   . PRO A 1 11  ? -5.521  -17.979 -1.116  1.00 29.60 ? 32  PRO A C   1 
ATOM   33   O  O   . PRO A 1 11  ? -6.696  -18.260 -1.355  1.00 29.38 ? 32  PRO A O   1 
ATOM   34   C  CB  . PRO A 1 11  ? -3.648  -19.177 -2.304  1.00 31.22 ? 32  PRO A CB  1 
ATOM   35   C  CG  . PRO A 1 11  ? -3.962  -20.549 -2.899  1.00 33.85 ? 32  PRO A CG  1 
ATOM   36   C  CD  . PRO A 1 11  ? -5.141  -21.103 -2.118  1.00 32.31 ? 32  PRO A CD  1 
ATOM   37   N  N   . THR A 1 12  ? -5.102  -16.734 -0.990  1.00 27.12 ? 33  THR A N   1 
ATOM   38   C  CA  . THR A 1 12  ? -6.012  -15.604 -0.918  1.00 25.97 ? 33  THR A CA  1 
ATOM   39   C  C   . THR A 1 12  ? -5.516  -14.648 -2.023  1.00 23.75 ? 33  THR A C   1 
ATOM   40   O  O   . THR A 1 12  ? -4.838  -13.697 -1.716  1.00 22.90 ? 33  THR A O   1 
ATOM   41   C  CB  . THR A 1 12  ? -5.837  -14.955 0.486   1.00 26.05 ? 33  THR A CB  1 
ATOM   42   O  OG1 . THR A 1 12  ? -6.221  -15.914 1.502   1.00 33.08 ? 33  THR A OG1 1 
ATOM   43   C  CG2 . THR A 1 12  ? -6.661  -13.692 0.663   1.00 27.26 ? 33  THR A CG2 1 
ATOM   44   N  N   . PRO A 1 13  ? -5.914  -14.869 -3.292  1.00 23.86 ? 34  PRO A N   1 
ATOM   45   C  CA  . PRO A 1 13  ? -5.398  -14.134 -4.454  1.00 23.96 ? 34  PRO A CA  1 
ATOM   46   C  C   . PRO A 1 13  ? -5.665  -12.642 -4.259  1.00 24.64 ? 34  PRO A C   1 
ATOM   47   O  O   . PRO A 1 13  ? -6.707  -12.227 -3.708  1.00 25.66 ? 34  PRO A O   1 
ATOM   48   C  CB  . PRO A 1 13  ? -6.241  -14.685 -5.629  1.00 25.42 ? 34  PRO A CB  1 
ATOM   49   C  CG  . PRO A 1 13  ? -6.757  -16.017 -5.068  1.00 24.87 ? 34  PRO A CG  1 
ATOM   50   C  CD  . PRO A 1 13  ? -7.051  -15.737 -3.669  1.00 26.19 ? 34  PRO A CD  1 
ATOM   51   N  N   . ALA A 1 14  ? -4.673  -11.823 -4.622  1.00 23.10 ? 35  ALA A N   1 
ATOM   52   C  CA  . ALA A 1 14  ? -4.861  -10.386 -4.530  1.00 22.56 ? 35  ALA A CA  1 
ATOM   53   C  C   . ALA A 1 14  ? -5.873  -9.929  -5.575  1.00 20.65 ? 35  ALA A C   1 
ATOM   54   O  O   . ALA A 1 14  ? -6.008  -10.560 -6.615  1.00 22.08 ? 35  ALA A O   1 
ATOM   55   C  CB  . ALA A 1 14  ? -3.542  -9.714  -4.804  1.00 22.16 ? 35  ALA A CB  1 
ATOM   56   N  N   . PRO A 1 15  ? -6.535  -8.824  -5.312  1.00 21.13 ? 36  PRO A N   1 
ATOM   57   C  CA  . PRO A 1 15  ? -7.487  -8.310  -6.305  1.00 21.63 ? 36  PRO A CA  1 
ATOM   58   C  C   . PRO A 1 15  ? -6.817  -7.557  -7.450  1.00 21.21 ? 36  PRO A C   1 
ATOM   59   O  O   . PRO A 1 15  ? -5.671  -7.148  -7.356  1.00 20.39 ? 36  PRO A O   1 
ATOM   60   C  CB  . PRO A 1 15  ? -8.318  -7.304  -5.513  1.00 23.17 ? 36  PRO A CB  1 
ATOM   61   C  CG  . PRO A 1 15  ? -7.437  -6.884  -4.358  1.00 24.57 ? 36  PRO A CG  1 
ATOM   62   C  CD  . PRO A 1 15  ? -6.404  -7.928  -4.146  1.00 22.87 ? 36  PRO A CD  1 
ATOM   63   N  N   . SER A 1 16  ? -7.535  -7.401  -8.550  1.00 20.91 ? 37  SER A N   1 
ATOM   64   C  CA  . SER A 1 16  ? -7.073  -6.564  -9.656  1.00 21.42 ? 37  SER A CA  1 
ATOM   65   C  C   . SER A 1 16  ? -7.588  -5.185  -9.390  1.00 20.20 ? 37  SER A C   1 
ATOM   66   O  O   . SER A 1 16  ? -8.722  -5.003  -8.967  1.00 21.76 ? 37  SER A O   1 
ATOM   67   C  CB  . SER A 1 16  ? -7.721  -7.041  -10.970 1.00 24.24 ? 37  SER A CB  1 
ATOM   68   O  OG  . SER A 1 16  ? -7.013  -8.171  -11.466 1.00 30.56 ? 37  SER A OG  1 
ATOM   69   N  N   . PHE A 1 17  ? -6.730  -4.199  -9.634  1.00 19.20 ? 38  PHE A N   1 
ATOM   70   C  CA  . PHE A 1 17  ? -7.184  -2.843  -9.501  1.00 17.14 ? 38  PHE A CA  1 
ATOM   71   C  C   . PHE A 1 17  ? -6.247  -1.910  -10.319 1.00 15.19 ? 38  PHE A C   1 
ATOM   72   O  O   . PHE A 1 17  ? -5.127  -2.226  -10.606 1.00 18.37 ? 38  PHE A O   1 
ATOM   73   C  CB  . PHE A 1 17  ? -7.159  -2.396  -8.007  1.00 17.26 ? 38  PHE A CB  1 
ATOM   74   C  CG  . PHE A 1 17  ? -5.815  -2.507  -7.311  1.00 16.52 ? 38  PHE A CG  1 
ATOM   75   C  CD1 . PHE A 1 17  ? -5.162  -1.342  -6.970  1.00 21.95 ? 38  PHE A CD1 1 
ATOM   76   C  CD2 . PHE A 1 17  ? -5.244  -3.705  -6.924  1.00 18.72 ? 38  PHE A CD2 1 
ATOM   77   C  CE1 . PHE A 1 17  ? -3.959  -1.372  -6.272  1.00 22.19 ? 38  PHE A CE1 1 
ATOM   78   C  CE2 . PHE A 1 17  ? -4.012  -3.762  -6.260  1.00 18.91 ? 38  PHE A CE2 1 
ATOM   79   C  CZ  . PHE A 1 17  ? -3.350  -2.572  -5.964  1.00 20.66 ? 38  PHE A CZ  1 
ATOM   80   N  N   . SER A 1 18  ? -6.786  -0.740  -10.647 1.00 15.44 ? 39  SER A N   1 
ATOM   81   C  CA  . SER A 1 18  ? -6.092  0.147   -11.575 1.00 15.72 ? 39  SER A CA  1 
ATOM   82   C  C   . SER A 1 18  ? -6.618  1.531   -11.426 1.00 14.48 ? 39  SER A C   1 
ATOM   83   O  O   . SER A 1 18  ? -7.670  1.749   -10.803 1.00 16.19 ? 39  SER A O   1 
ATOM   84   C  CB  . SER A 1 18  ? -6.249  -0.302  -13.071 1.00 16.47 ? 39  SER A CB  1 
ATOM   85   O  OG  . SER A 1 18  ? -7.584  -0.309  -13.495 1.00 20.96 ? 39  SER A OG  1 
ATOM   86   N  N   . GLY A 1 19  ? -5.882  2.495   -11.976 1.00 14.03 ? 40  GLY A N   1 
ATOM   87   C  CA  . GLY A 1 19  ? -6.447  3.862   -11.990 1.00 15.60 ? 40  GLY A CA  1 
ATOM   88   C  C   . GLY A 1 19  ? -5.424  4.895   -12.407 1.00 14.08 ? 40  GLY A C   1 
ATOM   89   O  O   . GLY A 1 19  ? -4.427  4.560   -13.022 1.00 15.12 ? 40  GLY A O   1 
ATOM   90   N  N   . VAL A 1 20  ? -5.678  6.167   -12.038 1.00 13.35 ? 41  VAL A N   1 
ATOM   91   C  CA  . VAL A 1 20  ? -4.772  7.268   -12.388 1.00 13.99 ? 41  VAL A CA  1 
ATOM   92   C  C   . VAL A 1 20  ? -4.300  7.778   -11.029 1.00 11.77 ? 41  VAL A C   1 
ATOM   93   O  O   . VAL A 1 20  ? -5.124  7.880   -10.104 1.00 12.64 ? 41  VAL A O   1 
ATOM   94   C  CB  . VAL A 1 20  ? -5.516  8.403   -13.090 1.00 14.19 ? 41  VAL A CB  1 
ATOM   95   C  CG1 . VAL A 1 20  ? -4.543  9.559   -13.294 1.00 13.87 ? 41  VAL A CG1 1 
ATOM   96   C  CG2 . VAL A 1 20  ? -5.946  7.899   -14.525 1.00 19.12 ? 41  VAL A CG2 1 
ATOM   97   N  N   . THR A 1 21  ? -3.012  8.009   -10.933 1.00 12.11 ? 42  THR A N   1 
ATOM   98   C  CA  . THR A 1 21  ? -2.450  8.454   -9.658  1.00 11.89 ? 42  THR A CA  1 
ATOM   99   C  C   . THR A 1 21  ? -2.690  9.947   -9.449  1.00 11.79 ? 42  THR A C   1 
ATOM   100  O  O   . THR A 1 21  ? -3.019  10.713  -10.375 1.00 11.74 ? 42  THR A O   1 
ATOM   101  C  CB  . THR A 1 21  ? -0.948  8.225   -9.561  1.00 11.32 ? 42  THR A CB  1 
ATOM   102  O  OG1 . THR A 1 21  ? -0.342  9.053   -10.555 1.00 13.33 ? 42  THR A OG1 1 
ATOM   103  C  CG2 . THR A 1 21  ? -0.582  6.687   -9.783  1.00 13.99 ? 42  THR A CG2 1 
ATOM   104  N  N   . VAL A 1 22  ? -2.549  10.390  -8.181  1.00 10.73 ? 43  VAL A N   1 
ATOM   105  C  CA  . VAL A 1 22  ? -2.740  11.820  -7.809  1.00 9.18  ? 43  VAL A CA  1 
ATOM   106  C  C   . VAL A 1 22  ? -1.833  12.721  -8.640  1.00 11.57 ? 43  VAL A C   1 
ATOM   107  O  O   . VAL A 1 22  ? -2.257  13.848  -8.997  1.00 11.75 ? 43  VAL A O   1 
ATOM   108  C  CB  . VAL A 1 22  ? -2.419  11.905  -6.353  1.00 8.76  ? 43  VAL A CB  1 
ATOM   109  C  CG1 . VAL A 1 22  ? -2.290  13.379  -5.932  1.00 12.52 ? 43  VAL A CG1 1 
ATOM   110  C  CG2 . VAL A 1 22  ? -3.586  11.160  -5.559  1.00 13.62 ? 43  VAL A CG2 1 
ATOM   111  N  N   . ASP A 1 23  ? -0.650  12.238  -8.980  1.00 12.39 ? 44  ASP A N   1 
ATOM   112  C  CA  . ASP A 1 23  ? 0.315   13.018  -9.830  1.00 12.95 ? 44  ASP A CA  1 
ATOM   113  C  C   . ASP A 1 23  ? 0.196   12.707  -11.269 1.00 12.96 ? 44  ASP A C   1 
ATOM   114  O  O   . ASP A 1 23  ? 1.104   13.047  -12.012 1.00 14.84 ? 44  ASP A O   1 
ATOM   115  C  CB  . ASP A 1 23  ? 1.774   12.957  -9.353  1.00 14.70 ? 44  ASP A CB  1 
ATOM   116  C  CG  . ASP A 1 23  ? 2.289   11.563  -9.274  1.00 18.80 ? 44  ASP A CG  1 
ATOM   117  O  OD1 . ASP A 1 23  ? 1.474   10.577  -9.275  1.00 14.28 ? 44  ASP A OD1 1 
ATOM   118  O  OD2 . ASP A 1 23  ? 3.545   11.441  -9.146  1.00 19.45 ? 44  ASP A OD2 1 
ATOM   119  N  N   . GLY A 1 24  ? -0.954  12.131  -11.680 1.00 12.13 ? 45  GLY A N   1 
ATOM   120  C  CA  . GLY A 1 24  ? -1.264  12.079  -13.132 1.00 12.09 ? 45  GLY A CA  1 
ATOM   121  C  C   . GLY A 1 24  ? -0.445  11.045  -13.857 1.00 14.04 ? 45  GLY A C   1 
ATOM   122  O  O   . GLY A 1 24  ? 0.155   11.351  -14.881 1.00 16.07 ? 45  GLY A O   1 
ATOM   123  N  N   . LYS A 1 25  ? -0.308  9.829   -13.300 1.00 13.95 ? 46  LYS A N   1 
ATOM   124  C  CA  . LYS A 1 25  ? 0.440   8.734   -13.963 1.00 12.39 ? 46  LYS A CA  1 
ATOM   125  C  C   . LYS A 1 25  ? -0.520  7.557   -13.991 1.00 13.86 ? 46  LYS A C   1 
ATOM   126  O  O   . LYS A 1 25  ? -1.442  7.465   -13.155 1.00 12.89 ? 46  LYS A O   1 
ATOM   127  C  CB  . LYS A 1 25  ? 1.705   8.377   -13.148 1.00 13.79 ? 46  LYS A CB  1 
ATOM   128  C  CG  . LYS A 1 25  ? 2.655   9.546   -13.232 1.00 14.90 ? 46  LYS A CG  1 
ATOM   129  C  CD  . LYS A 1 25  ? 3.798   9.317   -12.338 1.00 20.13 ? 46  LYS A CD  1 
ATOM   130  C  CE  . LYS A 1 25  ? 4.560   10.666  -12.263 1.00 27.99 ? 46  LYS A CE  1 
ATOM   131  N  NZ  . LYS A 1 25  ? 5.950   10.488  -11.781 1.00 36.41 ? 46  LYS A NZ  1 
ATOM   132  N  N   . PRO A 1 26  ? -0.324  6.605   -14.915 1.00 13.53 ? 47  PRO A N   1 
ATOM   133  C  CA  . PRO A 1 26  ? -1.159  5.428   -14.965 1.00 13.80 ? 47  PRO A CA  1 
ATOM   134  C  C   . PRO A 1 26  ? -0.701  4.400   -13.945 1.00 14.88 ? 47  PRO A C   1 
ATOM   135  O  O   . PRO A 1 26  ? 0.487   4.312   -13.671 1.00 16.28 ? 47  PRO A O   1 
ATOM   136  C  CB  . PRO A 1 26  ? -0.898  4.886   -16.406 1.00 13.26 ? 47  PRO A CB  1 
ATOM   137  C  CG  . PRO A 1 26  ? 0.544   5.397   -16.727 1.00 15.06 ? 47  PRO A CG  1 
ATOM   138  C  CD  . PRO A 1 26  ? 0.769   6.650   -15.906 1.00 14.62 ? 47  PRO A CD  1 
ATOM   139  N  N   . PHE A 1 27  ? -1.655  3.687   -13.338 1.00 15.44 ? 48  PHE A N   1 
ATOM   140  C  CA  . PHE A 1 27  ? -1.314  2.562   -12.507 1.00 14.75 ? 48  PHE A CA  1 
ATOM   141  C  C   . PHE A 1 27  ? -2.192  1.352   -12.787 1.00 15.88 ? 48  PHE A C   1 
ATOM   142  O  O   . PHE A 1 27  ? -3.380  1.448   -12.843 1.00 15.52 ? 48  PHE A O   1 
ATOM   143  C  CB  . PHE A 1 27  ? -1.475  2.921   -10.991 1.00 14.03 ? 48  PHE A CB  1 
ATOM   144  C  CG  . PHE A 1 27  ? -1.277  1.732   -10.135 1.00 14.12 ? 48  PHE A CG  1 
ATOM   145  C  CD1 . PHE A 1 27  ? 0.025   1.285   -9.855  1.00 16.68 ? 48  PHE A CD1 1 
ATOM   146  C  CD2 . PHE A 1 27  ? -2.376  1.006   -9.729  1.00 16.20 ? 48  PHE A CD2 1 
ATOM   147  C  CE1 . PHE A 1 27  ? 0.206   0.002   -9.092  1.00 15.73 ? 48  PHE A CE1 1 
ATOM   148  C  CE2 . PHE A 1 27  ? -2.212  -0.220  -9.026  1.00 17.67 ? 48  PHE A CE2 1 
ATOM   149  C  CZ  . PHE A 1 27  ? -1.002  -0.669  -8.694  1.00 14.73 ? 48  PHE A CZ  1 
ATOM   150  N  N   . SER A 1 28  ? -1.584  0.200   -12.986 1.00 16.86 ? 49  SER A N   1 
ATOM   151  C  CA  . SER A 1 28  ? -2.344  -1.056  -13.056 1.00 17.21 ? 49  SER A CA  1 
ATOM   152  C  C   . SER A 1 28  ? -1.672  -2.129  -12.202 1.00 14.60 ? 49  SER A C   1 
ATOM   153  O  O   . SER A 1 28  ? -0.459  -2.279  -12.251 1.00 16.73 ? 49  SER A O   1 
ATOM   154  C  CB  . SER A 1 28  ? -2.272  -1.574  -14.489 1.00 19.61 ? 49  SER A CB  1 
ATOM   155  O  OG  . SER A 1 28  ? -2.960  -2.822  -14.589 1.00 23.97 ? 49  SER A OG  1 
ATOM   156  N  N   . SER A 1 29  ? -2.473  -2.900  -11.457 1.00 17.09 ? 50  SER A N   1 
ATOM   157  C  CA  . SER A 1 29  ? -2.004  -4.022  -10.656 1.00 17.78 ? 50  SER A CA  1 
ATOM   158  C  C   . SER A 1 29  ? -1.377  -5.091  -11.550 1.00 18.60 ? 50  SER A C   1 
ATOM   159  O  O   . SER A 1 29  ? -0.569  -5.849  -11.086 1.00 19.27 ? 50  SER A O   1 
ATOM   160  C  CB  . SER A 1 29  ? -3.072  -4.639  -9.741  1.00 16.08 ? 50  SER A CB  1 
ATOM   161  O  OG  . SER A 1 29  ? -4.159  -5.151  -10.532 1.00 20.37 ? 50  SER A OG  1 
ATOM   162  N  N   . ALA A 1 30  ? -1.734  -5.084  -12.836 1.00 21.45 ? 51  ALA A N   1 
ATOM   163  C  CA  . ALA A 1 30  ? -1.043  -5.957  -13.785 1.00 22.96 ? 51  ALA A CA  1 
ATOM   164  C  C   . ALA A 1 30  ? 0.457   -5.776  -13.812 1.00 23.30 ? 51  ALA A C   1 
ATOM   165  O  O   . ALA A 1 30  ? 1.212   -6.743  -14.079 1.00 23.85 ? 51  ALA A O   1 
ATOM   166  C  CB  . ALA A 1 30  ? -1.657  -5.781  -15.181 1.00 24.71 ? 51  ALA A CB  1 
ATOM   167  N  N   . SER A 1 31  ? 0.919   -4.578  -13.480 1.00 21.51 ? 52  SER A N   1 
ATOM   168  C  CA  . SER A 1 31  ? 2.306   -4.267  -13.427 1.00 24.14 ? 52  SER A CA  1 
ATOM   169  C  C   . SER A 1 31  ? 2.985   -4.937  -12.282 1.00 23.75 ? 52  SER A C   1 
ATOM   170  O  O   . SER A 1 31  ? 4.227   -4.975  -12.247 1.00 25.98 ? 52  SER A O   1 
ATOM   171  C  CB  . SER A 1 31  ? 2.539   -2.750  -13.315 1.00 25.83 ? 52  SER A CB  1 
ATOM   172  O  OG  . SER A 1 31  ? 2.498   -2.292  -11.975 1.00 28.37 ? 52  SER A OG  1 
ATOM   173  N  N   . LEU A 1 32  ? 2.207   -5.431  -11.329 1.00 20.87 ? 53  LEU A N   1 
ATOM   174  C  CA  . LEU A 1 32  ? 2.763   -6.026  -10.136 1.00 20.27 ? 53  LEU A CA  1 
ATOM   175  C  C   . LEU A 1 32  ? 2.899   -7.539  -10.186 1.00 21.09 ? 53  LEU A C   1 
ATOM   176  O  O   . LEU A 1 32  ? 3.211   -8.174  -9.176  1.00 20.01 ? 53  LEU A O   1 
ATOM   177  C  CB  . LEU A 1 32  ? 1.930   -5.652  -8.918  1.00 20.32 ? 53  LEU A CB  1 
ATOM   178  C  CG  . LEU A 1 32  ? 1.993   -4.086  -8.836  1.00 23.26 ? 53  LEU A CG  1 
ATOM   179  C  CD1 . LEU A 1 32  ? 1.504   -3.570  -7.554  1.00 29.90 ? 53  LEU A CD1 1 
ATOM   180  C  CD2 . LEU A 1 32  ? 3.396   -3.420  -9.159  1.00 25.56 ? 53  LEU A CD2 1 
ATOM   181  N  N   . LYS A 1 33  ? 2.671   -8.134  -11.355 1.00 20.81 ? 54  LYS A N   1 
ATOM   182  C  CA  . LYS A 1 33  ? 2.844   -9.582  -11.434 1.00 22.08 ? 54  LYS A CA  1 
ATOM   183  C  C   . LYS A 1 33  ? 4.240   -10.006 -11.016 1.00 19.53 ? 54  LYS A C   1 
ATOM   184  O  O   . LYS A 1 33  ? 5.200   -9.490  -11.517 1.00 20.47 ? 54  LYS A O   1 
ATOM   185  C  CB  . LYS A 1 33  ? 2.587   -10.071 -12.857 1.00 22.42 ? 54  LYS A CB  1 
ATOM   186  C  CG  . LYS A 1 33  ? 2.600   -11.591 -12.906 1.00 28.72 ? 54  LYS A CG  1 
ATOM   187  C  CD  . LYS A 1 33  ? 3.040   -12.066 -14.305 1.00 37.93 ? 54  LYS A CD  1 
ATOM   188  C  CE  . LYS A 1 33  ? 2.889   -13.588 -14.452 1.00 41.25 ? 54  LYS A CE  1 
ATOM   189  N  NZ  . LYS A 1 33  ? 2.036   -13.852 -15.655 1.00 47.10 ? 54  LYS A NZ  1 
ATOM   190  N  N   . GLY A 1 34  ? 4.333   -10.923 -10.050 1.00 18.36 ? 55  GLY A N   1 
ATOM   191  C  CA  . GLY A 1 34  ? 5.579   -11.456 -9.561  1.00 17.66 ? 55  GLY A CA  1 
ATOM   192  C  C   . GLY A 1 34  ? 6.327   -10.588 -8.550  1.00 17.81 ? 55  GLY A C   1 
ATOM   193  O  O   . GLY A 1 34  ? 7.430   -10.920 -8.113  1.00 18.06 ? 55  GLY A O   1 
ATOM   194  N  N   . LYS A 1 35  ? 5.716   -9.472  -8.228  1.00 16.51 ? 56  LYS A N   1 
ATOM   195  C  CA  . LYS A 1 35  ? 6.254   -8.524  -7.270  1.00 15.29 ? 56  LYS A CA  1 
ATOM   196  C  C   . LYS A 1 35  ? 5.539   -8.610  -5.924  1.00 15.66 ? 56  LYS A C   1 
ATOM   197  O  O   . LYS A 1 35  ? 4.378   -8.836  -5.894  1.00 16.68 ? 56  LYS A O   1 
ATOM   198  C  CB  . LYS A 1 35  ? 6.125   -7.098  -7.811  1.00 16.90 ? 56  LYS A CB  1 
ATOM   199  C  CG  . LYS A 1 35  ? 6.988   -6.760  -8.974  1.00 22.26 ? 56  LYS A CG  1 
ATOM   200  C  CD  . LYS A 1 35  ? 7.088   -5.275  -9.226  1.00 29.10 ? 56  LYS A CD  1 
ATOM   201  C  CE  . LYS A 1 35  ? 7.945   -4.939  -10.386 1.00 32.44 ? 56  LYS A CE  1 
ATOM   202  N  NZ  . LYS A 1 35  ? 7.647   -3.608  -10.935 1.00 40.12 ? 56  LYS A NZ  1 
ATOM   203  N  N   . ALA A 1 36  ? 6.283   -8.436  -4.846  1.00 13.69 ? 57  ALA A N   1 
ATOM   204  C  CA  . ALA A 1 36  ? 5.617   -8.292  -3.525  1.00 13.09 ? 57  ALA A CA  1 
ATOM   205  C  C   . ALA A 1 36  ? 5.205   -6.820  -3.487  1.00 11.65 ? 57  ALA A C   1 
ATOM   206  O  O   . ALA A 1 36  ? 5.823   -5.959  -4.101  1.00 12.10 ? 57  ALA A O   1 
ATOM   207  C  CB  . ALA A 1 36  ? 6.520   -8.608  -2.420  1.00 12.63 ? 57  ALA A CB  1 
ATOM   208  N  N   . TYR A 1 37  ? 4.098   -6.520  -2.768  1.00 10.14 ? 58  TYR A N   1 
ATOM   209  C  CA  . TYR A 1 37  ? 3.755   -5.100  -2.661  1.00 9.59  ? 58  TYR A CA  1 
ATOM   210  C  C   . TYR A 1 37  ? 2.910   -4.949  -1.386  1.00 10.53 ? 58  TYR A C   1 
ATOM   211  O  O   . TYR A 1 37  ? 2.310   -5.931  -0.896  1.00 11.59 ? 58  TYR A O   1 
ATOM   212  C  CB  . TYR A 1 37  ? 3.022   -4.554  -3.863  1.00 9.42  ? 58  TYR A CB  1 
ATOM   213  C  CG  . TYR A 1 37  ? 1.765   -5.319  -4.322  1.00 10.79 ? 58  TYR A CG  1 
ATOM   214  C  CD1 . TYR A 1 37  ? 0.525   -4.848  -3.954  1.00 14.27 ? 58  TYR A CD1 1 
ATOM   215  C  CD2 . TYR A 1 37  ? 1.853   -6.398  -5.205  1.00 15.92 ? 58  TYR A CD2 1 
ATOM   216  C  CE1 . TYR A 1 37  ? -0.649  -5.461  -4.429  1.00 15.92 ? 58  TYR A CE1 1 
ATOM   217  C  CE2 . TYR A 1 37  ? 0.736   -7.000  -5.671  1.00 20.76 ? 58  TYR A CE2 1 
ATOM   218  C  CZ  . TYR A 1 37  ? -0.492  -6.594  -5.236  1.00 20.09 ? 58  TYR A CZ  1 
ATOM   219  O  OH  . TYR A 1 37  ? -1.649  -7.162  -5.739  1.00 23.86 ? 58  TYR A OH  1 
ATOM   220  N  N   . ILE A 1 38  ? 2.857   -3.714  -0.914  1.00 10.23 ? 59  ILE A N   1 
ATOM   221  C  CA  . ILE A 1 38  ? 2.014   -3.413  0.295   1.00 8.56  ? 59  ILE A CA  1 
ATOM   222  C  C   . ILE A 1 38  ? 1.115   -2.291  -0.126  1.00 10.18 ? 59  ILE A C   1 
ATOM   223  O  O   . ILE A 1 38  ? 1.610   -1.229  -0.579  1.00 11.33 ? 59  ILE A O   1 
ATOM   224  C  CB  . ILE A 1 38  ? 2.899   -3.041  1.510   1.00 8.69  ? 59  ILE A CB  1 
ATOM   225  C  CG1 . ILE A 1 38  ? 3.629   -4.283  2.052   1.00 12.00 ? 59  ILE A CG1 1 
ATOM   226  C  CG2 . ILE A 1 38  ? 2.031   -2.447  2.614   1.00 12.03 ? 59  ILE A CG2 1 
ATOM   227  C  CD1 . ILE A 1 38  ? 4.747   -3.907  3.091   1.00 13.41 ? 59  ILE A CD1 1 
ATOM   228  N  N   . VAL A 1 39  ? -0.213  -2.504  0.046   1.00 10.04 ? 60  VAL A N   1 
ATOM   229  C  CA  . VAL A 1 39  ? -1.205  -1.461  -0.329  1.00 9.46  ? 60  VAL A CA  1 
ATOM   230  C  C   . VAL A 1 39  ? -1.578  -0.787  0.988   1.00 9.54  ? 60  VAL A C   1 
ATOM   231  O  O   . VAL A 1 39  ? -2.028  -1.443  1.925   1.00 10.54 ? 60  VAL A O   1 
ATOM   232  C  CB  . VAL A 1 39  ? -2.408  -2.097  -0.969  1.00 10.92 ? 60  VAL A CB  1 
ATOM   233  C  CG1 . VAL A 1 39  ? -3.495  -1.016  -1.281  1.00 12.94 ? 60  VAL A CG1 1 
ATOM   234  C  CG2 . VAL A 1 39  ? -1.980  -2.870  -2.252  1.00 13.45 ? 60  VAL A CG2 1 
ATOM   235  N  N   . ASN A 1 40  ? -1.357  0.521   1.048   1.00 8.69  ? 61  ASN A N   1 
ATOM   236  C  CA  . ASN A 1 40  ? -1.454  1.338   2.302   1.00 9.25  ? 61  ASN A CA  1 
ATOM   237  C  C   . ASN A 1 40  ? -2.620  2.265   2.104   1.00 8.85  ? 61  ASN A C   1 
ATOM   238  O  O   . ASN A 1 40  ? -2.586  3.197   1.293   1.00 9.74  ? 61  ASN A O   1 
ATOM   239  C  CB  . ASN A 1 40  ? -0.170  2.132   2.540   1.00 9.16  ? 61  ASN A CB  1 
ATOM   240  C  CG  . ASN A 1 40  ? -0.298  3.072   3.705   1.00 11.47 ? 61  ASN A CG  1 
ATOM   241  O  OD1 . ASN A 1 40  ? -0.724  2.630   4.810   1.00 16.78 ? 61  ASN A OD1 1 
ATOM   242  N  ND2 . ASN A 1 40  ? 0.136   4.218   3.555   1.00 9.64  ? 61  ASN A ND2 1 
ATOM   243  N  N   . PHE A 1 41  ? -3.683  2.044   2.907   1.00 9.96  ? 62  PHE A N   1 
ATOM   244  C  CA  . PHE A 1 41  ? -4.837  2.995   2.941   1.00 11.16 ? 62  PHE A CA  1 
ATOM   245  C  C   . PHE A 1 41  ? -4.481  3.980   3.995   1.00 10.12 ? 62  PHE A C   1 
ATOM   246  O  O   . PHE A 1 41  ? -4.203  3.613   5.167   1.00 11.45 ? 62  PHE A O   1 
ATOM   247  C  CB  . PHE A 1 41  ? -6.144  2.256   3.330   1.00 10.85 ? 62  PHE A CB  1 
ATOM   248  C  CG  . PHE A 1 41  ? -6.704  1.470   2.155   1.00 10.86 ? 62  PHE A CG  1 
ATOM   249  C  CD1 . PHE A 1 41  ? -7.751  1.949   1.326   1.00 11.79 ? 62  PHE A CD1 1 
ATOM   250  C  CD2 . PHE A 1 41  ? -6.138  0.211   1.878   1.00 11.47 ? 62  PHE A CD2 1 
ATOM   251  C  CE1 . PHE A 1 41  ? -8.196  1.212   0.220   1.00 11.38 ? 62  PHE A CE1 1 
ATOM   252  C  CE2 . PHE A 1 41  ? -6.580  -0.548  0.755   1.00 10.73 ? 62  PHE A CE2 1 
ATOM   253  C  CZ  . PHE A 1 41  ? -7.676  -0.089  -0.038  1.00 12.71 ? 62  PHE A CZ  1 
ATOM   254  N  N   . PHE A 1 42  ? -4.446  5.239   3.611   1.00 10.35 ? 63  PHE A N   1 
ATOM   255  C  CA  . PHE A 1 42  ? -3.899  6.288   4.514   1.00 9.06  ? 63  PHE A CA  1 
ATOM   256  C  C   . PHE A 1 42  ? -4.582  7.634   4.314   1.00 9.98  ? 63  PHE A C   1 
ATOM   257  O  O   . PHE A 1 42  ? -5.248  7.824   3.282   1.00 9.88  ? 63  PHE A O   1 
ATOM   258  C  CB  . PHE A 1 42  ? -2.362  6.531   4.271   1.00 9.77  ? 63  PHE A CB  1 
ATOM   259  C  CG  . PHE A 1 42  ? -2.076  7.241   2.977   1.00 10.52 ? 63  PHE A CG  1 
ATOM   260  C  CD1 . PHE A 1 42  ? -1.691  8.581   2.984   1.00 14.48 ? 63  PHE A CD1 1 
ATOM   261  C  CD2 . PHE A 1 42  ? -2.185  6.577   1.739   1.00 11.11 ? 63  PHE A CD2 1 
ATOM   262  C  CE1 . PHE A 1 42  ? -1.472  9.274   1.800   1.00 14.36 ? 63  PHE A CE1 1 
ATOM   263  C  CE2 . PHE A 1 42  ? -1.916  7.272   0.525   1.00 11.56 ? 63  PHE A CE2 1 
ATOM   264  C  CZ  . PHE A 1 42  ? -1.576  8.624   0.560   1.00 14.57 ? 63  PHE A CZ  1 
ATOM   265  N  N   . ALA A 1 43  ? -4.350  8.602   5.269   1.00 10.02 ? 64  ALA A N   1 
ATOM   266  C  CA  . ALA A 1 43  ? -4.678  9.954   5.012   1.00 10.92 ? 64  ALA A CA  1 
ATOM   267  C  C   . ALA A 1 43  ? -3.502  10.814  5.459   1.00 11.69 ? 64  ALA A C   1 
ATOM   268  O  O   . ALA A 1 43  ? -2.808  10.456  6.415   1.00 12.31 ? 64  ALA A O   1 
ATOM   269  C  CB  . ALA A 1 43  ? -5.978  10.375  5.795   1.00 12.23 ? 64  ALA A CB  1 
ATOM   270  N  N   . THR A 1 44  ? -3.268  11.901  4.730   1.00 10.66 ? 65  THR A N   1 
ATOM   271  C  CA  . THR A 1 44  ? -2.062  12.708  5.080   1.00 11.53 ? 65  THR A CA  1 
ATOM   272  C  C   . THR A 1 44  ? -2.338  13.527  6.352   1.00 12.79 ? 65  THR A C   1 
ATOM   273  O  O   . THR A 1 44  ? -1.378  14.004  6.935   1.00 13.95 ? 65  THR A O   1 
ATOM   274  C  CB  . THR A 1 44  ? -1.621  13.667  3.992   1.00 12.78 ? 65  THR A CB  1 
ATOM   275  O  OG1 . THR A 1 44  ? -2.508  14.804  3.898   1.00 12.61 ? 65  THR A OG1 1 
ATOM   276  C  CG2 . THR A 1 44  ? -1.576  12.930  2.623   1.00 13.31 ? 65  THR A CG2 1 
ATOM   277  N  N   . TRP A 1 45  ? -3.612  13.685  6.732   1.00 11.66 ? 66  TRP A N   1 
ATOM   278  C  CA  . TRP A 1 45  ? -3.887  14.414  7.978   1.00 12.39 ? 66  TRP A CA  1 
ATOM   279  C  C   . TRP A 1 45  ? -3.757  13.560  9.221   1.00 14.25 ? 66  TRP A C   1 
ATOM   280  O  O   . TRP A 1 45  ? -3.836  14.060  10.371  1.00 14.09 ? 66  TRP A O   1 
ATOM   281  C  CB  . TRP A 1 45  ? -5.276  15.062  7.897   1.00 12.35 ? 66  TRP A CB  1 
ATOM   282  C  CG  . TRP A 1 45  ? -6.419  14.117  7.528   1.00 11.98 ? 66  TRP A CG  1 
ATOM   283  C  CD1 . TRP A 1 45  ? -7.058  14.102  6.315   1.00 12.77 ? 66  TRP A CD1 1 
ATOM   284  C  CD2 . TRP A 1 45  ? -7.045  13.115  8.325   1.00 13.77 ? 66  TRP A CD2 1 
ATOM   285  N  NE1 . TRP A 1 45  ? -8.040  13.184  6.339   1.00 12.41 ? 66  TRP A NE1 1 
ATOM   286  C  CE2 . TRP A 1 45  ? -8.070  12.550  7.534   1.00 13.75 ? 66  TRP A CE2 1 
ATOM   287  C  CE3 . TRP A 1 45  ? -6.877  12.650  9.632   1.00 12.36 ? 66  TRP A CE3 1 
ATOM   288  C  CZ2 . TRP A 1 45  ? -8.928  11.565  8.010   1.00 13.17 ? 66  TRP A CZ2 1 
ATOM   289  C  CZ3 . TRP A 1 45  ? -7.731  11.654  10.124  1.00 15.97 ? 66  TRP A CZ3 1 
ATOM   290  C  CH2 . TRP A 1 45  ? -8.710  11.094  9.290   1.00 16.31 ? 66  TRP A CH2 1 
ATOM   291  N  N   . CYS A 1 46  ? -3.613  12.235  9.047   1.00 12.75 ? 67  CYS A N   1 
ATOM   292  C  CA  . CYS A 1 46  ? -3.684  11.271  10.161  1.00 14.16 ? 67  CYS A CA  1 
ATOM   293  C  C   . CYS A 1 46  ? -2.305  11.086  10.787  1.00 13.51 ? 67  CYS A C   1 
ATOM   294  O  O   . CYS A 1 46  ? -1.320  10.749  10.128  1.00 11.22 ? 67  CYS A O   1 
ATOM   295  C  CB  . CYS A 1 46  ? -4.298  9.986   9.555   1.00 15.09 ? 67  CYS A CB  1 
ATOM   296  S  SG  . CYS A 1 46  ? -4.219  8.643   10.836  1.00 21.25 ? 67  CYS A SG  1 
ATOM   297  N  N   . PRO A 1 47  ? -2.109  11.468  12.070  1.00 12.87 ? 68  PRO A N   1 
ATOM   298  C  CA  . PRO A 1 47  ? -0.710  11.480  12.558  1.00 13.91 ? 68  PRO A CA  1 
ATOM   299  C  C   . PRO A 1 47  ? 0.093   10.168  12.461  1.00 14.45 ? 68  PRO A C   1 
ATOM   300  O  O   . PRO A 1 47  ? 1.280   10.266  12.112  1.00 14.55 ? 68  PRO A O   1 
ATOM   301  C  CB  . PRO A 1 47  ? -0.871  11.913  14.052  1.00 18.17 ? 68  PRO A CB  1 
ATOM   302  C  CG  . PRO A 1 47  ? -2.030  12.854  13.932  1.00 16.09 ? 68  PRO A CG  1 
ATOM   303  C  CD  . PRO A 1 47  ? -3.026  12.271  12.938  1.00 15.07 ? 68  PRO A CD  1 
ATOM   304  N  N   . PRO A 1 48  ? -0.506  9.004   12.760  1.00 15.32 ? 69  PRO A N   1 
ATOM   305  C  CA  . PRO A 1 48  ? 0.265   7.790   12.547  1.00 16.26 ? 69  PRO A CA  1 
ATOM   306  C  C   . PRO A 1 48  ? 0.659   7.581   11.113  1.00 16.46 ? 69  PRO A C   1 
ATOM   307  O  O   . PRO A 1 48  ? 1.756   7.047   10.885  1.00 18.40 ? 69  PRO A O   1 
ATOM   308  C  CB  . PRO A 1 48  ? -0.635  6.635   13.029  1.00 16.45 ? 69  PRO A CB  1 
ATOM   309  C  CG  . PRO A 1 48  ? -1.990  7.176   13.191  1.00 19.50 ? 69  PRO A CG  1 
ATOM   310  C  CD  . PRO A 1 48  ? -1.793  8.729   13.434  1.00 18.23 ? 69  PRO A CD  1 
ATOM   311  N  N   . CYS A 1 49  ? -0.176  8.016   10.165  1.00 15.47 ? 70  CYS A N   1 
ATOM   312  C  CA  . CYS A 1 49  ? 0.314   7.983   8.745   1.00 13.45 ? 70  CYS A CA  1 
ATOM   313  C  C   . CYS A 1 49  ? 1.468   8.900   8.489   1.00 14.11 ? 70  CYS A C   1 
ATOM   314  O  O   . CYS A 1 49  ? 2.429   8.544   7.772   1.00 16.70 ? 70  CYS A O   1 
ATOM   315  C  CB  . CYS A 1 49  ? -0.838  8.322   7.781   1.00 13.00 ? 70  CYS A CB  1 
ATOM   316  S  SG  . CYS A 1 49  ? -2.284  7.236   7.893   1.00 15.34 ? 70  CYS A SG  1 
ATOM   317  N  N   . ARG A 1 50  ? 1.480   10.114  9.081   1.00 13.10 ? 71  ARG A N   1 
ATOM   318  C  CA  . ARG A 1 50  ? 2.533   11.050  8.859   1.00 13.27 ? 71  ARG A CA  1 
ATOM   319  C  C   . ARG A 1 50  ? 3.818   10.550  9.463   1.00 14.09 ? 71  ARG A C   1 
ATOM   320  O  O   . ARG A 1 50  ? 4.921   10.893  8.981   1.00 17.97 ? 71  ARG A O   1 
ATOM   321  C  CB  . ARG A 1 50  ? 2.161   12.428  9.474   1.00 14.96 ? 71  ARG A CB  1 
ATOM   322  C  CG  . ARG A 1 50  ? 0.962   13.017  8.764   1.00 14.23 ? 71  ARG A CG  1 
ATOM   323  C  CD  . ARG A 1 50  ? 0.635   14.397  9.352   1.00 16.85 ? 71  ARG A CD  1 
ATOM   324  N  NE  . ARG A 1 50  ? 1.642   15.410  9.037   1.00 18.79 ? 71  ARG A NE  1 
ATOM   325  C  CZ  . ARG A 1 50  ? 1.629   16.144  7.930   1.00 20.95 ? 71  ARG A CZ  1 
ATOM   326  N  NH1 . ARG A 1 50  ? 0.690   15.978  6.994   1.00 14.23 ? 71  ARG A NH1 1 
ATOM   327  N  NH2 . ARG A 1 50  ? 2.547   17.107  7.788   1.00 24.26 ? 71  ARG A NH2 1 
ATOM   328  N  N   . SER A 1 51  ? 3.669   9.691   10.497  1.00 15.39 ? 72  SER A N   1 
ATOM   329  C  CA  . SER A 1 51  ? 4.838   9.113   11.140  1.00 16.81 ? 72  SER A CA  1 
ATOM   330  C  C   . SER A 1 51  ? 5.442   8.008   10.270  1.00 18.28 ? 72  SER A C   1 
ATOM   331  O  O   . SER A 1 51  ? 6.695   7.886   10.091  1.00 21.01 ? 72  SER A O   1 
ATOM   332  C  CB  . SER A 1 51  ? 4.413   8.514   12.484  1.00 19.26 ? 72  SER A CB  1 
ATOM   333  O  OG  . SER A 1 51  ? 5.625   8.148   13.138  1.00 26.33 ? 72  SER A OG  1 
ATOM   334  N  N   . GLU A 1 52  ? 4.575   7.249   9.649   1.00 14.21 ? 73  GLU A N   1 
ATOM   335  C  CA  . GLU A 1 52  ? 5.069   6.069   8.955   1.00 15.20 ? 73  GLU A CA  1 
ATOM   336  C  C   . GLU A 1 52  ? 5.424   6.283   7.502   1.00 15.16 ? 73  GLU A C   1 
ATOM   337  O  O   . GLU A 1 52  ? 6.317   5.523   6.958   1.00 14.59 ? 73  GLU A O   1 
ATOM   338  C  CB  . GLU A 1 52  ? 4.240   4.846   9.145   1.00 19.46 ? 73  GLU A CB  1 
ATOM   339  C  CG  . GLU A 1 52  ? 2.949   4.865   8.560   1.00 23.82 ? 73  GLU A CG  1 
ATOM   340  C  CD  . GLU A 1 52  ? 2.244   3.475   8.700   1.00 32.16 ? 73  GLU A CD  1 
ATOM   341  O  OE1 . GLU A 1 52  ? 2.480   2.725   9.697   1.00 34.23 ? 73  GLU A OE1 1 
ATOM   342  O  OE2 . GLU A 1 52  ? 1.480   3.138   7.781   1.00 21.23 ? 73  GLU A OE2 1 
ATOM   343  N  N   . ILE A 1 53  ? 4.728   7.219   6.837   1.00 13.43 ? 74  ILE A N   1 
ATOM   344  C  CA  . ILE A 1 53  ? 5.012   7.349   5.379   1.00 14.08 ? 74  ILE A CA  1 
ATOM   345  C  C   . ILE A 1 53  ? 6.481   7.691   5.070   1.00 14.32 ? 74  ILE A C   1 
ATOM   346  O  O   . ILE A 1 53  ? 7.007   7.142   4.098   1.00 13.67 ? 74  ILE A O   1 
ATOM   347  C  CB  . ILE A 1 53  ? 4.016   8.280   4.723   1.00 15.53 ? 74  ILE A CB  1 
ATOM   348  C  CG1 . ILE A 1 53  ? 2.690   7.482   4.572   1.00 15.69 ? 74  ILE A CG1 1 
ATOM   349  C  CG2 . ILE A 1 53  ? 4.555   8.772   3.303   1.00 17.50 ? 74  ILE A CG2 1 
ATOM   350  C  CD1 . ILE A 1 53  ? 1.502   8.338   4.202   1.00 20.97 ? 74  ILE A CD1 1 
ATOM   351  N  N   . PRO A 1 54  ? 7.167   8.522   5.827   1.00 14.28 ? 75  PRO A N   1 
ATOM   352  C  CA  . PRO A 1 54  ? 8.606   8.727   5.522   1.00 14.50 ? 75  PRO A CA  1 
ATOM   353  C  C   . PRO A 1 54  ? 9.448   7.459   5.645   1.00 15.35 ? 75  PRO A C   1 
ATOM   354  O  O   . PRO A 1 54  ? 10.438  7.281   4.876   1.00 14.65 ? 75  PRO A O   1 
ATOM   355  C  CB  . PRO A 1 54  ? 9.054   9.799   6.513   1.00 16.26 ? 75  PRO A CB  1 
ATOM   356  C  CG  . PRO A 1 54  ? 7.760   10.576  6.753   1.00 16.45 ? 75  PRO A CG  1 
ATOM   357  C  CD  . PRO A 1 54  ? 6.626   9.571   6.745   1.00 14.79 ? 75  PRO A CD  1 
ATOM   358  N  N   . ASP A 1 55  ? 9.098   6.539   6.542   1.00 13.89 ? 76  ASP A N   1 
ATOM   359  C  CA  . ASP A 1 55  ? 9.832   5.262   6.658   1.00 13.82 ? 76  ASP A CA  1 
ATOM   360  C  C   . ASP A 1 55  ? 9.483   4.417   5.433   1.00 12.90 ? 76  ASP A C   1 
ATOM   361  O  O   . ASP A 1 55  ? 10.338  3.721   4.957   1.00 14.05 ? 76  ASP A O   1 
ATOM   362  C  CB  . ASP A 1 55  ? 9.415   4.518   7.934   1.00 15.86 ? 76  ASP A CB  1 
ATOM   363  C  CG  . ASP A 1 55  ? 9.960   5.259   9.217   1.00 19.33 ? 76  ASP A CG  1 
ATOM   364  O  OD1 . ASP A 1 55  ? 10.939  6.000   9.111   1.00 21.96 ? 76  ASP A OD1 1 
ATOM   365  O  OD2 . ASP A 1 55  ? 9.442   5.051   10.329  1.00 22.21 ? 76  ASP A OD2 1 
HETATM 366  N  N   . MSE A 1 56  ? 8.231   4.449   4.999   1.00 12.39 ? 77  MSE A N   1 
HETATM 367  C  CA  . MSE A 1 56  ? 7.805   3.711   3.808   1.00 11.18 ? 77  MSE A CA  1 
HETATM 368  C  C   . MSE A 1 56  ? 8.642   4.200   2.615   1.00 11.72 ? 77  MSE A C   1 
HETATM 369  O  O   . MSE A 1 56  ? 9.064   3.376   1.800   1.00 13.14 ? 77  MSE A O   1 
HETATM 370  C  CB  . MSE A 1 56  ? 6.317   3.877   3.495   1.00 13.61 ? 77  MSE A CB  1 
HETATM 371  C  CG  . MSE A 1 56  ? 5.550   3.099   4.539   1.00 12.01 ? 77  MSE A CG  1 
HETATM 372  SE SE  . MSE A 1 56  ? 3.607   3.477   4.306   1.00 28.76 ? 77  MSE A SE  1 
HETATM 373  C  CE  . MSE A 1 56  ? 3.451   3.158   2.514   1.00 23.85 ? 77  MSE A CE  1 
ATOM   374  N  N   . VAL A 1 57  ? 8.798   5.520   2.550   1.00 9.52  ? 78  VAL A N   1 
ATOM   375  C  CA  . VAL A 1 57  ? 9.554   6.096   1.360   1.00 10.88 ? 78  VAL A CA  1 
ATOM   376  C  C   . VAL A 1 57  ? 11.003  5.561   1.445   1.00 11.67 ? 78  VAL A C   1 
ATOM   377  O  O   . VAL A 1 57  ? 11.581  5.173   0.405   1.00 11.98 ? 78  VAL A O   1 
ATOM   378  C  CB  . VAL A 1 57  ? 9.511   7.630   1.424   1.00 12.59 ? 78  VAL A CB  1 
ATOM   379  C  CG1 . VAL A 1 57  ? 10.502  8.246   0.398   1.00 14.70 ? 78  VAL A CG1 1 
ATOM   380  C  CG2 . VAL A 1 57  ? 8.104   8.085   1.051   1.00 13.40 ? 78  VAL A CG2 1 
ATOM   381  N  N   . GLN A 1 58  ? 11.610  5.532   2.632   1.00 12.85 ? 79  GLN A N   1 
ATOM   382  C  CA  . GLN A 1 58  ? 12.955  4.981   2.686   1.00 12.87 ? 79  GLN A CA  1 
ATOM   383  C  C   . GLN A 1 58  ? 13.026  3.499   2.293   1.00 12.92 ? 79  GLN A C   1 
ATOM   384  O  O   . GLN A 1 58  ? 13.978  3.043   1.604   1.00 13.86 ? 79  GLN A O   1 
ATOM   385  C  CB  . GLN A 1 58  ? 13.582  5.153   4.076   1.00 14.00 ? 79  GLN A CB  1 
ATOM   386  C  CG  . GLN A 1 58  ? 15.105  5.017   3.994   1.00 22.08 ? 79  GLN A CG  1 
ATOM   387  C  CD  . GLN A 1 58  ? 15.780  6.105   3.150   1.00 28.77 ? 79  GLN A CD  1 
ATOM   388  O  OE1 . GLN A 1 58  ? 15.586  7.300   3.393   1.00 31.39 ? 79  GLN A OE1 1 
ATOM   389  N  NE2 . GLN A 1 58  ? 16.538  5.692   2.117   1.00 33.15 ? 79  GLN A NE2 1 
ATOM   390  N  N   . VAL A 1 59  ? 12.070  2.709   2.788   1.00 10.72 ? 80  VAL A N   1 
ATOM   391  C  CA  . VAL A 1 59  ? 12.027  1.298   2.413   1.00 10.21 ? 80  VAL A CA  1 
ATOM   392  C  C   . VAL A 1 59  ? 11.818  1.123   0.871   1.00 11.27 ? 80  VAL A C   1 
ATOM   393  O  O   . VAL A 1 59  ? 12.417  0.224   0.208   1.00 12.05 ? 80  VAL A O   1 
ATOM   394  C  CB  . VAL A 1 59  ? 10.908  0.555   3.228   1.00 10.20 ? 80  VAL A CB  1 
ATOM   395  C  CG1 . VAL A 1 59  ? 10.722  -0.892  2.726   1.00 11.60 ? 80  VAL A CG1 1 
ATOM   396  C  CG2 . VAL A 1 59  ? 11.335  0.570   4.733   1.00 12.78 ? 80  VAL A CG2 1 
ATOM   397  N  N   . GLN A 1 60  ? 10.972  1.945   0.287   1.00 11.34 ? 81  GLN A N   1 
ATOM   398  C  CA  . GLN A 1 60  ? 10.779  1.932   -1.178  1.00 10.99 ? 81  GLN A CA  1 
ATOM   399  C  C   . GLN A 1 60  ? 12.154  2.121   -1.865  1.00 12.40 ? 81  GLN A C   1 
ATOM   400  O  O   . GLN A 1 60  ? 12.404  1.457   -2.880  1.00 12.21 ? 81  GLN A O   1 
ATOM   401  C  CB  . GLN A 1 60  ? 9.792   3.043   -1.590  1.00 11.74 ? 81  GLN A CB  1 
ATOM   402  C  CG  . GLN A 1 60  ? 9.573   3.064   -3.083  1.00 12.18 ? 81  GLN A CG  1 
ATOM   403  C  CD  . GLN A 1 60  ? 8.618   2.004   -3.542  1.00 13.80 ? 81  GLN A CD  1 
ATOM   404  O  OE1 . GLN A 1 60  ? 7.893   1.380   -2.772  1.00 12.40 ? 81  GLN A OE1 1 
ATOM   405  N  NE2 . GLN A 1 60  ? 8.544   1.855   -4.843  1.00 12.32 ? 81  GLN A NE2 1 
ATOM   406  N  N   . LYS A 1 61  ? 12.944  3.059   -1.354  1.00 11.77 ? 82  LYS A N   1 
ATOM   407  C  CA  . LYS A 1 61  ? 14.250  3.332   -2.045  1.00 10.95 ? 82  LYS A CA  1 
ATOM   408  C  C   . LYS A 1 61  ? 15.156  2.116   -1.968  1.00 12.88 ? 82  LYS A C   1 
ATOM   409  O  O   . LYS A 1 61  ? 15.817  1.802   -2.982  1.00 15.37 ? 82  LYS A O   1 
ATOM   410  C  CB  . LYS A 1 61  ? 14.908  4.501   -1.354  1.00 10.87 ? 82  LYS A CB  1 
ATOM   411  C  CG  . LYS A 1 61  ? 14.154  5.855   -1.624  1.00 11.99 ? 82  LYS A CG  1 
ATOM   412  C  CD  . LYS A 1 61  ? 14.815  7.036   -0.934  1.00 16.45 ? 82  LYS A CD  1 
ATOM   413  C  CE  . LYS A 1 61  ? 14.004  8.194   -1.428  1.00 18.15 ? 82  LYS A CE  1 
ATOM   414  N  NZ  . LYS A 1 61  ? 14.292  9.458   -0.648  1.00 23.67 ? 82  LYS A NZ  1 
ATOM   415  N  N   . THR A 1 62  ? 15.158  1.399   -0.861  1.00 11.71 ? 83  THR A N   1 
ATOM   416  C  CA  . THR A 1 62  ? 15.969  0.187   -0.732  1.00 11.82 ? 83  THR A CA  1 
ATOM   417  C  C   . THR A 1 62  ? 15.571  -0.900  -1.728  1.00 13.37 ? 83  THR A C   1 
ATOM   418  O  O   . THR A 1 62  ? 16.446  -1.619  -2.273  1.00 13.48 ? 83  THR A O   1 
ATOM   419  C  CB  . THR A 1 62  ? 15.880  -0.333  0.696   1.00 12.15 ? 83  THR A CB  1 
ATOM   420  O  OG1 . THR A 1 62  ? 16.370  0.674   1.596   1.00 16.20 ? 83  THR A OG1 1 
ATOM   421  C  CG2 . THR A 1 62  ? 16.653  -1.680  0.854   1.00 13.59 ? 83  THR A CG2 1 
ATOM   422  N  N   . TRP A 1 63  ? 14.264  -1.063  -1.974  1.00 11.69 ? 84  TRP A N   1 
ATOM   423  C  CA  . TRP A 1 63  ? 13.752  -2.228  -2.669  1.00 11.07 ? 84  TRP A CA  1 
ATOM   424  C  C   . TRP A 1 63  ? 13.118  -1.987  -4.042  1.00 10.40 ? 84  TRP A C   1 
ATOM   425  O  O   . TRP A 1 63  ? 12.608  -2.931  -4.648  1.00 11.72 ? 84  TRP A O   1 
ATOM   426  C  CB  . TRP A 1 63  ? 12.729  -2.988  -1.739  1.00 11.78 ? 84  TRP A CB  1 
ATOM   427  C  CG  . TRP A 1 63  ? 13.316  -3.495  -0.458  1.00 12.51 ? 84  TRP A CG  1 
ATOM   428  C  CD1 . TRP A 1 63  ? 13.267  -2.904  0.760   1.00 12.62 ? 84  TRP A CD1 1 
ATOM   429  C  CD2 . TRP A 1 63  ? 14.046  -4.713  -0.282  1.00 13.29 ? 84  TRP A CD2 1 
ATOM   430  N  NE1 . TRP A 1 63  ? 13.898  -3.699  1.743   1.00 14.70 ? 84  TRP A NE1 1 
ATOM   431  C  CE2 . TRP A 1 63  ? 14.403  -4.794  1.092   1.00 15.75 ? 84  TRP A CE2 1 
ATOM   432  C  CE3 . TRP A 1 63  ? 14.402  -5.768  -1.152  1.00 13.62 ? 84  TRP A CE3 1 
ATOM   433  C  CZ2 . TRP A 1 63  ? 15.124  -5.874  1.625   1.00 20.47 ? 84  TRP A CZ2 1 
ATOM   434  C  CZ3 . TRP A 1 63  ? 15.097  -6.889  -0.602  1.00 16.52 ? 84  TRP A CZ3 1 
ATOM   435  C  CH2 . TRP A 1 63  ? 15.475  -6.887  0.775   1.00 16.89 ? 84  TRP A CH2 1 
ATOM   436  N  N   . ALA A 1 64  ? 13.115  -0.761  -4.558  1.00 10.96 ? 85  ALA A N   1 
ATOM   437  C  CA  . ALA A 1 64  ? 12.353  -0.420  -5.752  1.00 12.13 ? 85  ALA A CA  1 
ATOM   438  C  C   . ALA A 1 64  ? 12.700  -1.262  -6.992  1.00 12.17 ? 85  ALA A C   1 
ATOM   439  O  O   . ALA A 1 64  ? 11.845  -1.455  -7.834  1.00 12.33 ? 85  ALA A O   1 
ATOM   440  C  CB  . ALA A 1 64  ? 12.577  1.064   -6.079  1.00 12.71 ? 85  ALA A CB  1 
ATOM   441  N  N   . SER A 1 65  ? 13.983  -1.635  -7.060  1.00 13.09 ? 86  SER A N   1 
ATOM   442  C  CA  . SER A 1 65  ? 14.431  -2.433  -8.201  1.00 10.45 ? 86  SER A CA  1 
ATOM   443  C  C   . SER A 1 65  ? 14.697  -3.855  -7.782  1.00 12.40 ? 86  SER A C   1 
ATOM   444  O  O   . SER A 1 65  ? 15.434  -4.612  -8.490  1.00 14.51 ? 86  SER A O   1 
ATOM   445  C  CB  . SER A 1 65  ? 15.704  -1.820  -8.854  1.00 10.95 ? 86  SER A CB  1 
ATOM   446  O  OG  . SER A 1 65  ? 15.381  -0.488  -9.253  1.00 12.52 ? 86  SER A OG  1 
ATOM   447  N  N   . ARG A 1 66  ? 14.093  -4.309  -6.673  1.00 11.28 ? 87  ARG A N   1 
ATOM   448  C  CA  . ARG A 1 66  ? 14.300  -5.654  -6.168  1.00 11.76 ? 87  ARG A CA  1 
ATOM   449  C  C   . ARG A 1 66  ? 12.963  -6.367  -5.994  1.00 12.05 ? 87  ARG A C   1 
ATOM   450  O  O   . ARG A 1 66  ? 12.851  -7.343  -5.177  1.00 14.69 ? 87  ARG A O   1 
ATOM   451  C  CB  . ARG A 1 66  ? 15.076  -5.580  -4.832  1.00 10.65 ? 87  ARG A CB  1 
ATOM   452  C  CG  . ARG A 1 66  ? 16.540  -5.068  -5.103  1.00 12.58 ? 87  ARG A CG  1 
ATOM   453  C  CD  . ARG A 1 66  ? 17.329  -4.958  -3.827  1.00 13.93 ? 87  ARG A CD  1 
ATOM   454  N  NE  . ARG A 1 66  ? 17.586  -6.289  -3.267  1.00 14.96 ? 87  ARG A NE  1 
ATOM   455  C  CZ  . ARG A 1 66  ? 18.196  -6.424  -2.094  1.00 13.86 ? 87  ARG A CZ  1 
ATOM   456  N  NH1 . ARG A 1 66  ? 18.699  -5.368  -1.432  1.00 16.06 ? 87  ARG A NH1 1 
ATOM   457  N  NH2 . ARG A 1 66  ? 18.434  -7.671  -1.624  1.00 17.03 ? 87  ARG A NH2 1 
ATOM   458  N  N   . GLY A 1 67  ? 11.990  -5.945  -6.787  1.00 12.36 ? 88  GLY A N   1 
ATOM   459  C  CA  . GLY A 1 67  ? 10.772  -6.742  -6.898  1.00 12.28 ? 88  GLY A CA  1 
ATOM   460  C  C   . GLY A 1 67  ? 9.670   -6.372  -5.934  1.00 13.06 ? 88  GLY A C   1 
ATOM   461  O  O   . GLY A 1 67  ? 8.800   -7.210  -5.654  1.00 16.57 ? 88  GLY A O   1 
ATOM   462  N  N   . PHE A 1 68  ? 9.774   -5.153  -5.420  1.00 10.67 ? 89  PHE A N   1 
ATOM   463  C  CA  . PHE A 1 68  ? 8.755   -4.730  -4.384  1.00 12.09 ? 89  PHE A CA  1 
ATOM   464  C  C   . PHE A 1 68  ? 8.313   -3.306  -4.625  1.00 12.51 ? 89  PHE A C   1 
ATOM   465  O  O   . PHE A 1 68  ? 9.116   -2.485  -5.132  1.00 12.59 ? 89  PHE A O   1 
ATOM   466  C  CB  . PHE A 1 68  ? 9.391   -4.782  -2.962  1.00 12.88 ? 89  PHE A CB  1 
ATOM   467  C  CG  . PHE A 1 68  ? 8.569   -4.069  -1.916  1.00 14.54 ? 89  PHE A CG  1 
ATOM   468  C  CD1 . PHE A 1 68  ? 7.453   -4.700  -1.331  1.00 11.97 ? 89  PHE A CD1 1 
ATOM   469  C  CD2 . PHE A 1 68  ? 8.838   -2.742  -1.634  1.00 13.03 ? 89  PHE A CD2 1 
ATOM   470  C  CE1 . PHE A 1 68  ? 6.601   -3.942  -0.487  1.00 13.46 ? 89  PHE A CE1 1 
ATOM   471  C  CE2 . PHE A 1 68  ? 8.068   -1.987  -0.781  1.00 14.51 ? 89  PHE A CE2 1 
ATOM   472  C  CZ  . PHE A 1 68  ? 6.948   -2.620  -0.163  1.00 11.21 ? 89  PHE A CZ  1 
ATOM   473  N  N   . THR A 1 69  ? 7.042   -3.004  -4.302  1.00 9.77  ? 90  THR A N   1 
ATOM   474  C  CA  . THR A 1 69  ? 6.641   -1.556  -4.248  1.00 10.41 ? 90  THR A CA  1 
ATOM   475  C  C   . THR A 1 69  ? 5.540   -1.363  -3.207  1.00 11.09 ? 90  THR A C   1 
ATOM   476  O  O   . THR A 1 69  ? 4.743   -2.271  -2.945  1.00 11.58 ? 90  THR A O   1 
ATOM   477  C  CB  . THR A 1 69  ? 6.107   -1.059  -5.576  1.00 11.76 ? 90  THR A CB  1 
ATOM   478  O  OG1 . THR A 1 69  ? 5.943   0.381   -5.550  1.00 11.31 ? 90  THR A OG1 1 
ATOM   479  C  CG2 . THR A 1 69  ? 4.735   -1.731  -6.058  1.00 13.02 ? 90  THR A CG2 1 
ATOM   480  N  N   . PHE A 1 70  ? 5.537   -0.178  -2.596  1.00 10.02 ? 91  PHE A N   1 
ATOM   481  C  CA  . PHE A 1 70  ? 4.284   0.258   -1.909  1.00 10.45 ? 91  PHE A CA  1 
ATOM   482  C  C   . PHE A 1 70  ? 3.288   0.801   -2.956  1.00 11.35 ? 91  PHE A C   1 
ATOM   483  O  O   . PHE A 1 70  ? 3.653   1.240   -4.096  1.00 11.06 ? 91  PHE A O   1 
ATOM   484  C  CB  . PHE A 1 70  ? 4.604   1.372   -0.920  1.00 9.65  ? 91  PHE A CB  1 
ATOM   485  C  CG  . PHE A 1 70  ? 5.286   0.878   0.319   1.00 9.45  ? 91  PHE A CG  1 
ATOM   486  C  CD1 . PHE A 1 70  ? 4.535   0.312   1.326   1.00 11.30 ? 91  PHE A CD1 1 
ATOM   487  C  CD2 . PHE A 1 70  ? 6.663   1.022   0.496   1.00 11.22 ? 91  PHE A CD2 1 
ATOM   488  C  CE1 . PHE A 1 70  ? 5.201   -0.168  2.468   1.00 10.35 ? 91  PHE A CE1 1 
ATOM   489  C  CE2 . PHE A 1 70  ? 7.318   0.608   1.652   1.00 12.55 ? 91  PHE A CE2 1 
ATOM   490  C  CZ  . PHE A 1 70  ? 6.581   -0.010  2.647   1.00 11.09 ? 91  PHE A CZ  1 
ATOM   491  N  N   . VAL A 1 71  ? 1.998   0.772   -2.593  1.00 9.74  ? 92  VAL A N   1 
ATOM   492  C  CA  . VAL A 1 71  ? 1.025   1.501   -3.368  1.00 9.75  ? 92  VAL A CA  1 
ATOM   493  C  C   . VAL A 1 71  ? 0.158   2.207   -2.320  1.00 10.11 ? 92  VAL A C   1 
ATOM   494  O  O   . VAL A 1 71  ? -0.310  1.547   -1.336  1.00 11.29 ? 92  VAL A O   1 
ATOM   495  C  CB  . VAL A 1 71  ? 0.129   0.522   -4.106  1.00 11.56 ? 92  VAL A CB  1 
ATOM   496  C  CG1 . VAL A 1 71  ? -0.972  1.272   -4.848  1.00 13.50 ? 92  VAL A CG1 1 
ATOM   497  C  CG2 . VAL A 1 71  ? 0.928   -0.329  -5.094  1.00 11.03 ? 92  VAL A CG2 1 
ATOM   498  N  N   . GLY A 1 72  ? -0.033  3.508   -2.469  1.00 8.62  ? 93  GLY A N   1 
ATOM   499  C  CA  . GLY A 1 72  ? -0.852  4.237   -1.439  1.00 9.54  ? 93  GLY A CA  1 
ATOM   500  C  C   . GLY A 1 72  ? -2.248  4.510   -2.000  1.00 9.85  ? 93  GLY A C   1 
ATOM   501  O  O   . GLY A 1 72  ? -2.413  4.852   -3.170  1.00 11.08 ? 93  GLY A O   1 
ATOM   502  N  N   . ILE A 1 73  ? -3.282  4.385   -1.166  1.00 9.03  ? 94  ILE A N   1 
ATOM   503  C  CA  . ILE A 1 73  ? -4.662  4.741   -1.568  1.00 10.25 ? 94  ILE A CA  1 
ATOM   504  C  C   . ILE A 1 73  ? -5.127  5.716   -0.495  1.00 9.90  ? 94  ILE A C   1 
ATOM   505  O  O   . ILE A 1 73  ? -5.219  5.364   0.681   1.00 10.87 ? 94  ILE A O   1 
ATOM   506  C  CB  . ILE A 1 73  ? -5.547  3.484   -1.634  1.00 10.61 ? 94  ILE A CB  1 
ATOM   507  C  CG1 . ILE A 1 73  ? -5.052  2.580   -2.825  1.00 13.38 ? 94  ILE A CG1 1 
ATOM   508  C  CG2 . ILE A 1 73  ? -7.051  3.947   -1.882  1.00 12.34 ? 94  ILE A CG2 1 
ATOM   509  C  CD1 . ILE A 1 73  ? -5.794  1.219   -2.919  1.00 17.27 ? 94  ILE A CD1 1 
ATOM   510  N  N   . ALA A 1 74  ? -5.392  6.955   -0.894  1.00 9.35  ? 95  ALA A N   1 
ATOM   511  C  CA  . ALA A 1 74  ? -5.661  8.049   0.091   1.00 9.72  ? 95  ALA A CA  1 
ATOM   512  C  C   . ALA A 1 74  ? -7.161  8.117   0.319   1.00 10.64 ? 95  ALA A C   1 
ATOM   513  O  O   . ALA A 1 74  ? -7.934  8.367   -0.622  1.00 12.04 ? 95  ALA A O   1 
ATOM   514  C  CB  . ALA A 1 74  ? -5.180  9.407   -0.474  1.00 10.59 ? 95  ALA A CB  1 
ATOM   515  N  N   . VAL A 1 75  ? -7.558  7.920   1.571   1.00 11.24 ? 96  VAL A N   1 
ATOM   516  C  CA  . VAL A 1 75  ? -8.960  7.904   1.980   1.00 11.60 ? 96  VAL A CA  1 
ATOM   517  C  C   . VAL A 1 75  ? -9.306  9.179   2.715   1.00 12.41 ? 96  VAL A C   1 
ATOM   518  O  O   . VAL A 1 75  ? -8.404  9.802   3.296   1.00 12.43 ? 96  VAL A O   1 
ATOM   519  C  CB  . VAL A 1 75  ? -9.235  6.669   2.861   1.00 13.58 ? 96  VAL A CB  1 
ATOM   520  C  CG1 . VAL A 1 75  ? -9.155  5.327   1.999   1.00 14.63 ? 96  VAL A CG1 1 
ATOM   521  C  CG2 . VAL A 1 75  ? -8.364  6.614   4.078   1.00 14.74 ? 96  VAL A CG2 1 
ATOM   522  N  N   . ASN A 1 76  ? -10.596 9.571   2.683   1.00 13.31 ? 97  ASN A N   1 
ATOM   523  C  CA  . ASN A 1 76  ? -10.981 10.775  3.487   1.00 13.74 ? 97  ASN A CA  1 
ATOM   524  C  C   . ASN A 1 76  ? -10.110 11.972  3.165   1.00 14.53 ? 97  ASN A C   1 
ATOM   525  O  O   . ASN A 1 76  ? -9.809  12.744  4.036   1.00 14.22 ? 97  ASN A O   1 
ATOM   526  C  CB  . ASN A 1 76  ? -10.964 10.438  4.995   1.00 15.46 ? 97  ASN A CB  1 
ATOM   527  C  CG  . ASN A 1 76  ? -11.872 9.245   5.371   1.00 22.55 ? 97  ASN A CG  1 
ATOM   528  O  OD1 . ASN A 1 76  ? -12.848 9.411   6.133   1.00 29.84 ? 97  ASN A OD1 1 
ATOM   529  N  ND2 . ASN A 1 76  ? -11.526 8.061   4.948   1.00 20.49 ? 97  ASN A ND2 1 
ATOM   530  N  N   . GLU A 1 77  ? -9.739  12.127  1.885   1.00 13.00 ? 98  GLU A N   1 
ATOM   531  C  CA  . GLU A 1 77  ? -8.773  13.107  1.477   1.00 12.67 ? 98  GLU A CA  1 
ATOM   532  C  C   . GLU A 1 77  ? -9.245  14.074  0.408   1.00 11.01 ? 98  GLU A C   1 
ATOM   533  O  O   . GLU A 1 77  ? -10.419 14.012  -0.075  1.00 14.07 ? 98  GLU A O   1 
ATOM   534  C  CB  . GLU A 1 77  ? -7.436  12.380  1.061   1.00 10.46 ? 98  GLU A CB  1 
ATOM   535  C  CG  . GLU A 1 77  ? -6.483  12.328  2.270   1.00 10.77 ? 98  GLU A CG  1 
ATOM   536  C  CD  . GLU A 1 77  ? -5.846  13.673  2.613   1.00 11.63 ? 98  GLU A CD  1 
ATOM   537  O  OE1 . GLU A 1 77  ? -6.272  14.738  2.115   1.00 13.00 ? 98  GLU A OE1 1 
ATOM   538  O  OE2 . GLU A 1 77  ? -4.833  13.640  3.376   1.00 12.12 ? 98  GLU A OE2 1 
ATOM   539  N  N   . GLN A 1 78  ? -8.393  15.065  0.134   1.00 11.32 ? 99  GLN A N   1 
ATOM   540  C  CA  . GLN A 1 78  ? -8.602  16.028  -0.957  1.00 13.92 ? 99  GLN A CA  1 
ATOM   541  C  C   . GLN A 1 78  ? -7.356  16.012  -1.866  1.00 11.82 ? 99  GLN A C   1 
ATOM   542  O  O   . GLN A 1 78  ? -6.232  15.961  -1.433  1.00 12.05 ? 99  GLN A O   1 
ATOM   543  C  CB  . GLN A 1 78  ? -8.800  17.416  -0.420  1.00 16.31 ? 99  GLN A CB  1 
ATOM   544  C  CG  . GLN A 1 78  ? -10.116 17.538  0.340   1.00 16.63 ? 99  GLN A CG  1 
ATOM   545  C  CD  . GLN A 1 78  ? -10.401 18.996  0.810   1.00 22.59 ? 99  GLN A CD  1 
ATOM   546  O  OE1 . GLN A 1 78  ? -9.930  19.984  0.234   1.00 26.56 ? 99  GLN A OE1 1 
ATOM   547  N  NE2 . GLN A 1 78  ? -11.239 19.109  1.855   1.00 35.11 ? 99  GLN A NE2 1 
ATOM   548  N  N   . LEU A 1 79  ? -7.622  16.077  -3.186  1.00 12.23 ? 100 LEU A N   1 
ATOM   549  C  CA  . LEU A 1 79  ? -6.539  16.049  -4.154  1.00 12.99 ? 100 LEU A CA  1 
ATOM   550  C  C   . LEU A 1 79  ? -5.402  17.039  -3.928  1.00 12.17 ? 100 LEU A C   1 
ATOM   551  O  O   . LEU A 1 79  ? -4.282  16.624  -3.891  1.00 11.77 ? 100 LEU A O   1 
ATOM   552  C  CB  . LEU A 1 79  ? -7.217  16.214  -5.555  1.00 12.96 ? 100 LEU A CB  1 
ATOM   553  C  CG  . LEU A 1 79  ? -6.214  16.144  -6.710  1.00 17.02 ? 100 LEU A CG  1 
ATOM   554  C  CD1 . LEU A 1 79  ? -5.700  14.731  -6.817  1.00 21.58 ? 100 LEU A CD1 1 
ATOM   555  C  CD2 . LEU A 1 79  ? -7.030  16.418  -7.943  1.00 19.88 ? 100 LEU A CD2 1 
ATOM   556  N  N   . PRO A 1 80  ? -5.646  18.366  -3.706  1.00 10.82 ? 101 PRO A N   1 
ATOM   557  C  CA  . PRO A 1 80  ? -4.498  19.225  -3.519  1.00 11.65 ? 101 PRO A CA  1 
ATOM   558  C  C   . PRO A 1 80  ? -3.651  18.929  -2.255  1.00 9.47  ? 101 PRO A C   1 
ATOM   559  O  O   . PRO A 1 80  ? -2.436  19.116  -2.265  1.00 12.80 ? 101 PRO A O   1 
ATOM   560  C  CB  . PRO A 1 80  ? -5.148  20.644  -3.365  1.00 12.41 ? 101 PRO A CB  1 
ATOM   561  C  CG  . PRO A 1 80  ? -6.608  20.428  -3.061  1.00 10.85 ? 101 PRO A CG  1 
ATOM   562  C  CD  . PRO A 1 80  ? -6.921  19.106  -3.777  1.00 11.98 ? 101 PRO A CD  1 
ATOM   563  N  N   . ASN A 1 81  ? -4.348  18.423  -1.227  1.00 10.80 ? 102 ASN A N   1 
ATOM   564  C  CA  . ASN A 1 81  ? -3.634  18.077  0.006   1.00 9.94  ? 102 ASN A CA  1 
ATOM   565  C  C   . ASN A 1 81  ? -2.753  16.865  -0.214  1.00 9.42  ? 102 ASN A C   1 
ATOM   566  O  O   . ASN A 1 81  ? -1.566  16.919  0.139   1.00 11.50 ? 102 ASN A O   1 
ATOM   567  C  CB  . ASN A 1 81  ? -4.716  17.834  1.113   1.00 10.73 ? 102 ASN A CB  1 
ATOM   568  C  CG  . ASN A 1 81  ? -4.158  17.908  2.541   1.00 12.56 ? 102 ASN A CG  1 
ATOM   569  O  OD1 . ASN A 1 81  ? -3.354  18.753  2.897   1.00 11.69 ? 102 ASN A OD1 1 
ATOM   570  N  ND2 . ASN A 1 81  ? -4.603  16.965  3.359   1.00 12.71 ? 102 ASN A ND2 1 
ATOM   571  N  N   . VAL A 1 82  ? -3.255  15.816  -0.874  1.00 9.81  ? 103 VAL A N   1 
ATOM   572  C  CA  . VAL A 1 82  ? -2.442  14.598  -1.096  1.00 10.48 ? 103 VAL A CA  1 
ATOM   573  C  C   . VAL A 1 82  ? -1.291  14.909  -2.094  1.00 10.49 ? 103 VAL A C   1 
ATOM   574  O  O   . VAL A 1 82  ? -0.148  14.502  -1.854  1.00 11.65 ? 103 VAL A O   1 
ATOM   575  C  CB  . VAL A 1 82  ? -3.315  13.480  -1.639  1.00 8.83  ? 103 VAL A CB  1 
ATOM   576  C  CG1 . VAL A 1 82  ? -2.429  12.190  -1.843  1.00 11.20 ? 103 VAL A CG1 1 
ATOM   577  C  CG2 . VAL A 1 82  ? -4.300  13.127  -0.568  1.00 9.37  ? 103 VAL A CG2 1 
ATOM   578  N  N   . LYS A 1 83  ? -1.587  15.664  -3.172  1.00 12.47 ? 104 LYS A N   1 
ATOM   579  C  CA  . LYS A 1 83  ? -0.517  16.007  -4.134  1.00 13.19 ? 104 LYS A CA  1 
ATOM   580  C  C   . LYS A 1 83  ? 0.599   16.823  -3.447  1.00 12.39 ? 104 LYS A C   1 
ATOM   581  O  O   . LYS A 1 83  ? 1.807   16.574  -3.628  1.00 13.06 ? 104 LYS A O   1 
ATOM   582  C  CB  . LYS A 1 83  ? -1.110  16.865  -5.274  1.00 11.05 ? 104 LYS A CB  1 
ATOM   583  C  CG  . LYS A 1 83  ? -0.104  17.345  -6.352  1.00 17.18 ? 104 LYS A CG  1 
ATOM   584  C  CD  . LYS A 1 83  ? -0.122  16.381  -7.518  1.00 24.71 ? 104 LYS A CD  1 
ATOM   585  C  CE  . LYS A 1 83  ? 0.778   16.894  -8.729  1.00 26.00 ? 104 LYS A CE  1 
ATOM   586  N  NZ  . LYS A 1 83  ? 2.184   17.046  -8.199  1.00 27.20 ? 104 LYS A NZ  1 
ATOM   587  N  N   . ASN A 1 84  ? 0.240   17.774  -2.581  1.00 12.06 ? 105 ASN A N   1 
ATOM   588  C  CA  . ASN A 1 84  ? 1.291   18.505  -1.860  1.00 12.99 ? 105 ASN A CA  1 
ATOM   589  C  C   . ASN A 1 84  ? 2.077   17.679  -0.854  1.00 11.38 ? 105 ASN A C   1 
ATOM   590  O  O   . ASN A 1 84  ? 3.239   17.845  -0.730  1.00 12.06 ? 105 ASN A O   1 
ATOM   591  C  CB  . ASN A 1 84  ? 0.718   19.747  -1.168  1.00 11.79 ? 105 ASN A CB  1 
ATOM   592  C  CG  . ASN A 1 84  ? 1.764   20.812  -1.046  1.00 15.69 ? 105 ASN A CG  1 
ATOM   593  O  OD1 . ASN A 1 84  ? 2.419   21.170  -2.065  1.00 17.49 ? 105 ASN A OD1 1 
ATOM   594  N  ND2 . ASN A 1 84  ? 2.014   21.266  0.152   1.00 17.55 ? 105 ASN A ND2 1 
ATOM   595  N  N   . TYR A 1 85  ? 1.439   16.731  -0.158  1.00 10.96 ? 106 TYR A N   1 
ATOM   596  C  CA  . TYR A 1 85  ? 2.142   15.856  0.734   1.00 11.14 ? 106 TYR A CA  1 
ATOM   597  C  C   . TYR A 1 85  ? 3.172   14.977  -0.042  1.00 11.61 ? 106 TYR A C   1 
ATOM   598  O  O   . TYR A 1 85  ? 4.291   14.771  0.403   1.00 11.26 ? 106 TYR A O   1 
ATOM   599  C  CB  . TYR A 1 85  ? 1.108   14.985  1.470   1.00 11.78 ? 106 TYR A CB  1 
ATOM   600  C  CG  . TYR A 1 85  ? 1.745   14.205  2.583   1.00 10.87 ? 106 TYR A CG  1 
ATOM   601  C  CD1 . TYR A 1 85  ? 2.286   14.825  3.680   1.00 13.48 ? 106 TYR A CD1 1 
ATOM   602  C  CD2 . TYR A 1 85  ? 1.758   12.788  2.507   1.00 14.67 ? 106 TYR A CD2 1 
ATOM   603  C  CE1 . TYR A 1 85  ? 2.881   14.075  4.699   1.00 16.06 ? 106 TYR A CE1 1 
ATOM   604  C  CE2 . TYR A 1 85  ? 2.339   12.048  3.543   1.00 15.63 ? 106 TYR A CE2 1 
ATOM   605  C  CZ  . TYR A 1 85  ? 2.875   12.686  4.605   1.00 17.89 ? 106 TYR A CZ  1 
ATOM   606  O  OH  . TYR A 1 85  ? 3.445   11.908  5.594   1.00 23.55 ? 106 TYR A OH  1 
HETATM 607  N  N   . MSE A 1 86  ? 2.739   14.525  -1.199  1.00 11.57 ? 107 MSE A N   1 
HETATM 608  C  CA  . MSE A 1 86  ? 3.651   13.740  -2.067  1.00 11.18 ? 107 MSE A CA  1 
HETATM 609  C  C   . MSE A 1 86  ? 4.861   14.558  -2.402  1.00 12.61 ? 107 MSE A C   1 
HETATM 610  O  O   . MSE A 1 86  ? 5.964   13.976  -2.435  1.00 11.64 ? 107 MSE A O   1 
HETATM 611  C  CB  . MSE A 1 86  ? 2.910   13.252  -3.327  1.00 12.52 ? 107 MSE A CB  1 
HETATM 612  C  CG  . MSE A 1 86  ? 1.930   12.167  -3.005  1.00 12.49 ? 107 MSE A CG  1 
HETATM 613  SE SE  . MSE A 1 86  ? 0.909   11.843  -4.656  1.00 27.75 ? 107 MSE A SE  1 
HETATM 614  C  CE  . MSE A 1 86  ? 2.243   11.002  -5.673  1.00 21.85 ? 107 MSE A CE  1 
ATOM   615  N  N   . LYS A 1 87  ? 4.690   15.842  -2.695  1.00 12.11 ? 108 LYS A N   1 
ATOM   616  C  CA  . LYS A 1 87  ? 5.830   16.697  -3.034  1.00 13.38 ? 108 LYS A CA  1 
ATOM   617  C  C   . LYS A 1 87  ? 6.715   16.904  -1.809  1.00 15.76 ? 108 LYS A C   1 
ATOM   618  O  O   . LYS A 1 87  ? 7.941   16.718  -1.840  1.00 15.66 ? 108 LYS A O   1 
ATOM   619  C  CB  . LYS A 1 87  ? 5.287   18.014  -3.643  1.00 13.21 ? 108 LYS A CB  1 
ATOM   620  C  CG  . LYS A 1 87  ? 6.340   18.991  -3.954  1.00 19.97 ? 108 LYS A CG  1 
ATOM   621  C  CD  . LYS A 1 87  ? 5.639   20.167  -4.634  1.00 23.90 ? 108 LYS A CD  1 
ATOM   622  C  CE  . LYS A 1 87  ? 6.085   21.502  -4.016  1.00 35.75 ? 108 LYS A CE  1 
ATOM   623  N  NZ  . LYS A 1 87  ? 5.624   21.600  -2.555  1.00 43.45 ? 108 LYS A NZ  1 
ATOM   624  N  N   . THR A 1 88  ? 6.112   17.284  -0.685  1.00 14.41 ? 109 THR A N   1 
ATOM   625  C  CA  . THR A 1 88  ? 6.900   17.573  0.545   1.00 17.08 ? 109 THR A CA  1 
ATOM   626  C  C   . THR A 1 88  ? 7.652   16.394  1.135   1.00 16.62 ? 109 THR A C   1 
ATOM   627  O  O   . THR A 1 88  ? 8.805   16.511  1.563   1.00 20.07 ? 109 THR A O   1 
ATOM   628  C  CB  . THR A 1 88  ? 6.057   18.288  1.645   1.00 18.26 ? 109 THR A CB  1 
ATOM   629  O  OG1 . THR A 1 88  ? 5.097   17.391  2.224   1.00 24.12 ? 109 THR A OG1 1 
ATOM   630  C  CG2 . THR A 1 88  ? 5.380   19.394  1.064   1.00 17.00 ? 109 THR A CG2 1 
ATOM   631  N  N   . GLN A 1 89  ? 7.076   15.198  1.036   1.00 15.24 ? 110 GLN A N   1 
ATOM   632  C  CA  . GLN A 1 89  ? 7.676   13.997  1.586   1.00 15.75 ? 110 GLN A CA  1 
ATOM   633  C  C   . GLN A 1 89  ? 8.432   13.179  0.558   1.00 15.68 ? 110 GLN A C   1 
ATOM   634  O  O   . GLN A 1 89  ? 9.078   12.184  0.912   1.00 16.62 ? 110 GLN A O   1 
ATOM   635  C  CB  . GLN A 1 89  ? 6.667   13.107  2.310   1.00 16.49 ? 110 GLN A CB  1 
ATOM   636  C  CG  . GLN A 1 89  ? 5.781   13.886  3.248   1.00 22.68 ? 110 GLN A CG  1 
ATOM   637  C  CD  . GLN A 1 89  ? 6.509   14.513  4.403   1.00 30.09 ? 110 GLN A CD  1 
ATOM   638  O  OE1 . GLN A 1 89  ? 7.200   13.840  5.148   1.00 33.24 ? 110 GLN A OE1 1 
ATOM   639  N  NE2 . GLN A 1 89  ? 6.325   15.823  4.578   1.00 32.94 ? 110 GLN A NE2 1 
ATOM   640  N  N   . GLY A 1 90  ? 8.362   13.624  -0.674  1.00 13.22 ? 111 GLY A N   1 
ATOM   641  C  CA  . GLY A 1 90  ? 9.010   12.896  -1.770  1.00 13.73 ? 111 GLY A CA  1 
ATOM   642  C  C   . GLY A 1 90  ? 8.532   11.466  -1.960  1.00 13.69 ? 111 GLY A C   1 
ATOM   643  O  O   . GLY A 1 90  ? 9.338   10.505  -1.982  1.00 14.28 ? 111 GLY A O   1 
ATOM   644  N  N   . ILE A 1 91  ? 7.219   11.326  -2.013  1.00 12.53 ? 112 ILE A N   1 
ATOM   645  C  CA  . ILE A 1 91  ? 6.650   10.001  -2.150  1.00 12.09 ? 112 ILE A CA  1 
ATOM   646  C  C   . ILE A 1 91  ? 6.881   9.556   -3.594  1.00 15.56 ? 112 ILE A C   1 
ATOM   647  O  O   . ILE A 1 91  ? 6.472   10.217  -4.577  1.00 20.20 ? 112 ILE A O   1 
ATOM   648  C  CB  . ILE A 1 91  ? 5.164   10.029  -1.801  1.00 13.01 ? 112 ILE A CB  1 
ATOM   649  C  CG1 . ILE A 1 91  ? 5.050   10.316  -0.293  1.00 13.76 ? 112 ILE A CG1 1 
ATOM   650  C  CG2 . ILE A 1 91  ? 4.526   8.635   -2.215  1.00 14.22 ? 112 ILE A CG2 1 
ATOM   651  C  CD1 . ILE A 1 91  ? 3.548   10.440  0.086   1.00 14.28 ? 112 ILE A CD1 1 
ATOM   652  N  N   . ILE A 1 92  ? 7.588   8.439   -3.704  1.00 13.18 ? 113 ILE A N   1 
ATOM   653  C  CA  . ILE A 1 92  ? 8.076   7.927   -4.962  1.00 12.72 ? 113 ILE A CA  1 
ATOM   654  C  C   . ILE A 1 92  ? 7.424   6.624   -5.381  1.00 16.13 ? 113 ILE A C   1 
ATOM   655  O  O   . ILE A 1 92  ? 7.920   5.930   -6.267  1.00 17.22 ? 113 ILE A O   1 
ATOM   656  C  CB  . ILE A 1 92  ? 9.555   7.668   -4.783  1.00 13.54 ? 113 ILE A CB  1 
ATOM   657  C  CG1 . ILE A 1 92  ? 9.811   6.799   -3.474  1.00 15.83 ? 113 ILE A CG1 1 
ATOM   658  C  CG2 . ILE A 1 92  ? 10.167  9.101   -4.914  1.00 17.15 ? 113 ILE A CG2 1 
ATOM   659  C  CD1 . ILE A 1 92  ? 11.230  6.203   -3.269  1.00 22.44 ? 113 ILE A CD1 1 
ATOM   660  N  N   . TYR A 1 93  ? 6.351   6.242   -4.702  1.00 12.38 ? 114 TYR A N   1 
ATOM   661  C  CA  . TYR A 1 93  ? 5.563   5.050   -5.120  1.00 12.05 ? 114 TYR A CA  1 
ATOM   662  C  C   . TYR A 1 93  ? 4.171   5.500   -5.577  1.00 12.06 ? 114 TYR A C   1 
ATOM   663  O  O   . TYR A 1 93  ? 3.768   6.645   -5.263  1.00 12.16 ? 114 TYR A O   1 
ATOM   664  C  CB  . TYR A 1 93  ? 5.500   4.055   -4.003  1.00 11.00 ? 114 TYR A CB  1 
ATOM   665  C  CG  . TYR A 1 93  ? 5.064   4.609   -2.683  1.00 9.81  ? 114 TYR A CG  1 
ATOM   666  C  CD1 . TYR A 1 93  ? 3.679   4.741   -2.415  1.00 9.21  ? 114 TYR A CD1 1 
ATOM   667  C  CD2 . TYR A 1 93  ? 5.953   4.887   -1.709  1.00 10.46 ? 114 TYR A CD2 1 
ATOM   668  C  CE1 . TYR A 1 93  ? 3.231   5.238   -1.104  1.00 10.64 ? 114 TYR A CE1 1 
ATOM   669  C  CE2 . TYR A 1 93  ? 5.566   5.368   -0.448  1.00 10.88 ? 114 TYR A CE2 1 
ATOM   670  C  CZ  . TYR A 1 93  ? 4.173   5.503   -0.140  1.00 11.52 ? 114 TYR A CZ  1 
ATOM   671  O  OH  . TYR A 1 93  ? 3.718   5.973   1.133   1.00 15.10 ? 114 TYR A OH  1 
ATOM   672  N  N   . PRO A 1 94  ? 3.412   4.686   -6.275  1.00 10.08 ? 115 PRO A N   1 
ATOM   673  C  CA  . PRO A 1 94  ? 2.124   5.139   -6.809  1.00 11.31 ? 115 PRO A CA  1 
ATOM   674  C  C   . PRO A 1 94  ? 1.151   5.462   -5.694  1.00 11.19 ? 115 PRO A C   1 
ATOM   675  O  O   . PRO A 1 94  ? 1.008   4.679   -4.740  1.00 11.96 ? 115 PRO A O   1 
ATOM   676  C  CB  . PRO A 1 94  ? 1.586   3.952   -7.602  1.00 13.01 ? 115 PRO A CB  1 
ATOM   677  C  CG  . PRO A 1 94  ? 2.846   3.185   -7.906  1.00 12.81 ? 115 PRO A CG  1 
ATOM   678  C  CD  . PRO A 1 94  ? 3.748   3.334   -6.732  1.00 10.61 ? 115 PRO A CD  1 
ATOM   679  N  N   . VAL A 1 95  ? 0.463   6.570   -5.858  1.00 11.65 ? 116 VAL A N   1 
ATOM   680  C  CA  . VAL A 1 95  ? -0.638  6.899   -4.935  1.00 11.11 ? 116 VAL A CA  1 
ATOM   681  C  C   . VAL A 1 95  ? -1.859  7.347   -5.656  1.00 11.12 ? 116 VAL A C   1 
ATOM   682  O  O   . VAL A 1 95  ? -1.774  8.203   -6.556  1.00 12.46 ? 116 VAL A O   1 
ATOM   683  C  CB  . VAL A 1 95  ? -0.145  8.111   -4.105  1.00 9.93  ? 116 VAL A CB  1 
ATOM   684  C  CG1 . VAL A 1 95  ? -1.341  8.684   -3.174  1.00 11.96 ? 116 VAL A CG1 1 
ATOM   685  C  CG2 . VAL A 1 95  ? 1.076   7.818   -3.151  1.00 12.13 ? 116 VAL A CG2 1 
HETATM 686  N  N   . MSE A 1 96  ? -3.004  6.752   -5.310  1.00 11.47 ? 117 MSE A N   1 
HETATM 687  C  CA  . MSE A 1 96  ? -4.311  7.042   -5.970  1.00 10.06 ? 117 MSE A CA  1 
HETATM 688  C  C   . MSE A 1 96  ? -5.263  7.596   -4.926  1.00 9.07  ? 117 MSE A C   1 
HETATM 689  O  O   . MSE A 1 96  ? -5.234  7.138   -3.732  1.00 11.65 ? 117 MSE A O   1 
HETATM 690  C  CB  . MSE A 1 96  ? -4.953  5.792   -6.636  1.00 12.70 ? 117 MSE A CB  1 
HETATM 691  C  CG  . MSE A 1 96  ? -4.112  5.429   -7.772  1.00 14.02 ? 117 MSE A CG  1 
HETATM 692  SE SE  . MSE A 1 96  ? -4.861  3.706   -8.497  1.00 29.51 ? 117 MSE A SE  1 
HETATM 693  C  CE  . MSE A 1 96  ? -4.184  2.577   -7.096  1.00 18.71 ? 117 MSE A CE  1 
HETATM 694  N  N   . MSE A 1 97  ? -6.127  8.502   -5.336  1.00 8.50  ? 118 MSE A N   1 
HETATM 695  C  CA  . MSE A 1 97  ? -7.298  8.827   -4.448  1.00 9.08  ? 118 MSE A CA  1 
HETATM 696  C  C   . MSE A 1 97  ? -8.222  7.640   -4.340  1.00 9.79  ? 118 MSE A C   1 
HETATM 697  O  O   . MSE A 1 97  ? -8.516  6.964   -5.349  1.00 12.90 ? 118 MSE A O   1 
HETATM 698  C  CB  . MSE A 1 97  ? -8.127  9.977   -5.030  1.00 9.83  ? 118 MSE A CB  1 
HETATM 699  C  CG  . MSE A 1 97  ? -7.260  11.240  -5.309  1.00 10.38 ? 118 MSE A CG  1 
HETATM 700  SE SE  . MSE A 1 97  ? -6.586  12.061  -3.594  1.00 22.11 ? 118 MSE A SE  1 
HETATM 701  C  CE  . MSE A 1 97  ? -8.310  12.525  -2.772  1.00 13.91 ? 118 MSE A CE  1 
ATOM   702  N  N   . ALA A 1 98  ? -8.740  7.375   -3.122  1.00 11.03 ? 119 ALA A N   1 
ATOM   703  C  CA  . ALA A 1 98  ? -9.635  6.234   -3.020  1.00 12.78 ? 119 ALA A CA  1 
ATOM   704  C  C   . ALA A 1 98  ? -10.894 6.452   -3.852  1.00 14.06 ? 119 ALA A C   1 
ATOM   705  O  O   . ALA A 1 98  ? -11.391 7.618   -4.040  1.00 14.88 ? 119 ALA A O   1 
ATOM   706  C  CB  . ALA A 1 98  ? -10.078 6.085   -1.556  1.00 12.83 ? 119 ALA A CB  1 
ATOM   707  N  N   . THR A 1 99  ? -11.390 5.337   -4.348  1.00 13.97 ? 120 THR A N   1 
ATOM   708  C  CA  . THR A 1 99  ? -12.698 5.283   -4.985  1.00 15.68 ? 120 THR A CA  1 
ATOM   709  C  C   . THR A 1 99  ? -13.473 4.152   -4.273  1.00 15.89 ? 120 THR A C   1 
ATOM   710  O  O   . THR A 1 99  ? -12.887 3.315   -3.579  1.00 16.21 ? 120 THR A O   1 
ATOM   711  C  CB  . THR A 1 99  ? -12.600 4.867   -6.422  1.00 16.36 ? 120 THR A CB  1 
ATOM   712  O  OG1 . THR A 1 99  ? -12.074 3.543   -6.557  1.00 18.18 ? 120 THR A OG1 1 
ATOM   713  C  CG2 . THR A 1 99  ? -11.720 5.814   -7.312  1.00 16.63 ? 120 THR A CG2 1 
ATOM   714  N  N   . PRO A 1 100 ? -14.805 4.154   -4.378  1.00 16.77 ? 121 PRO A N   1 
ATOM   715  C  CA  . PRO A 1 100 ? -15.484 3.038   -3.700  1.00 19.10 ? 121 PRO A CA  1 
ATOM   716  C  C   . PRO A 1 100 ? -15.048 1.696   -4.184  1.00 19.11 ? 121 PRO A C   1 
ATOM   717  O  O   . PRO A 1 100 ? -14.978 0.749   -3.351  1.00 19.34 ? 121 PRO A O   1 
ATOM   718  C  CB  . PRO A 1 100 ? -16.986 3.265   -4.033  1.00 19.28 ? 121 PRO A CB  1 
ATOM   719  C  CG  . PRO A 1 100 ? -17.077 4.726   -4.294  1.00 19.65 ? 121 PRO A CG  1 
ATOM   720  C  CD  . PRO A 1 100 ? -15.728 5.161   -4.938  1.00 17.47 ? 121 PRO A CD  1 
ATOM   721  N  N   . GLU A 1 101 ? -14.696 1.590   -5.468  1.00 19.46 ? 122 GLU A N   1 
ATOM   722  C  CA  . GLU A 1 101 ? -14.225 0.352   -6.023  1.00 20.15 ? 122 GLU A CA  1 
ATOM   723  C  C   . GLU A 1 101 ? -12.874 -0.114  -5.416  1.00 18.82 ? 122 GLU A C   1 
ATOM   724  O  O   . GLU A 1 101 ? -12.647 -1.297  -5.177  1.00 19.58 ? 122 GLU A O   1 
ATOM   725  C  CB  . GLU A 1 101 ? -14.031 0.530   -7.528  1.00 22.29 ? 122 GLU A CB  1 
ATOM   726  C  CG  . GLU A 1 101 ? -13.453 -0.635  -8.250  1.00 29.53 ? 122 GLU A CG  1 
ATOM   727  C  CD  . GLU A 1 101 ? -13.395 -0.335  -9.767  1.00 41.71 ? 122 GLU A CD  1 
ATOM   728  O  OE1 . GLU A 1 101 ? -12.732 0.676   -10.166 1.00 42.62 ? 122 GLU A OE1 1 
ATOM   729  O  OE2 . GLU A 1 101 ? -14.015 -1.086  -10.560 1.00 45.16 ? 122 GLU A OE2 1 
ATOM   730  N  N   . LEU A 1 102 ? -11.986 0.851   -5.175  1.00 17.74 ? 123 LEU A N   1 
ATOM   731  C  CA  . LEU A 1 102 ? -10.663 0.500   -4.635  1.00 17.89 ? 123 LEU A CA  1 
ATOM   732  C  C   . LEU A 1 102 ? -10.875 0.038   -3.218  1.00 16.18 ? 123 LEU A C   1 
ATOM   733  O  O   . LEU A 1 102 ? -10.202 -0.912  -2.800  1.00 18.77 ? 123 LEU A O   1 
ATOM   734  C  CB  . LEU A 1 102 ? -9.717  1.702   -4.676  1.00 15.20 ? 123 LEU A CB  1 
ATOM   735  C  CG  . LEU A 1 102 ? -9.169  2.117   -6.058  1.00 16.48 ? 123 LEU A CG  1 
ATOM   736  C  CD1 . LEU A 1 102 ? -8.313  3.417   -6.007  1.00 18.04 ? 123 LEU A CD1 1 
ATOM   737  C  CD2 . LEU A 1 102 ? -8.305  0.951   -6.694  1.00 22.22 ? 123 LEU A CD2 1 
ATOM   738  N  N   . ILE A 1 103 ? -11.777 0.671   -2.475  1.00 16.04 ? 124 ILE A N   1 
ATOM   739  C  CA  . ILE A 1 103 ? -12.014 0.281   -1.075  1.00 16.20 ? 124 ILE A CA  1 
ATOM   740  C  C   . ILE A 1 103 ? -12.651 -1.102  -1.051  1.00 18.63 ? 124 ILE A C   1 
ATOM   741  O  O   . ILE A 1 103 ? -12.182 -1.962  -0.354  1.00 19.44 ? 124 ILE A O   1 
ATOM   742  C  CB  . ILE A 1 103 ? -12.828 1.311   -0.269  1.00 17.11 ? 124 ILE A CB  1 
ATOM   743  C  CG1 . ILE A 1 103 ? -11.940 2.542   -0.087  1.00 17.90 ? 124 ILE A CG1 1 
ATOM   744  C  CG2 . ILE A 1 103 ? -13.311 0.669   1.067   1.00 18.66 ? 124 ILE A CG2 1 
ATOM   745  C  CD1 . ILE A 1 103 ? -12.729 3.749   0.427   1.00 19.65 ? 124 ILE A CD1 1 
ATOM   746  N  N   . ARG A 1 104 ? -13.602 -1.330  -1.948  1.00 21.12 ? 125 ARG A N   1 
ATOM   747  C  CA  . ARG A 1 104 ? -14.303 -2.648  -1.924  1.00 23.71 ? 125 ARG A CA  1 
ATOM   748  C  C   . ARG A 1 104 ? -13.343 -3.756  -2.381  1.00 22.77 ? 125 ARG A C   1 
ATOM   749  O  O   . ARG A 1 104 ? -13.534 -4.913  -1.971  1.00 24.67 ? 125 ARG A O   1 
ATOM   750  C  CB  . ARG A 1 104 ? -15.517 -2.615  -2.857  1.00 23.28 ? 125 ARG A CB  1 
ATOM   751  C  CG  . ARG A 1 104 ? -16.698 -1.822  -2.379  1.00 30.00 ? 125 ARG A CG  1 
ATOM   752  C  CD  . ARG A 1 104 ? -17.926 -2.233  -3.253  1.00 34.84 ? 125 ARG A CD  1 
ATOM   753  N  NE  . ARG A 1 104 ? -17.863 -1.594  -4.565  1.00 39.01 ? 125 ARG A NE  1 
ATOM   754  C  CZ  . ARG A 1 104 ? -18.361 -0.382  -4.792  1.00 37.58 ? 125 ARG A CZ  1 
ATOM   755  N  NH1 . ARG A 1 104 ? -18.924 0.290   -3.790  1.00 38.26 ? 125 ARG A NH1 1 
ATOM   756  N  NH2 . ARG A 1 104 ? -18.250 0.168   -6.001  1.00 38.67 ? 125 ARG A NH2 1 
ATOM   757  N  N   . ALA A 1 105 ? -12.331 -3.456  -3.197  1.00 21.74 ? 126 ALA A N   1 
ATOM   758  C  CA  . ALA A 1 105 ? -11.330 -4.446  -3.607  1.00 21.61 ? 126 ALA A CA  1 
ATOM   759  C  C   . ALA A 1 105 ? -10.587 -5.131  -2.429  1.00 22.04 ? 126 ALA A C   1 
ATOM   760  O  O   . ALA A 1 105 ? -10.238 -6.310  -2.533  1.00 22.91 ? 126 ALA A O   1 
ATOM   761  C  CB  . ALA A 1 105 ? -10.325 -3.900  -4.602  1.00 22.43 ? 126 ALA A CB  1 
ATOM   762  N  N   . PHE A 1 106 ? -10.355 -4.366  -1.359  1.00 19.00 ? 127 PHE A N   1 
ATOM   763  C  CA  . PHE A 1 106 ? -9.642  -4.806  -0.161  1.00 17.30 ? 127 PHE A CA  1 
ATOM   764  C  C   . PHE A 1 106 ? -10.468 -5.023  1.109   1.00 15.90 ? 127 PHE A C   1 
ATOM   765  O  O   . PHE A 1 106 ? -10.012 -5.668  2.039   1.00 17.11 ? 127 PHE A O   1 
ATOM   766  C  CB  . PHE A 1 106 ? -8.478  -3.848  0.117   1.00 18.57 ? 127 PHE A CB  1 
ATOM   767  C  CG  . PHE A 1 106 ? -7.439  -3.968  -0.894  1.00 15.20 ? 127 PHE A CG  1 
ATOM   768  C  CD1 . PHE A 1 106 ? -6.469  -4.920  -0.794  1.00 16.72 ? 127 PHE A CD1 1 
ATOM   769  C  CD2 . PHE A 1 106 ? -7.520  -3.150  -2.061  1.00 17.86 ? 127 PHE A CD2 1 
ATOM   770  C  CE1 . PHE A 1 106 ? -5.490  -5.060  -1.798  1.00 21.08 ? 127 PHE A CE1 1 
ATOM   771  C  CE2 . PHE A 1 106 ? -6.562  -3.301  -3.033  1.00 16.22 ? 127 PHE A CE2 1 
ATOM   772  C  CZ  . PHE A 1 106 ? -5.558  -4.191  -2.903  1.00 16.16 ? 127 PHE A CZ  1 
ATOM   773  N  N   . ASN A 1 107 ? -11.683 -4.464  1.149   1.00 16.83 ? 128 ASN A N   1 
ATOM   774  C  CA  . ASN A 1 107 ? -12.543 -4.550  2.317   1.00 18.26 ? 128 ASN A CA  1 
ATOM   775  C  C   . ASN A 1 107 ? -12.767 -5.976  2.783   1.00 15.66 ? 128 ASN A C   1 
ATOM   776  O  O   . ASN A 1 107 ? -12.920 -6.175  4.022   1.00 16.89 ? 128 ASN A O   1 
ATOM   777  C  CB  . ASN A 1 107 ? -13.967 -4.062  1.893   1.00 20.93 ? 128 ASN A CB  1 
ATOM   778  C  CG  . ASN A 1 107 ? -14.288 -2.773  2.430   1.00 25.96 ? 128 ASN A CG  1 
ATOM   779  O  OD1 . ASN A 1 107 ? -13.591 -2.209  3.292   1.00 26.76 ? 128 ASN A OD1 1 
ATOM   780  N  ND2 . ASN A 1 107 ? -15.392 -2.234  1.903   1.00 30.58 ? 128 ASN A ND2 1 
ATOM   781  N  N   . GLY A 1 108 ? -12.857 -6.896  1.835   1.00 16.28 ? 129 GLY A N   1 
ATOM   782  C  CA  . GLY A 1 108 ? -13.176 -8.291  2.153   1.00 17.31 ? 129 GLY A CA  1 
ATOM   783  C  C   . GLY A 1 108 ? -12.140 -9.019  2.979   1.00 17.82 ? 129 GLY A C   1 
ATOM   784  O  O   . GLY A 1 108 ? -12.415 -10.110 3.535   1.00 17.01 ? 129 GLY A O   1 
ATOM   785  N  N   . TYR A 1 109 ? -10.912 -8.478  3.027   1.00 15.16 ? 130 TYR A N   1 
ATOM   786  C  CA  . TYR A 1 109 ? -9.822  -9.171  3.770   1.00 15.35 ? 130 TYR A CA  1 
ATOM   787  C  C   . TYR A 1 109 ? -9.783  -8.861  5.248   1.00 15.59 ? 130 TYR A C   1 
ATOM   788  O  O   . TYR A 1 109 ? -8.972  -9.438  5.991   1.00 15.27 ? 130 TYR A O   1 
ATOM   789  C  CB  . TYR A 1 109 ? -8.442  -8.843  3.138   1.00 14.87 ? 130 TYR A CB  1 
ATOM   790  C  CG  . TYR A 1 109 ? -8.366  -9.183  1.672   1.00 16.50 ? 130 TYR A CG  1 
ATOM   791  C  CD1 . TYR A 1 109 ? -8.372  -10.507 1.187   1.00 22.08 ? 130 TYR A CD1 1 
ATOM   792  C  CD2 . TYR A 1 109 ? -8.233  -8.173  0.761   1.00 20.08 ? 130 TYR A CD2 1 
ATOM   793  C  CE1 . TYR A 1 109 ? -8.314  -10.755 -0.219  1.00 24.74 ? 130 TYR A CE1 1 
ATOM   794  C  CE2 . TYR A 1 109 ? -8.194  -8.427  -0.606  1.00 24.44 ? 130 TYR A CE2 1 
ATOM   795  C  CZ  . TYR A 1 109 ? -8.237  -9.697  -1.071  1.00 23.89 ? 130 TYR A CZ  1 
ATOM   796  O  OH  . TYR A 1 109 ? -8.200  -9.887  -2.439  1.00 27.68 ? 130 TYR A OH  1 
ATOM   797  N  N   . ILE A 1 110 ? -10.656 -7.982  5.749   1.00 13.43 ? 131 ILE A N   1 
ATOM   798  C  CA  . ILE A 1 110 ? -10.675 -7.659  7.144   1.00 15.03 ? 131 ILE A CA  1 
ATOM   799  C  C   . ILE A 1 110 ? -12.094 -7.621  7.685   1.00 14.92 ? 131 ILE A C   1 
ATOM   800  O  O   . ILE A 1 110 ? -13.025 -7.138  6.983   1.00 16.93 ? 131 ILE A O   1 
ATOM   801  C  CB  . ILE A 1 110 ? -9.902  -6.322  7.412   1.00 17.80 ? 131 ILE A CB  1 
ATOM   802  C  CG1 . ILE A 1 110 ? -10.024 -5.913  8.884   1.00 19.48 ? 131 ILE A CG1 1 
ATOM   803  C  CG2 . ILE A 1 110 ? -10.403 -5.215  6.488   1.00 22.55 ? 131 ILE A CG2 1 
ATOM   804  C  CD1 . ILE A 1 110 ? -8.935  -4.854  9.217   1.00 29.45 ? 131 ILE A CD1 1 
ATOM   805  N  N   . ASP A 1 111 ? -12.305 -8.250  8.840   1.00 15.36 ? 132 ASP A N   1 
ATOM   806  C  CA  . ASP A 1 111 ? -13.684 -8.281  9.370   1.00 16.44 ? 132 ASP A CA  1 
ATOM   807  C  C   . ASP A 1 111 ? -14.134 -6.840  9.673   1.00 17.79 ? 132 ASP A C   1 
ATOM   808  O  O   . ASP A 1 111 ? -13.415 -6.067  10.277  1.00 18.96 ? 132 ASP A O   1 
ATOM   809  C  CB  . ASP A 1 111 ? -13.690 -9.056  10.675  1.00 17.03 ? 132 ASP A CB  1 
ATOM   810  C  CG  . ASP A 1 111 ? -15.102 -9.234  11.247  1.00 20.27 ? 132 ASP A CG  1 
ATOM   811  O  OD1 . ASP A 1 111 ? -15.924 -9.889  10.573  1.00 17.18 ? 132 ASP A OD1 1 
ATOM   812  O  OD2 . ASP A 1 111 ? -15.407 -8.614  12.300  1.00 23.14 ? 132 ASP A OD2 1 
ATOM   813  N  N   . GLY A 1 112 ? -15.333 -6.479  9.271   1.00 17.04 ? 133 GLY A N   1 
ATOM   814  C  CA  . GLY A 1 112 ? -15.756 -5.101  9.503   1.00 17.96 ? 133 GLY A CA  1 
ATOM   815  C  C   . GLY A 1 112 ? -15.347 -4.189  8.370   1.00 19.19 ? 133 GLY A C   1 
ATOM   816  O  O   . GLY A 1 112 ? -15.863 -3.058  8.256   1.00 19.89 ? 133 GLY A O   1 
ATOM   817  N  N   . GLY A 1 113 ? -14.481 -4.679  7.465   1.00 19.14 ? 134 GLY A N   1 
ATOM   818  C  CA  . GLY A 1 113 ? -13.956 -3.810  6.385   1.00 18.97 ? 134 GLY A CA  1 
ATOM   819  C  C   . GLY A 1 113 ? -12.878 -2.890  6.939   1.00 19.60 ? 134 GLY A C   1 
ATOM   820  O  O   . GLY A 1 113 ? -12.477 -2.978  8.086   1.00 20.30 ? 134 GLY A O   1 
ATOM   821  N  N   . ILE A 1 114 ? -12.424 -1.958  6.071   1.00 19.12 ? 135 ILE A N   1 
ATOM   822  C  CA  . ILE A 1 114 ? -11.416 -0.955  6.488   1.00 19.90 ? 135 ILE A CA  1 
ATOM   823  C  C   . ILE A 1 114 ? -12.036 0.185   7.299   1.00 21.67 ? 135 ILE A C   1 
ATOM   824  O  O   . ILE A 1 114 ? -12.796 1.001   6.725   1.00 26.32 ? 135 ILE A O   1 
ATOM   825  C  CB  . ILE A 1 114 ? -10.754 -0.376  5.190   1.00 19.95 ? 135 ILE A CB  1 
ATOM   826  C  CG1 . ILE A 1 114 ? -10.136 -1.522  4.390   1.00 19.06 ? 135 ILE A CG1 1 
ATOM   827  C  CG2 . ILE A 1 114 ? -9.674  0.647   5.614   1.00 22.05 ? 135 ILE A CG2 1 
ATOM   828  C  CD1 . ILE A 1 114 ? -9.634  -1.249  2.970   1.00 19.38 ? 135 ILE A CD1 1 
ATOM   829  N  N   . THR A 1 115 ? -11.702 0.247   8.584   1.00 22.75 ? 136 THR A N   1 
ATOM   830  C  CA  . THR A 1 115 ? -12.327 1.196   9.554   1.00 25.44 ? 136 THR A CA  1 
ATOM   831  C  C   . THR A 1 115 ? -11.305 2.012   10.379  1.00 26.25 ? 136 THR A C   1 
ATOM   832  O  O   . THR A 1 115 ? -11.704 2.798   11.285  1.00 28.04 ? 136 THR A O   1 
ATOM   833  C  CB  . THR A 1 115 ? -13.170 0.442   10.585  1.00 25.84 ? 136 THR A CB  1 
ATOM   834  O  OG1 . THR A 1 115 ? -12.343 -0.506  11.265  1.00 28.20 ? 136 THR A OG1 1 
ATOM   835  C  CG2 . THR A 1 115 ? -14.379 -0.234  9.926   1.00 25.69 ? 136 THR A CG2 1 
ATOM   836  N  N   . GLY A 1 116 ? -10.020 1.785   10.158  1.00 22.33 ? 137 GLY A N   1 
ATOM   837  C  CA  . GLY A 1 116 ? -9.011  2.559   10.829  1.00 21.82 ? 137 GLY A CA  1 
ATOM   838  C  C   . GLY A 1 116 ? -8.031  2.898   9.748   1.00 19.30 ? 137 GLY A C   1 
ATOM   839  O  O   . GLY A 1 116 ? -7.969  2.230   8.728   1.00 19.75 ? 137 GLY A O   1 
ATOM   840  N  N   . ILE A 1 117 ? -7.303  3.968   9.974   1.00 17.71 ? 138 ILE A N   1 
ATOM   841  C  CA  . ILE A 1 117 ? -6.076  4.197   9.191   1.00 17.54 ? 138 ILE A CA  1 
ATOM   842  C  C   . ILE A 1 117 ? -4.920  4.465   10.074  1.00 17.52 ? 138 ILE A C   1 
ATOM   843  O  O   . ILE A 1 117 ? -5.121  5.063   11.191  1.00 18.12 ? 138 ILE A O   1 
ATOM   844  C  CB  . ILE A 1 117 ? -6.192  5.319   8.193   1.00 19.40 ? 138 ILE A CB  1 
ATOM   845  C  CG1 . ILE A 1 117 ? -6.847  6.521   8.863   1.00 14.58 ? 138 ILE A CG1 1 
ATOM   846  C  CG2 . ILE A 1 117 ? -6.909  4.843   6.962   1.00 23.13 ? 138 ILE A CG2 1 
ATOM   847  C  CD1 . ILE A 1 117 ? -6.845  7.820   7.919   1.00 23.65 ? 138 ILE A CD1 1 
ATOM   848  N  N   . PRO A 1 118 ? -3.706  4.091   9.664   1.00 17.21 ? 139 PRO A N   1 
ATOM   849  C  CA  . PRO A 1 118 ? -3.511  3.389   8.342   1.00 18.27 ? 139 PRO A CA  1 
ATOM   850  C  C   . PRO A 1 118 ? -3.869  1.900   8.433   1.00 17.74 ? 139 PRO A C   1 
ATOM   851  O  O   . PRO A 1 118 ? -3.822  1.317   9.562   1.00 17.75 ? 139 PRO A O   1 
ATOM   852  C  CB  . PRO A 1 118 ? -2.011  3.511   8.177   1.00 18.58 ? 139 PRO A CB  1 
ATOM   853  C  CG  . PRO A 1 118 ? -1.478  3.520   9.590   1.00 21.27 ? 139 PRO A CG  1 
ATOM   854  C  CD  . PRO A 1 118 ? -2.421  4.442   10.264  1.00 18.66 ? 139 PRO A CD  1 
ATOM   855  N  N   . THR A 1 119 ? -4.342  1.306   7.328   1.00 15.67 ? 140 THR A N   1 
ATOM   856  C  CA  . THR A 1 119 ? -4.538  -0.145  7.255   1.00 15.12 ? 140 THR A CA  1 
ATOM   857  C  C   . THR A 1 119 ? -3.799  -0.520  5.969   1.00 13.92 ? 140 THR A C   1 
ATOM   858  O  O   . THR A 1 119 ? -4.033  0.103   4.917   1.00 13.27 ? 140 THR A O   1 
ATOM   859  C  CB  . THR A 1 119 ? -5.998  -0.491  7.066   1.00 15.17 ? 140 THR A CB  1 
ATOM   860  O  OG1 . THR A 1 119 ? -6.771  -0.179  8.291   1.00 18.44 ? 140 THR A OG1 1 
ATOM   861  C  CG2 . THR A 1 119 ? -6.177  -2.027  6.888   1.00 15.93 ? 140 THR A CG2 1 
ATOM   862  N  N   . SER A 1 120 ? -2.977  -1.546  6.078   1.00 13.13 ? 141 SER A N   1 
ATOM   863  C  CA  . SER A 1 120 ? -2.239  -1.939  4.897   1.00 12.89 ? 141 SER A CA  1 
ATOM   864  C  C   . SER A 1 120 ? -2.353  -3.421  4.689   1.00 13.27 ? 141 SER A C   1 
ATOM   865  O  O   . SER A 1 120 ? -2.596  -4.194  5.602   1.00 14.37 ? 141 SER A O   1 
ATOM   866  C  CB  . SER A 1 120 ? -0.792  -1.599  5.111   1.00 14.05 ? 141 SER A CB  1 
ATOM   867  O  OG  . SER A 1 120 ? -0.526  -0.171  5.328   1.00 14.97 ? 141 SER A OG  1 
ATOM   868  N  N   . PHE A 1 121 ? -2.174  -3.822  3.446   1.00 10.73 ? 142 PHE A N   1 
ATOM   869  C  CA  . PHE A 1 121 ? -2.304  -5.274  3.044   1.00 9.90  ? 142 PHE A CA  1 
ATOM   870  C  C   . PHE A 1 121 ? -1.019  -5.706  2.445   1.00 9.99  ? 142 PHE A C   1 
ATOM   871  O  O   . PHE A 1 121 ? -0.446  -4.975  1.594   1.00 9.88  ? 142 PHE A O   1 
ATOM   872  C  CB  . PHE A 1 121 ? -3.441  -5.406  2.043   1.00 9.33  ? 142 PHE A CB  1 
ATOM   873  C  CG  . PHE A 1 121 ? -4.766  -4.988  2.625   1.00 11.44 ? 142 PHE A CG  1 
ATOM   874  C  CD1 . PHE A 1 121 ? -5.506  -5.910  3.305   1.00 13.10 ? 142 PHE A CD1 1 
ATOM   875  C  CD2 . PHE A 1 121 ? -5.193  -3.658  2.566   1.00 12.94 ? 142 PHE A CD2 1 
ATOM   876  C  CE1 . PHE A 1 121 ? -6.719  -5.541  3.882   1.00 14.28 ? 142 PHE A CE1 1 
ATOM   877  C  CE2 . PHE A 1 121 ? -6.409  -3.255  3.195   1.00 13.84 ? 142 PHE A CE2 1 
ATOM   878  C  CZ  . PHE A 1 121 ? -7.171  -4.205  3.846   1.00 11.59 ? 142 PHE A CZ  1 
ATOM   879  N  N   . VAL A 1 122 ? -0.530  -6.850  2.903   1.00 8.41  ? 143 VAL A N   1 
ATOM   880  C  CA  . VAL A 1 122 ? 0.790   -7.372  2.379   1.00 9.69  ? 143 VAL A CA  1 
ATOM   881  C  C   . VAL A 1 122 ? 0.521   -8.429  1.352   1.00 11.00 ? 143 VAL A C   1 
ATOM   882  O  O   . VAL A 1 122 ? -0.129  -9.453  1.657   1.00 12.14 ? 143 VAL A O   1 
ATOM   883  C  CB  . VAL A 1 122 ? 1.612   -7.944  3.511   1.00 10.11 ? 143 VAL A CB  1 
ATOM   884  C  CG1 . VAL A 1 122 ? 2.987   -8.428  2.929   1.00 11.82 ? 143 VAL A CG1 1 
ATOM   885  C  CG2 . VAL A 1 122 ? 1.859   -6.935  4.703   1.00 13.28 ? 143 VAL A CG2 1 
ATOM   886  N  N   . ILE A 1 123 ? 0.981   -8.209  0.117   1.00 11.89 ? 144 ILE A N   1 
ATOM   887  C  CA  . ILE A 1 123 ? 0.799   -9.178  -0.992  1.00 12.47 ? 144 ILE A CA  1 
ATOM   888  C  C   . ILE A 1 123 ? 2.159   -9.756  -1.326  1.00 14.09 ? 144 ILE A C   1 
ATOM   889  O  O   . ILE A 1 123 ? 3.125   -9.016  -1.581  1.00 14.48 ? 144 ILE A O   1 
ATOM   890  C  CB  . ILE A 1 123 ? 0.187   -8.525  -2.237  1.00 12.96 ? 144 ILE A CB  1 
ATOM   891  C  CG1 . ILE A 1 123 ? -1.285  -8.210  -2.060  1.00 15.52 ? 144 ILE A CG1 1 
ATOM   892  C  CG2 . ILE A 1 123 ? 0.212   -9.539  -3.427  1.00 13.10 ? 144 ILE A CG2 1 
ATOM   893  C  CD1 . ILE A 1 123 ? -1.527  -6.950  -1.220  1.00 15.80 ? 144 ILE A CD1 1 
ATOM   894  N  N   . ASP A 1 124 ? 2.273   -11.066 -1.242  1.00 14.71 ? 145 ASP A N   1 
ATOM   895  C  CA  . ASP A 1 124 ? 3.617   -11.597 -1.400  1.00 16.66 ? 145 ASP A CA  1 
ATOM   896  C  C   . ASP A 1 124 ? 3.860   -11.821 -2.902  1.00 16.67 ? 145 ASP A C   1 
ATOM   897  O  O   . ASP A 1 124 ? 3.000   -11.582 -3.741  1.00 17.33 ? 145 ASP A O   1 
ATOM   898  C  CB  . ASP A 1 124 ? 3.797   -12.859 -0.609  1.00 17.98 ? 145 ASP A CB  1 
ATOM   899  C  CG  . ASP A 1 124 ? 2.855   -13.945 -1.034  1.00 22.07 ? 145 ASP A CG  1 
ATOM   900  O  OD1 . ASP A 1 124 ? 2.372   -14.031 -2.203  1.00 24.40 ? 145 ASP A OD1 1 
ATOM   901  O  OD2 . ASP A 1 124 ? 2.644   -14.773 -0.108  1.00 26.80 ? 145 ASP A OD2 1 
ATOM   902  N  N   . ALA A 1 125 ? 5.107   -12.219 -3.206  1.00 17.51 ? 146 ALA A N   1 
ATOM   903  C  CA  . ALA A 1 125 ? 5.550   -12.325 -4.581  1.00 20.26 ? 146 ALA A CA  1 
ATOM   904  C  C   . ALA A 1 125 ? 4.870   -13.486 -5.326  1.00 23.76 ? 146 ALA A C   1 
ATOM   905  O  O   . ALA A 1 125 ? 4.921   -13.490 -6.575  1.00 25.39 ? 146 ALA A O   1 
ATOM   906  C  CB  . ALA A 1 125 ? 7.080   -12.489 -4.646  1.00 20.52 ? 146 ALA A CB  1 
ATOM   907  N  N   . SER A 1 126 ? 4.219   -14.389 -4.578  1.00 24.63 ? 147 SER A N   1 
ATOM   908  C  CA  . SER A 1 126 ? 3.211   -15.386 -5.072  1.00 26.34 ? 147 SER A CA  1 
ATOM   909  C  C   . SER A 1 126 ? 1.861   -14.840 -5.539  1.00 26.26 ? 147 SER A C   1 
ATOM   910  O  O   . SER A 1 126 ? 1.076   -15.573 -6.171  1.00 25.81 ? 147 SER A O   1 
ATOM   911  C  CB  . SER A 1 126 ? 2.890   -16.409 -3.973  1.00 27.09 ? 147 SER A CB  1 
ATOM   912  O  OG  . SER A 1 126 ? 4.088   -17.110 -3.641  1.00 35.88 ? 147 SER A OG  1 
ATOM   913  N  N   . GLY A 1 127 ? 1.553   -13.592 -5.155  1.00 23.15 ? 148 GLY A N   1 
ATOM   914  C  CA  . GLY A 1 127 ? 0.355   -12.930 -5.563  1.00 21.60 ? 148 GLY A CA  1 
ATOM   915  C  C   . GLY A 1 127 ? -0.727  -13.157 -4.503  1.00 20.19 ? 148 GLY A C   1 
ATOM   916  O  O   . GLY A 1 127 ? -1.857  -12.829 -4.746  1.00 24.46 ? 148 GLY A O   1 
ATOM   917  N  N   . ASN A 1 128 ? -0.381  -13.614 -3.327  1.00 18.97 ? 149 ASN A N   1 
ATOM   918  C  CA  . ASN A 1 128 ? -1.439  -13.866 -2.305  1.00 18.49 ? 149 ASN A CA  1 
ATOM   919  C  C   . ASN A 1 128 ? -1.428  -12.752 -1.260  1.00 15.42 ? 149 ASN A C   1 
ATOM   920  O  O   . ASN A 1 128 ? -0.327  -12.280 -0.843  1.00 16.42 ? 149 ASN A O   1 
ATOM   921  C  CB  . ASN A 1 128 ? -1.153  -15.169 -1.638  1.00 20.89 ? 149 ASN A CB  1 
ATOM   922  C  CG  . ASN A 1 128 ? -1.469  -16.296 -2.545  1.00 29.35 ? 149 ASN A CG  1 
ATOM   923  O  OD1 . ASN A 1 128 ? -2.283  -16.136 -3.481  1.00 34.91 ? 149 ASN A OD1 1 
ATOM   924  N  ND2 . ASN A 1 128 ? -0.758  -17.401 -2.375  1.00 35.90 ? 149 ASN A ND2 1 
ATOM   925  N  N   . VAL A 1 129 ? -2.613  -12.423 -0.728  1.00 14.86 ? 150 VAL A N   1 
ATOM   926  C  CA  . VAL A 1 129 ? -2.603  -11.528 0.408   1.00 14.13 ? 150 VAL A CA  1 
ATOM   927  C  C   . VAL A 1 129 ? -2.264  -12.324 1.661   1.00 15.44 ? 150 VAL A C   1 
ATOM   928  O  O   . VAL A 1 129 ? -3.012  -13.248 2.036   1.00 17.63 ? 150 VAL A O   1 
ATOM   929  C  CB  . VAL A 1 129 ? -3.977  -10.889 0.630   1.00 12.87 ? 150 VAL A CB  1 
ATOM   930  C  CG1 . VAL A 1 129 ? -3.921  -9.882  1.755   1.00 15.98 ? 150 VAL A CG1 1 
ATOM   931  C  CG2 . VAL A 1 129 ? -4.439  -10.203 -0.644  1.00 17.45 ? 150 VAL A CG2 1 
ATOM   932  N  N   . SER A 1 130 ? -1.133  -12.021 2.285   1.00 12.29 ? 151 SER A N   1 
ATOM   933  C  CA  . SER A 1 130 ? -0.578  -12.828 3.375   1.00 14.16 ? 151 SER A CA  1 
ATOM   934  C  C   . SER A 1 130 ? -0.938  -12.268 4.720   1.00 13.18 ? 151 SER A C   1 
ATOM   935  O  O   . SER A 1 130 ? -1.006  -12.986 5.723   1.00 12.70 ? 151 SER A O   1 
ATOM   936  C  CB  . SER A 1 130 ? 0.984   -12.696 3.263   1.00 15.93 ? 151 SER A CB  1 
ATOM   937  O  OG  . SER A 1 130 ? 1.383   -13.635 2.287   1.00 29.56 ? 151 SER A OG  1 
ATOM   938  N  N   . GLY A 1 131 ? -1.178  -10.969 4.785   1.00 12.03 ? 152 GLY A N   1 
ATOM   939  C  CA  . GLY A 1 131 ? -1.348  -10.368 6.111   1.00 13.00 ? 152 GLY A CA  1 
ATOM   940  C  C   . GLY A 1 131 ? -1.921  -8.952  5.996   1.00 12.97 ? 152 GLY A C   1 
ATOM   941  O  O   . GLY A 1 131 ? -1.906  -8.317  4.933   1.00 12.40 ? 152 GLY A O   1 
ATOM   942  N  N   . VAL A 1 132 ? -2.415  -8.494  7.131   1.00 12.06 ? 153 VAL A N   1 
ATOM   943  C  CA  . VAL A 1 132 ? -2.972  -7.155  7.243   1.00 14.46 ? 153 VAL A CA  1 
ATOM   944  C  C   . VAL A 1 132 ? -2.255  -6.419  8.345   1.00 14.73 ? 153 VAL A C   1 
ATOM   945  O  O   . VAL A 1 132 ? -2.127  -6.923  9.469   1.00 14.81 ? 153 VAL A O   1 
ATOM   946  C  CB  . VAL A 1 132 ? -4.525  -7.228  7.514   1.00 15.41 ? 153 VAL A CB  1 
ATOM   947  C  CG1 . VAL A 1 132 ? -5.027  -5.835  7.504   1.00 20.89 ? 153 VAL A CG1 1 
ATOM   948  C  CG2 . VAL A 1 132 ? -5.260  -8.086  6.428   1.00 20.08 ? 153 VAL A CG2 1 
ATOM   949  N  N   . ILE A 1 133 ? -1.845  -5.190  8.096   1.00 15.10 ? 154 ILE A N   1 
ATOM   950  C  CA  . ILE A 1 133 ? -1.176  -4.393  9.094   1.00 16.44 ? 154 ILE A CA  1 
ATOM   951  C  C   . ILE A 1 133 ? -2.184  -3.339  9.550   1.00 18.10 ? 154 ILE A C   1 
ATOM   952  O  O   . ILE A 1 133 ? -2.646  -2.507  8.777   1.00 16.78 ? 154 ILE A O   1 
ATOM   953  C  CB  . ILE A 1 133 ? 0.052   -3.661  8.495   1.00 16.49 ? 154 ILE A CB  1 
ATOM   954  C  CG1 . ILE A 1 133 ? 1.073   -4.671  7.992   1.00 15.56 ? 154 ILE A CG1 1 
ATOM   955  C  CG2 . ILE A 1 133 ? 0.715   -2.750  9.550   1.00 18.95 ? 154 ILE A CG2 1 
ATOM   956  C  CD1 . ILE A 1 133 ? 2.148   -4.059  7.136   1.00 15.75 ? 154 ILE A CD1 1 
ATOM   957  N  N   . VAL A 1 134 ? -2.539  -3.386  10.833  1.00 19.01 ? 155 VAL A N   1 
ATOM   958  C  CA  . VAL A 1 134 ? -3.425  -2.334  11.409  1.00 23.42 ? 155 VAL A CA  1 
ATOM   959  C  C   . VAL A 1 134 ? -2.755  -1.748  12.678  1.00 26.90 ? 155 VAL A C   1 
ATOM   960  O  O   . VAL A 1 134 ? -3.442  -1.212  13.548  1.00 32.66 ? 155 VAL A O   1 
ATOM   961  C  CB  . VAL A 1 134 ? -4.778  -2.856  11.837  1.00 24.28 ? 155 VAL A CB  1 
ATOM   962  C  CG1 . VAL A 1 134 ? -5.636  -3.365  10.634  1.00 26.38 ? 155 VAL A CG1 1 
ATOM   963  C  CG2 . VAL A 1 134 ? -4.622  -3.918  12.931  1.00 27.41 ? 155 VAL A CG2 1 
ATOM   964  N  N   . GLY A 1 135 ? -1.458  -1.865  12.797  1.00 28.59 ? 156 GLY A N   1 
ATOM   965  C  CA  . GLY A 1 135 ? -0.667  -1.328  13.900  1.00 30.73 ? 156 GLY A CA  1 
ATOM   966  C  C   . GLY A 1 135 ? 0.632   -0.734  13.376  1.00 32.30 ? 156 GLY A C   1 
ATOM   967  O  O   . GLY A 1 135 ? 1.081   -1.048  12.267  1.00 31.77 ? 156 GLY A O   1 
ATOM   968  N  N   . PRO A 1 136 ? 1.282   0.143   14.162  1.00 34.22 ? 157 PRO A N   1 
ATOM   969  C  CA  . PRO A 1 136 ? 2.479   0.790   13.565  1.00 33.02 ? 157 PRO A CA  1 
ATOM   970  C  C   . PRO A 1 136 ? 3.607   -0.175  13.328  1.00 31.86 ? 157 PRO A C   1 
ATOM   971  O  O   . PRO A 1 136 ? 3.748   -1.204  14.050  1.00 31.45 ? 157 PRO A O   1 
ATOM   972  C  CB  . PRO A 1 136 ? 2.906   1.776   14.640  1.00 34.88 ? 157 PRO A CB  1 
ATOM   973  C  CG  . PRO A 1 136 ? 2.610   0.936   15.869  1.00 35.79 ? 157 PRO A CG  1 
ATOM   974  C  CD  . PRO A 1 136 ? 1.211   0.330   15.630  1.00 34.86 ? 157 PRO A CD  1 
ATOM   975  N  N   . ARG A 1 137 ? 4.417   0.162   12.338  1.00 30.50 ? 158 ARG A N   1 
ATOM   976  C  CA  . ARG A 1 137 ? 5.547   -0.638  11.984  1.00 28.29 ? 158 ARG A CA  1 
ATOM   977  C  C   . ARG A 1 137 ? 6.700   0.299   11.816  1.00 28.66 ? 158 ARG A C   1 
ATOM   978  O  O   . ARG A 1 137 ? 6.553   1.385   11.200  1.00 30.04 ? 158 ARG A O   1 
ATOM   979  C  CB  . ARG A 1 137 ? 5.338   -1.361  10.631  1.00 26.99 ? 158 ARG A CB  1 
ATOM   980  C  CG  . ARG A 1 137 ? 4.290   -2.502  10.597  1.00 25.22 ? 158 ARG A CG  1 
ATOM   981  C  CD  . ARG A 1 137 ? 4.638   -3.695  11.561  1.00 20.15 ? 158 ARG A CD  1 
ATOM   982  N  NE  . ARG A 1 137 ? 3.508   -4.610  11.569  1.00 21.02 ? 158 ARG A NE  1 
ATOM   983  C  CZ  . ARG A 1 137 ? 2.492   -4.599  12.425  1.00 19.83 ? 158 ARG A CZ  1 
ATOM   984  N  NH1 . ARG A 1 137 ? 2.410   -3.662  13.369  1.00 25.06 ? 158 ARG A NH1 1 
ATOM   985  N  NH2 . ARG A 1 137 ? 1.503   -5.477  12.345  1.00 22.22 ? 158 ARG A NH2 1 
ATOM   986  N  N   . SER A 1 138 ? 7.839   -0.132  12.330  1.00 28.03 ? 159 SER A N   1 
ATOM   987  C  CA  . SER A 1 138 ? 9.091   0.571   12.159  1.00 27.57 ? 159 SER A CA  1 
ATOM   988  C  C   . SER A 1 138 ? 9.670   0.398   10.745  1.00 26.38 ? 159 SER A C   1 
ATOM   989  O  O   . SER A 1 138 ? 9.261   -0.488  9.987   1.00 24.96 ? 159 SER A O   1 
ATOM   990  C  CB  . SER A 1 138 ? 10.122  0.079   13.184  1.00 28.93 ? 159 SER A CB  1 
ATOM   991  O  OG  . SER A 1 138 ? 10.755  -1.145  12.769  1.00 30.19 ? 159 SER A OG  1 
ATOM   992  N  N   . LYS A 1 139 ? 10.622  1.256   10.413  1.00 24.95 ? 160 LYS A N   1 
ATOM   993  C  CA  . LYS A 1 139 ? 11.406  1.100   9.214   1.00 24.00 ? 160 LYS A CA  1 
ATOM   994  C  C   . LYS A 1 139 ? 12.055  -0.279  9.110   1.00 23.82 ? 160 LYS A C   1 
ATOM   995  O  O   . LYS A 1 139 ? 11.885  -1.005  8.125   1.00 21.72 ? 160 LYS A O   1 
ATOM   996  C  CB  . LYS A 1 139 ? 12.418  2.237   9.114   1.00 26.50 ? 160 LYS A CB  1 
ATOM   997  C  CG  . LYS A 1 139 ? 13.041  2.333   7.745   1.00 24.70 ? 160 LYS A CG  1 
ATOM   998  C  CD  . LYS A 1 139 ? 13.805  3.675   7.603   1.00 31.84 ? 160 LYS A CD  1 
ATOM   999  C  CE  . LYS A 1 139 ? 14.903  3.843   8.693   1.00 37.56 ? 160 LYS A CE  1 
ATOM   1000 N  NZ  . LYS A 1 139 ? 15.821  4.982   8.298   1.00 39.95 ? 160 LYS A NZ  1 
ATOM   1001 N  N   . ALA A 1 140 ? 12.707  -0.715  10.179  1.00 22.81 ? 161 ALA A N   1 
ATOM   1002 C  CA  . ALA A 1 140 ? 13.297  -2.010  10.177  1.00 22.75 ? 161 ALA A CA  1 
ATOM   1003 C  C   . ALA A 1 140 ? 12.231  -3.123  10.055  1.00 19.70 ? 161 ALA A C   1 
ATOM   1004 O  O   . ALA A 1 140 ? 12.541  -4.179  9.414   1.00 21.65 ? 161 ALA A O   1 
ATOM   1005 C  CB  . ALA A 1 140 ? 14.119  -2.221  11.488  1.00 23.85 ? 161 ALA A CB  1 
ATOM   1006 N  N   . ASP A 1 141 ? 11.036  -2.937  10.664  1.00 20.10 ? 162 ASP A N   1 
ATOM   1007 C  CA  . ASP A 1 141 ? 9.934   -3.949  10.531  1.00 20.12 ? 162 ASP A CA  1 
ATOM   1008 C  C   . ASP A 1 141 ? 9.482   -4.007  9.069   1.00 18.63 ? 162 ASP A C   1 
ATOM   1009 O  O   . ASP A 1 141 ? 9.360   -5.106  8.502   1.00 17.51 ? 162 ASP A O   1 
ATOM   1010 C  CB  . ASP A 1 141 ? 8.648   -3.596  11.332  1.00 22.76 ? 162 ASP A CB  1 
ATOM   1011 C  CG  . ASP A 1 141 ? 8.851   -3.663  12.849  1.00 29.08 ? 162 ASP A CG  1 
ATOM   1012 O  OD1 . ASP A 1 141 ? 9.718   -4.498  13.273  1.00 33.48 ? 162 ASP A OD1 1 
ATOM   1013 O  OD2 . ASP A 1 141 ? 8.148   -2.871  13.573  1.00 35.15 ? 162 ASP A OD2 1 
ATOM   1014 N  N   . PHE A 1 142 ? 9.325   -2.842  8.429   1.00 16.98 ? 163 PHE A N   1 
ATOM   1015 C  CA  . PHE A 1 142 ? 8.895   -2.924  7.014   1.00 16.97 ? 163 PHE A CA  1 
ATOM   1016 C  C   . PHE A 1 142 ? 9.987   -3.595  6.197   1.00 17.62 ? 163 PHE A C   1 
ATOM   1017 O  O   . PHE A 1 142 ? 9.728   -4.325  5.273   1.00 17.11 ? 163 PHE A O   1 
ATOM   1018 C  CB  . PHE A 1 142 ? 8.657   -1.514  6.426   1.00 16.10 ? 163 PHE A CB  1 
ATOM   1019 C  CG  . PHE A 1 142 ? 7.329   -0.965  6.716   1.00 18.21 ? 163 PHE A CG  1 
ATOM   1020 C  CD1 . PHE A 1 142 ? 6.138   -1.558  6.231   1.00 14.70 ? 163 PHE A CD1 1 
ATOM   1021 C  CD2 . PHE A 1 142 ? 7.228   0.208   7.469   1.00 20.99 ? 163 PHE A CD2 1 
ATOM   1022 C  CE1 . PHE A 1 142 ? 4.876   -0.961  6.503   1.00 22.43 ? 163 PHE A CE1 1 
ATOM   1023 C  CE2 . PHE A 1 142 ? 5.969   0.787   7.742   1.00 28.02 ? 163 PHE A CE2 1 
ATOM   1024 C  CZ  . PHE A 1 142 ? 4.785   0.187   7.272   1.00 24.75 ? 163 PHE A CZ  1 
ATOM   1025 N  N   . ASP A 1 143 ? 11.238  -3.271  6.440   1.00 17.33 ? 164 ASP A N   1 
ATOM   1026 C  CA  . ASP A 1 143 ? 12.280  -3.950  5.700   1.00 18.49 ? 164 ASP A CA  1 
ATOM   1027 C  C   . ASP A 1 143 ? 12.294  -5.485  5.774   1.00 18.28 ? 164 ASP A C   1 
ATOM   1028 O  O   . ASP A 1 143 ? 12.429  -6.206  4.803   1.00 17.48 ? 164 ASP A O   1 
ATOM   1029 C  CB  . ASP A 1 143 ? 13.545  -3.300  6.209   1.00 18.42 ? 164 ASP A CB  1 
ATOM   1030 C  CG  . ASP A 1 143 ? 14.604  -3.446  5.294   1.00 29.01 ? 164 ASP A CG  1 
ATOM   1031 O  OD1 . ASP A 1 143 ? 14.604  -2.630  4.324   1.00 33.96 ? 164 ASP A OD1 1 
ATOM   1032 O  OD2 . ASP A 1 143 ? 15.355  -4.415  5.550   1.00 35.20 ? 164 ASP A OD2 1 
ATOM   1033 N  N   . ARG A 1 144 ? 12.080  -5.999  6.972   1.00 17.17 ? 165 ARG A N   1 
ATOM   1034 C  CA  . ARG A 1 144 ? 11.981  -7.439  7.193   1.00 17.08 ? 165 ARG A CA  1 
ATOM   1035 C  C   . ARG A 1 144 ? 10.711  -8.025  6.563   1.00 16.05 ? 165 ARG A C   1 
ATOM   1036 O  O   . ARG A 1 144 ? 10.717  -9.081  6.056   1.00 15.40 ? 165 ARG A O   1 
ATOM   1037 C  CB  . ARG A 1 144 ? 11.975  -7.752  8.695   1.00 20.54 ? 165 ARG A CB  1 
ATOM   1038 C  CG  . ARG A 1 144 ? 13.235  -7.468  9.464   1.00 26.77 ? 165 ARG A CG  1 
ATOM   1039 C  CD  . ARG A 1 144 ? 13.288  -8.209  10.830  1.00 34.76 ? 165 ARG A CD  1 
ATOM   1040 N  NE  . ARG A 1 144 ? 12.957  -9.641  10.744  1.00 44.71 ? 165 ARG A NE  1 
ATOM   1041 C  CZ  . ARG A 1 144 ? 12.265  -10.320 11.667  1.00 49.37 ? 165 ARG A CZ  1 
ATOM   1042 N  NH1 . ARG A 1 144 ? 11.826  -9.708  12.794  1.00 48.38 ? 165 ARG A NH1 1 
ATOM   1043 N  NH2 . ARG A 1 144 ? 12.008  -11.609 11.480  1.00 51.22 ? 165 ARG A NH2 1 
ATOM   1044 N  N   . ILE A 1 145 ? 9.632   -7.274  6.621   1.00 15.01 ? 166 ILE A N   1 
ATOM   1045 C  CA  . ILE A 1 145 ? 8.370   -7.738  5.974   1.00 14.35 ? 166 ILE A CA  1 
ATOM   1046 C  C   . ILE A 1 145 ? 8.593   -7.864  4.482   1.00 15.24 ? 166 ILE A C   1 
ATOM   1047 O  O   . ILE A 1 145 ? 8.215   -8.840  3.848   1.00 15.46 ? 166 ILE A O   1 
ATOM   1048 C  CB  . ILE A 1 145 ? 7.191   -6.789  6.282   1.00 14.81 ? 166 ILE A CB  1 
ATOM   1049 C  CG1 . ILE A 1 145 ? 6.779   -6.871  7.769   1.00 15.82 ? 166 ILE A CG1 1 
ATOM   1050 C  CG2 . ILE A 1 145 ? 5.940   -7.050  5.361   1.00 15.58 ? 166 ILE A CG2 1 
ATOM   1051 C  CD1 . ILE A 1 145 ? 6.034   -5.641  8.206   1.00 20.93 ? 166 ILE A CD1 1 
ATOM   1052 N  N   . VAL A 1 146 ? 9.262   -6.873  3.898   1.00 14.14 ? 167 VAL A N   1 
ATOM   1053 C  CA  . VAL A 1 146 ? 9.509   -6.958  2.448   1.00 15.06 ? 167 VAL A CA  1 
ATOM   1054 C  C   . VAL A 1 146 ? 10.372  -8.185  2.132   1.00 14.78 ? 167 VAL A C   1 
ATOM   1055 O  O   . VAL A 1 146 ? 10.046  -8.885  1.179   1.00 15.76 ? 167 VAL A O   1 
ATOM   1056 C  CB  . VAL A 1 146 ? 10.160  -5.643  1.971   1.00 13.22 ? 167 VAL A CB  1 
ATOM   1057 C  CG1 . VAL A 1 146 ? 10.740  -5.869  0.524   1.00 15.34 ? 167 VAL A CG1 1 
ATOM   1058 C  CG2 . VAL A 1 146 ? 9.151   -4.559  2.028   1.00 14.94 ? 167 VAL A CG2 1 
ATOM   1059 N  N   . LYS A 1 147 ? 11.463  -8.411  2.904   1.00 16.36 ? 168 LYS A N   1 
ATOM   1060 C  CA  . LYS A 1 147 ? 12.346  -9.574  2.704   1.00 18.37 ? 168 LYS A CA  1 
ATOM   1061 C  C   . LYS A 1 147 ? 11.540  -10.875 2.739   1.00 16.69 ? 168 LYS A C   1 
ATOM   1062 O  O   . LYS A 1 147 ? 11.681  -11.723 1.862   1.00 17.66 ? 168 LYS A O   1 
ATOM   1063 C  CB  . LYS A 1 147 ? 13.463  -9.583  3.764   1.00 19.96 ? 168 LYS A CB  1 
ATOM   1064 C  CG  . LYS A 1 147 ? 14.666  -10.406 3.428   1.00 29.59 ? 168 LYS A CG  1 
ATOM   1065 C  CD  . LYS A 1 147 ? 15.892  -9.757  4.133   1.00 37.37 ? 168 LYS A CD  1 
ATOM   1066 C  CE  . LYS A 1 147 ? 17.146  -10.567 3.836   1.00 43.40 ? 168 LYS A CE  1 
ATOM   1067 N  NZ  . LYS A 1 147 ? 17.077  -11.038 2.399   1.00 47.83 ? 168 LYS A NZ  1 
HETATM 1068 N  N   . MSE A 1 148 ? 10.662  -10.968 3.737   1.00 16.30 ? 169 MSE A N   1 
HETATM 1069 C  CA  . MSE A 1 148 ? 9.837   -12.183 3.875   1.00 17.37 ? 169 MSE A CA  1 
HETATM 1070 C  C   . MSE A 1 148 ? 8.829   -12.338 2.772   1.00 16.10 ? 169 MSE A C   1 
HETATM 1071 O  O   . MSE A 1 148 ? 8.623   -13.438 2.277   1.00 18.33 ? 169 MSE A O   1 
HETATM 1072 C  CB  . MSE A 1 148 ? 9.114   -12.273 5.224   1.00 16.22 ? 169 MSE A CB  1 
HETATM 1073 C  CG  . MSE A 1 148 ? 10.011  -12.243 6.438   1.00 20.71 ? 169 MSE A CG  1 
HETATM 1074 SE SE  . MSE A 1 148 ? 11.383  -13.704 6.494   1.00 35.01 ? 169 MSE A SE  1 
HETATM 1075 C  CE  . MSE A 1 148 ? 12.921  -12.744 5.656   1.00 25.39 ? 169 MSE A CE  1 
ATOM   1076 N  N   . ALA A 1 149 ? 8.170   -11.244 2.409   1.00 15.33 ? 170 ALA A N   1 
ATOM   1077 C  CA  . ALA A 1 149 ? 7.215   -11.285 1.327   1.00 14.60 ? 170 ALA A CA  1 
ATOM   1078 C  C   . ALA A 1 149 ? 7.804   -11.651 -0.030  1.00 16.19 ? 170 ALA A C   1 
ATOM   1079 O  O   . ALA A 1 149 ? 7.150   -12.263 -0.856  1.00 17.10 ? 170 ALA A O   1 
ATOM   1080 C  CB  . ALA A 1 149 ? 6.432   -9.957  1.177   1.00 15.91 ? 170 ALA A CB  1 
ATOM   1081 N  N   . LEU A 1 150 ? 9.071   -11.278 -0.238  1.00 16.60 ? 171 LEU A N   1 
ATOM   1082 C  CA  . LEU A 1 150 ? 9.721   -11.567 -1.506  1.00 18.89 ? 171 LEU A CA  1 
ATOM   1083 C  C   . LEU A 1 150 ? 10.087  -13.068 -1.596  1.00 22.56 ? 171 LEU A C   1 
ATOM   1084 O  O   . LEU A 1 150 ? 10.250  -13.587 -2.732  1.00 24.42 ? 171 LEU A O   1 
ATOM   1085 C  CB  . LEU A 1 150 ? 11.018  -10.751 -1.587  1.00 15.90 ? 171 LEU A CB  1 
ATOM   1086 C  CG  . LEU A 1 150 ? 10.718  -9.293  -2.031  1.00 15.17 ? 171 LEU A CG  1 
ATOM   1087 C  CD1 . LEU A 1 150 ? 11.959  -8.373  -1.811  1.00 16.95 ? 171 LEU A CD1 1 
ATOM   1088 C  CD2 . LEU A 1 150 ? 10.184  -9.113  -3.449  1.00 18.96 ? 171 LEU A CD2 1 
ATOM   1089 N  N   . GLY A 1 151 ? 10.186  -13.749 -0.461  1.00 23.97 ? 172 GLY A N   1 
ATOM   1090 C  CA  . GLY A 1 151 ? 10.420  -15.217 -0.416  1.00 27.91 ? 172 GLY A CA  1 
ATOM   1091 C  C   . GLY A 1 151 ? 11.730  -15.440 0.305   1.00 32.96 ? 172 GLY A C   1 
ATOM   1092 O  O   . GLY A 1 151 ? 12.146  -16.607 0.549   1.00 35.40 ? 172 GLY A O   1 
HETATM 1093 O  O   . HOH B 2 .   ? 18.491  2.191   -2.705  1.00 16.70 ? 1   HOH A O   1 
HETATM 1094 O  O   . HOH B 2 .   ? 17.335  9.841   -0.624  1.00 20.38 ? 2   HOH A O   1 
HETATM 1095 O  O   . HOH B 2 .   ? -6.106  9.383   -8.088  1.00 12.09 ? 3   HOH A O   1 
HETATM 1096 O  O   . HOH B 2 .   ? 1.460   20.674  -4.622  1.00 16.06 ? 4   HOH A O   1 
HETATM 1097 O  O   . HOH B 2 .   ? -7.077  20.378  0.533   1.00 14.20 ? 5   HOH A O   1 
HETATM 1098 O  O   . HOH B 2 .   ? 17.875  -10.653 -1.327  1.00 22.32 ? 6   HOH A O   1 
HETATM 1099 O  O   . HOH B 2 .   ? 1.432   0.394   -13.564 1.00 24.36 ? 7   HOH A O   1 
HETATM 1100 O  O   . HOH B 2 .   ? -10.022 10.353  -0.427  1.00 14.84 ? 8   HOH A O   1 
HETATM 1101 O  O   . HOH B 2 .   ? 2.071   8.222   -8.009  1.00 15.16 ? 9   HOH A O   1 
HETATM 1102 O  O   . HOH B 2 .   ? -1.384  20.334  -4.513  1.00 13.99 ? 10  HOH A O   1 
HETATM 1103 O  O   . HOH B 2 .   ? 1.008   5.716   1.390   1.00 12.19 ? 11  HOH A O   1 
HETATM 1104 O  O   . HOH B 2 .   ? -8.386  7.802   -8.030  1.00 15.79 ? 12  HOH A O   1 
HETATM 1105 O  O   . HOH B 2 .   ? 15.140  -0.056  3.845   1.00 23.33 ? 13  HOH A O   1 
HETATM 1106 O  O   . HOH B 2 .   ? -8.286  6.212   -10.398 1.00 16.47 ? 14  HOH A O   1 
HETATM 1107 O  O   . HOH B 2 .   ? 11.816  9.471   3.763   1.00 17.87 ? 15  HOH A O   1 
HETATM 1108 O  O   . HOH B 2 .   ? -1.685  -5.721  12.410  1.00 24.01 ? 16  HOH A O   1 
HETATM 1109 O  O   . HOH B 2 .   ? -18.450 -9.869  11.422  1.00 21.77 ? 17  HOH A O   1 
HETATM 1110 O  O   . HOH B 2 .   ? 2.237   -10.280 -6.710  1.00 25.03 ? 18  HOH A O   1 
HETATM 1111 O  O   . HOH B 2 .   ? -8.522  5.590   12.141  1.00 33.13 ? 19  HOH A O   1 
HETATM 1112 O  O   . HOH B 2 .   ? 0.273   5.274   6.302   1.00 16.39 ? 20  HOH A O   1 
HETATM 1113 O  O   . HOH B 2 .   ? 9.688   11.219  3.262   1.00 21.90 ? 21  HOH A O   1 
HETATM 1114 O  O   . HOH B 2 .   ? 13.883  8.818   2.106   1.00 24.76 ? 187 HOH A O   1 
HETATM 1115 O  O   . HOH B 2 .   ? -12.675 -7.512  -0.952  1.00 30.40 ? 188 HOH A O   1 
HETATM 1116 O  O   . HOH B 2 .   ? 6.098   -15.692 -1.855  1.00 38.96 ? 189 HOH A O   1 
HETATM 1117 O  O   . HOH B 2 .   ? 9.452   -10.056 -6.496  1.00 20.93 ? 190 HOH A O   1 
HETATM 1118 O  O   . HOH B 2 .   ? 4.936   13.111  7.309   1.00 23.98 ? 191 HOH A O   1 
HETATM 1119 O  O   . HOH B 2 .   ? 3.140   6.382   -9.975  1.00 22.56 ? 192 HOH A O   1 
HETATM 1120 O  O   . HOH B 2 .   ? -4.012  -20.515 3.551   1.00 18.32 ? 193 HOH A O   1 
HETATM 1121 O  O   . HOH B 2 .   ? 9.568   -15.913 3.331   1.00 30.22 ? 194 HOH A O   1 
HETATM 1122 O  O   . HOH B 2 .   ? 9.991   3.980   -6.537  1.00 16.42 ? 195 HOH A O   1 
HETATM 1123 O  O   . HOH B 2 .   ? 11.175  -3.937  -8.693  1.00 22.46 ? 196 HOH A O   1 
HETATM 1124 O  O   . HOH B 2 .   ? -9.551  3.762   -10.265 1.00 22.24 ? 197 HOH A O   1 
HETATM 1125 O  O   . HOH B 2 .   ? -12.497 -3.203  10.599  1.00 28.74 ? 198 HOH A O   1 
HETATM 1126 O  O   . HOH B 2 .   ? 2.960   15.488  -6.133  1.00 29.99 ? 199 HOH A O   1 
HETATM 1127 O  O   . HOH B 2 .   ? 3.940   -14.314 2.557   1.00 25.56 ? 200 HOH A O   1 
HETATM 1128 O  O   . HOH B 2 .   ? 2.032   4.245   -11.255 1.00 24.21 ? 201 HOH A O   1 
HETATM 1129 O  O   . HOH B 2 .   ? -9.216  -1.125  9.232   1.00 23.52 ? 202 HOH A O   1 
HETATM 1130 O  O   . HOH B 2 .   ? 9.286   -0.799  -7.489  1.00 24.87 ? 203 HOH A O   1 
HETATM 1131 O  O   . HOH B 2 .   ? 17.939  -3.792  3.959   1.00 37.82 ? 204 HOH A O   1 
HETATM 1132 O  O   . HOH B 2 .   ? 9.571   16.072  -3.875  1.00 36.63 ? 205 HOH A O   1 
HETATM 1133 O  O   . HOH B 2 .   ? 2.670   19.780  -7.155  1.00 30.88 ? 206 HOH A O   1 
HETATM 1134 O  O   . HOH B 2 .   ? -4.373  -17.573 2.710   1.00 29.25 ? 207 HOH A O   1 
HETATM 1135 O  O   . HOH B 2 .   ? 12.028  10.854  -1.931  1.00 20.79 ? 208 HOH A O   1 
HETATM 1136 O  O   . HOH B 2 .   ? 5.926   1.105   -8.257  1.00 27.01 ? 209 HOH A O   1 
HETATM 1137 O  O   . HOH B 2 .   ? -11.677 2.842   -9.075  1.00 27.83 ? 210 HOH A O   1 
HETATM 1138 O  O   . HOH B 2 .   ? 4.274   15.859  -9.873  1.00 34.43 ? 211 HOH A O   1 
HETATM 1139 O  O   . HOH B 2 .   ? 8.299   -16.158 -3.553  1.00 44.47 ? 212 HOH A O   1 
HETATM 1140 O  O   . HOH B 2 .   ? -0.696  -9.404  -7.862  1.00 31.92 ? 213 HOH A O   1 
HETATM 1141 O  O   . HOH B 2 .   ? -14.835 -0.309  4.379   1.00 31.66 ? 214 HOH A O   1 
HETATM 1142 O  O   . HOH B 2 .   ? 7.678   9.881   -13.834 1.00 36.02 ? 215 HOH A O   1 
HETATM 1143 O  O   . HOH B 2 .   ? 12.203  12.421  -4.475  1.00 35.70 ? 216 HOH A O   1 
HETATM 1144 O  O   . HOH B 2 .   ? -7.632  -18.570 2.440   1.00 32.76 ? 217 HOH A O   1 
HETATM 1145 O  O   . HOH B 2 .   ? 13.864  1.185   12.188  1.00 30.34 ? 218 HOH A O   1 
HETATM 1146 O  O   . HOH B 2 .   ? 1.656   -17.048 -0.007  1.00 31.30 ? 219 HOH A O   1 
HETATM 1147 O  O   . HOH B 2 .   ? 11.430  15.060  0.922   1.00 47.42 ? 220 HOH A O   1 
HETATM 1148 O  O   . HOH B 2 .   ? 0.552   0.645   10.210  1.00 31.34 ? 221 HOH A O   1 
HETATM 1149 O  O   . HOH B 2 .   ? -11.442 -5.886  12.382  1.00 27.82 ? 222 HOH A O   1 
HETATM 1150 O  O   . HOH B 2 .   ? 2.282   -12.019 -8.532  1.00 34.97 ? 223 HOH A O   1 
HETATM 1151 O  O   . HOH B 2 .   ? 3.060   11.938  13.179  1.00 33.42 ? 224 HOH A O   1 
HETATM 1152 O  O   . HOH B 2 .   ? 7.196   12.961  -5.364  1.00 39.00 ? 225 HOH A O   1 
HETATM 1153 O  O   . HOH B 2 .   ? -3.897  -7.632  -11.547 1.00 34.83 ? 226 HOH A O   1 
HETATM 1154 O  O   . HOH B 2 .   ? -11.455 6.012   13.092  1.00 46.13 ? 227 HOH A O   1 
HETATM 1155 O  O   . HOH B 2 .   ? -14.107 -6.929  13.813  1.00 40.24 ? 228 HOH A O   1 
HETATM 1156 O  O   . HOH B 2 .   ? -8.206  -3.434  -12.845 1.00 36.80 ? 229 HOH A O   1 
HETATM 1157 O  O   . HOH B 2 .   ? 3.244   1.907   -11.696 1.00 26.00 ? 230 HOH A O   1 
HETATM 1158 O  O   . HOH B 2 .   ? -8.486  -15.497 2.835   1.00 27.38 ? 231 HOH A O   1 
HETATM 1159 O  O   . HOH B 2 .   ? 17.284  3.266   1.479   1.00 37.71 ? 232 HOH A O   1 
HETATM 1160 O  O   . HOH B 2 .   ? -7.731  -30.608 4.662   1.00 46.07 ? 233 HOH A O   1 
HETATM 1161 O  O   . HOH B 2 .   ? 5.461   14.219  -6.304  1.00 34.16 ? 234 HOH A O   1 
HETATM 1162 O  O   . HOH B 2 .   ? -5.781  0.887   11.556  1.00 33.26 ? 235 HOH A O   1 
HETATM 1163 O  O   . HOH B 2 .   ? 6.520   -14.849 1.525   1.00 31.69 ? 236 HOH A O   1 
HETATM 1164 O  O   . HOH B 2 .   ? 13.818  -12.278 0.331   1.00 31.32 ? 237 HOH A O   1 
HETATM 1165 O  O   . HOH B 2 .   ? -0.399  -8.728  -10.500 1.00 36.70 ? 238 HOH A O   1 
HETATM 1166 O  O   . HOH B 2 .   ? -9.367  -3.300  11.613  1.00 30.93 ? 239 HOH A O   1 
HETATM 1167 O  O   . HOH B 2 .   ? 7.022   3.816   10.669  1.00 28.75 ? 240 HOH A O   1 
HETATM 1168 O  O   . HOH B 2 .   ? 1.300   14.613  13.029  1.00 38.45 ? 241 HOH A O   1 
HETATM 1169 O  O   . HOH B 2 .   ? 5.121   13.415  -9.002  1.00 28.65 ? 242 HOH A O   1 
HETATM 1170 O  O   . HOH B 2 .   ? -5.132  -4.967  -12.809 1.00 39.63 ? 243 HOH A O   1 
HETATM 1171 O  O   . HOH B 2 .   ? -10.673 3.431   -12.619 1.00 30.67 ? 244 HOH A O   1 
HETATM 1172 O  O   . HOH B 2 .   ? -4.617  -3.049  -16.758 1.00 37.64 ? 245 HOH A O   1 
HETATM 1173 O  O   . HOH B 2 .   ? 10.545  -12.383 -5.279  1.00 32.43 ? 246 HOH A O   1 
HETATM 1174 O  O   . HOH B 2 .   ? -1.842  -27.258 0.471   1.00 34.09 ? 247 HOH A O   1 
HETATM 1175 O  O   . HOH B 2 .   ? 3.881   0.085   -9.971  1.00 32.93 ? 248 HOH A O   1 
HETATM 1176 O  O   . HOH B 2 .   ? 8.614   9.525   10.834  1.00 37.20 ? 249 HOH A O   1 
HETATM 1177 O  O   . HOH B 2 .   ? 0.439   2.918   13.028  1.00 46.49 ? 250 HOH A O   1 
HETATM 1178 O  O   . HOH B 2 .   ? 10.862  3.709   12.623  1.00 36.29 ? 251 HOH A O   1 
HETATM 1179 O  O   . HOH B 2 .   ? -0.355  -12.651 -9.671  1.00 36.96 ? 252 HOH A O   1 
HETATM 1180 O  O   . HOH B 2 .   ? -13.682 -3.392  -6.480  1.00 40.43 ? 253 HOH A O   1 
HETATM 1181 O  O   . HOH B 2 .   ? -8.605  -17.852 0.601   1.00 44.01 ? 254 HOH A O   1 
HETATM 1182 O  O   . HOH B 2 .   ? 12.370  7.857   7.567   1.00 42.13 ? 255 HOH A O   1 
HETATM 1183 O  O   . HOH B 2 .   ? 4.709   8.764   -6.605  1.00 29.43 ? 256 HOH A O   1 
HETATM 1184 O  O   . HOH B 2 .   ? 9.755   -4.637  15.974  1.00 39.53 ? 257 HOH A O   1 
HETATM 1185 O  O   . HOH B 2 .   ? 7.953   -9.488  -11.821 1.00 42.88 ? 258 HOH A O   1 
HETATM 1186 O  O   . HOH B 2 .   ? 8.248   -13.462 -8.576  1.00 38.76 ? 259 HOH A O   1 
HETATM 1187 O  O   . HOH B 2 .   ? -10.658 9.278   -8.495  1.00 24.55 ? 260 HOH A O   1 
HETATM 1188 O  O   . HOH B 2 .   ? 5.325   9.487   -9.315  1.00 31.84 ? 261 HOH A O   1 
HETATM 1189 O  O   . HOH B 2 .   ? -17.531 -2.187  10.150  1.00 32.52 ? 262 HOH A O   1 
HETATM 1190 O  O   . HOH B 2 .   ? -0.890  0.217   8.008   1.00 38.67 ? 263 HOH A O   1 
HETATM 1191 O  O   . HOH B 2 .   ? 12.566  12.360  1.294   1.00 45.12 ? 264 HOH A O   1 
HETATM 1192 O  O   . HOH B 2 .   ? -10.835 6.361   10.899  1.00 47.35 ? 265 HOH A O   1 
HETATM 1193 O  O   . HOH B 2 .   ? 7.714   -1.991  -9.430  1.00 43.25 ? 266 HOH A O   1 
HETATM 1194 O  O   . HOH B 2 .   ? 4.793   20.607  -8.179  1.00 47.88 ? 267 HOH A O   1 
HETATM 1195 O  O   . HOH B 2 .   ? 14.908  -10.555 -1.824  1.00 33.71 ? 268 HOH A O   1 
HETATM 1196 O  O   . HOH B 2 .   ? 6.047   -7.016  -12.490 1.00 37.39 ? 269 HOH A O   1 
HETATM 1197 O  O   . HOH B 2 .   ? 7.303   11.518  10.167  1.00 40.87 ? 270 HOH A O   1 
HETATM 1198 O  O   . HOH B 2 .   ? 18.040  6.712   0.083   1.00 33.42 ? 271 HOH A O   1 
HETATM 1199 O  O   . HOH B 2 .   ? 13.335  -15.297 2.389   1.00 53.44 ? 272 HOH A O   1 
HETATM 1200 O  O   . HOH B 2 .   ? 5.603   5.193   12.622  1.00 32.32 ? 273 HOH A O   1 
HETATM 1201 O  O   . HOH B 2 .   ? 13.571  -12.039 -4.641  1.00 39.00 ? 274 HOH A O   1 
HETATM 1202 O  O   . HOH B 2 .   ? -14.898 -11.054 3.985   1.00 28.85 ? 275 HOH A O   1 
HETATM 1203 O  O   . HOH B 2 .   ? -10.314 -8.643  -8.541  1.00 35.25 ? 276 HOH A O   1 
HETATM 1204 O  O   . HOH B 2 .   ? -6.159  -31.760 3.603   1.00 38.47 ? 277 HOH A O   1 
HETATM 1205 O  O   . HOH B 2 .   ? -15.353 -7.186  5.061   1.00 28.86 ? 278 HOH A O   1 
HETATM 1206 O  O   . HOH B 2 .   ? -1.942  0.732   11.832  1.00 44.10 ? 279 HOH A O   1 
HETATM 1207 O  O   . HOH B 2 .   ? -9.797  -0.812  -9.995  1.00 33.48 ? 280 HOH A O   1 
HETATM 1208 O  O   . HOH B 2 .   ? -11.447 -8.274  -4.245  1.00 40.54 ? 281 HOH A O   1 
HETATM 1209 O  O   . HOH B 2 .   ? -16.718 -2.475  -6.778  1.00 46.20 ? 282 HOH A O   1 
HETATM 1210 O  O   . HOH B 2 .   ? 13.114  -2.900  -11.531 1.00 16.71 ? 283 HOH A O   1 
HETATM 1211 O  O   . HOH B 2 .   ? 18.901  3.989   -0.871  1.00 25.40 ? 284 HOH A O   1 
HETATM 1212 O  O   . HOH B 2 .   ? 14.897  -4.429  -11.319 1.00 28.61 ? 285 HOH A O   1 
HETATM 1213 O  O   . HOH B 2 .   ? -10.678 -13.376 2.033   1.00 36.25 ? 286 HOH A O   1 
HETATM 1214 O  O   . HOH B 2 .   ? 5.919   5.523   -8.629  1.00 30.04 ? 287 HOH A O   1 
HETATM 1215 O  O   . HOH B 2 .   ? -15.733 3.192   -7.658  1.00 28.11 ? 288 HOH A O   1 
# 
